data_5BRP
#
_entry.id   5BRP
#
_cell.length_a   60.252
_cell.length_b   97.388
_cell.length_c   108.539
_cell.angle_alpha   80.30
_cell.angle_beta   88.15
_cell.angle_gamma   72.18
#
_symmetry.space_group_name_H-M   'P 1'
#
loop_
_entity.id
_entity.type
_entity.pdbx_description
1 polymer 'Glycoside Hydrolase Family 13'
2 non-polymer '4-nitrophenyl alpha-D-glucopyranoside'
3 non-polymer 'MAGNESIUM ION'
4 water water
#
_entity_poly.entity_id   1
_entity_poly.type   'polypeptide(L)'
_entity_poly.pdbx_seq_one_letter_code
;HHHHHHMETKENPWWKKAVVYQIYPKSFKDTTGNGVGDIRGIIEKLDYIKELACDVIWLTPIYQSPQNDNGYDISDYYSI
HEEYGTMADFEELLEEAHKRGIKVIMDLVVNHTSTEHRWFKEAASGKENLYRDFYIWKDMKPNGAPPTNWESKFGGSAWE
FHAESGQYYLHLYDVTQADLNWENEAVRKKVYEMMHFWFEKGIDGFQLDVINVISKDQRFPDDDEGDGRRFYTDGPRVHE
FLNEMNREVFSKYDSMTVGEMSSTTIADCIRYTNPESRELDMVFNFHHLKADYPNGEKWALADFDFLKLKKILSEWQTEM
NKGGGWNALFWCNHDQPRIVSRYGDDGKYRKKSAKMLATAIHMLQGTPYIYQGEELGMTNPKFDDISLYRDVESLNMYRI
LKEAGKPEAEIIEILKAKSRDNSRTPVQWNGEENAGFTAGTPWIPVPDNYKEINAEEALNDPDSIFYHYKKLNELRKEFD
IITTGDYQLILEDDQELYAYLRNGADEKLLVINNFYGKETEFQLPDDIDIEGYDAKVLISNDTDLPESFKRFTVKPYQSI
VYHLAKPC
;
_entity_poly.pdbx_strand_id   A,B,C,D
#
# COMPACT_ATOMS: atom_id res chain seq x y z
N ASN A 12 -3.79 19.25 -19.75
CA ASN A 12 -4.08 18.10 -20.60
C ASN A 12 -4.48 16.85 -19.81
N PRO A 13 -5.75 16.81 -19.35
CA PRO A 13 -6.21 15.71 -18.50
C PRO A 13 -6.28 14.38 -19.26
N TRP A 14 -6.12 13.27 -18.54
CA TRP A 14 -6.10 11.95 -19.16
C TRP A 14 -7.41 11.60 -19.88
N TRP A 15 -8.53 12.16 -19.45
CA TRP A 15 -9.81 11.80 -20.06
C TRP A 15 -10.01 12.42 -21.44
N LYS A 16 -9.20 13.40 -21.81
CA LYS A 16 -9.44 14.09 -23.08
C LYS A 16 -9.19 13.20 -24.29
N LYS A 17 -8.19 12.31 -24.21
CA LYS A 17 -7.88 11.40 -25.31
C LYS A 17 -8.25 9.95 -25.00
N ALA A 18 -9.06 9.78 -23.97
CA ALA A 18 -9.50 8.46 -23.53
C ALA A 18 -10.56 7.90 -24.47
N VAL A 19 -10.63 6.58 -24.53
CA VAL A 19 -11.81 5.89 -25.08
C VAL A 19 -12.42 5.03 -23.98
N VAL A 20 -13.73 5.22 -23.73
CA VAL A 20 -14.40 4.54 -22.63
C VAL A 20 -15.19 3.34 -23.14
N TYR A 21 -15.06 2.21 -22.48
CA TYR A 21 -15.85 1.02 -22.81
C TYR A 21 -16.98 0.89 -21.80
N GLN A 22 -18.23 1.00 -22.25
CA GLN A 22 -19.38 0.87 -21.36
C GLN A 22 -19.80 -0.58 -21.16
N ILE A 23 -19.76 -1.04 -19.91
CA ILE A 23 -20.13 -2.42 -19.59
C ILE A 23 -21.46 -2.43 -18.84
N TYR A 24 -22.37 -3.30 -19.30
CA TYR A 24 -23.64 -3.59 -18.62
C TYR A 24 -23.41 -4.97 -18.06
N PRO A 25 -22.98 -5.05 -16.79
CA PRO A 25 -22.40 -6.28 -16.24
C PRO A 25 -23.30 -7.51 -16.33
N LYS A 26 -24.62 -7.36 -16.18
CA LYS A 26 -25.48 -8.54 -16.19
C LYS A 26 -25.47 -9.28 -17.54
N SER A 27 -25.01 -8.59 -18.59
CA SER A 27 -24.97 -9.19 -19.92
C SER A 27 -23.59 -9.28 -20.54
N PHE A 28 -22.57 -9.08 -19.72
CA PHE A 28 -21.21 -9.05 -20.22
C PHE A 28 -20.58 -10.44 -20.20
N LYS A 29 -20.42 -11.02 -19.02
CA LYS A 29 -19.77 -12.33 -18.92
C LYS A 29 -20.09 -13.02 -17.59
N ASP A 30 -20.80 -14.16 -17.68
CA ASP A 30 -21.15 -14.97 -16.50
C ASP A 30 -20.03 -15.98 -16.22
N THR A 31 -19.46 -15.97 -15.02
CA THR A 31 -18.47 -16.99 -14.68
C THR A 31 -18.98 -17.98 -13.65
N THR A 32 -20.20 -17.78 -13.15
CA THR A 32 -20.72 -18.63 -12.08
C THR A 32 -21.75 -19.66 -12.55
N GLY A 33 -22.31 -19.48 -13.74
CA GLY A 33 -23.28 -20.44 -14.26
C GLY A 33 -24.74 -20.14 -13.96
N ASN A 34 -25.00 -19.01 -13.29
CA ASN A 34 -26.38 -18.62 -13.01
C ASN A 34 -27.05 -17.87 -14.18
N GLY A 35 -26.30 -17.63 -15.25
CA GLY A 35 -26.87 -16.96 -16.43
C GLY A 35 -26.87 -15.44 -16.37
N VAL A 36 -26.20 -14.90 -15.36
CA VAL A 36 -26.12 -13.45 -15.17
C VAL A 36 -24.64 -13.06 -15.14
N GLY A 37 -24.30 -11.99 -15.86
CA GLY A 37 -22.91 -11.55 -15.87
C GLY A 37 -22.45 -11.18 -14.48
N ASP A 38 -21.15 -11.24 -14.22
CA ASP A 38 -20.62 -10.90 -12.90
C ASP A 38 -19.27 -10.20 -12.99
N ILE A 39 -18.87 -9.59 -11.87
CA ILE A 39 -17.61 -8.85 -11.79
C ILE A 39 -16.38 -9.70 -12.15
N ARG A 40 -16.40 -10.99 -11.78
CA ARG A 40 -15.26 -11.87 -12.10
C ARG A 40 -15.13 -11.99 -13.63
N GLY A 41 -16.29 -11.97 -14.31
CA GLY A 41 -16.33 -12.04 -15.76
C GLY A 41 -15.68 -10.82 -16.38
N ILE A 42 -15.85 -9.67 -15.75
CA ILE A 42 -15.22 -8.45 -16.22
C ILE A 42 -13.68 -8.55 -16.05
N ILE A 43 -13.25 -8.99 -14.87
CA ILE A 43 -11.82 -9.20 -14.63
C ILE A 43 -11.20 -10.08 -15.70
N GLU A 44 -11.83 -11.20 -16.01
CA GLU A 44 -11.28 -12.12 -17.00
C GLU A 44 -11.15 -11.49 -18.37
N LYS A 45 -11.97 -10.49 -18.66
CA LYS A 45 -11.95 -9.85 -19.97
C LYS A 45 -11.12 -8.58 -20.08
N LEU A 46 -10.31 -8.28 -19.07
CA LEU A 46 -9.54 -7.04 -19.10
C LEU A 46 -8.54 -7.00 -20.25
N ASP A 47 -7.92 -8.14 -20.55
CA ASP A 47 -6.96 -8.21 -21.65
C ASP A 47 -7.65 -7.92 -22.98
N TYR A 48 -8.90 -8.35 -23.11
CA TYR A 48 -9.70 -8.07 -24.31
C TYR A 48 -9.96 -6.58 -24.46
N ILE A 49 -10.39 -5.95 -23.37
CA ILE A 49 -10.62 -4.51 -23.36
C ILE A 49 -9.33 -3.73 -23.68
N LYS A 50 -8.22 -4.12 -23.07
CA LYS A 50 -6.93 -3.52 -23.37
C LYS A 50 -6.55 -3.76 -24.83
N GLU A 51 -6.85 -4.95 -25.37
CA GLU A 51 -6.54 -5.24 -26.76
C GLU A 51 -7.34 -4.31 -27.69
N LEU A 52 -8.56 -3.96 -27.28
CA LEU A 52 -9.38 -3.04 -28.07
C LEU A 52 -8.83 -1.60 -27.99
N ALA A 53 -7.89 -1.39 -27.06
CA ALA A 53 -7.28 -0.09 -26.78
C ALA A 53 -8.24 0.92 -26.15
N CYS A 54 -9.17 0.43 -25.33
CA CYS A 54 -9.90 1.32 -24.45
C CYS A 54 -9.03 1.53 -23.24
N ASP A 55 -9.08 2.72 -22.64
CA ASP A 55 -8.34 2.89 -21.38
C ASP A 55 -9.23 3.28 -20.22
N VAL A 56 -10.55 3.21 -20.43
CA VAL A 56 -11.51 3.40 -19.35
C VAL A 56 -12.64 2.39 -19.47
N ILE A 57 -13.10 1.91 -18.32
CA ILE A 57 -14.24 1.04 -18.24
C ILE A 57 -15.27 1.75 -17.38
N TRP A 58 -16.52 1.72 -17.82
CA TRP A 58 -17.62 2.34 -17.08
C TRP A 58 -18.66 1.26 -16.78
N LEU A 59 -18.94 1.03 -15.51
CA LEU A 59 -19.94 0.05 -15.14
C LEU A 59 -21.26 0.75 -14.86
N THR A 60 -22.33 0.27 -15.49
CA THR A 60 -23.70 0.64 -15.12
C THR A 60 -23.98 0.18 -13.67
N PRO A 61 -25.13 0.56 -13.08
CA PRO A 61 -25.19 0.32 -11.62
C PRO A 61 -25.08 -1.14 -11.18
N ILE A 62 -24.29 -1.37 -10.12
CA ILE A 62 -24.14 -2.70 -9.55
C ILE A 62 -24.42 -2.68 -8.04
N TYR A 63 -24.98 -1.58 -7.53
CA TYR A 63 -25.21 -1.42 -6.09
C TYR A 63 -26.39 -2.25 -5.58
N GLN A 64 -26.41 -2.48 -4.27
CA GLN A 64 -27.56 -3.11 -3.59
C GLN A 64 -28.87 -2.43 -4.02
N SER A 65 -29.83 -3.23 -4.47
CA SER A 65 -31.06 -2.72 -5.06
C SER A 65 -32.11 -3.81 -5.16
N PRO A 66 -33.38 -3.48 -4.89
CA PRO A 66 -34.47 -4.46 -5.09
C PRO A 66 -34.63 -4.84 -6.57
N GLN A 67 -34.04 -4.07 -7.48
CA GLN A 67 -34.13 -4.30 -8.92
C GLN A 67 -35.54 -4.12 -9.48
N ASN A 68 -36.30 -3.16 -8.96
CA ASN A 68 -37.57 -2.80 -9.56
C ASN A 68 -37.37 -1.98 -10.83
N ASP A 69 -36.16 -1.49 -11.02
CA ASP A 69 -35.90 -0.56 -12.11
C ASP A 69 -34.47 -0.71 -12.60
N ASN A 70 -34.09 -1.95 -12.89
CA ASN A 70 -32.79 -2.26 -13.51
C ASN A 70 -31.57 -1.75 -12.78
N GLY A 71 -31.66 -1.66 -11.45
CA GLY A 71 -30.51 -1.25 -10.66
C GLY A 71 -30.45 0.24 -10.42
N TYR A 72 -31.25 1.01 -11.13
CA TYR A 72 -31.28 2.46 -10.92
C TYR A 72 -32.11 2.87 -9.71
N ASP A 73 -32.72 1.88 -9.05
CA ASP A 73 -33.37 2.07 -7.75
C ASP A 73 -32.48 1.51 -6.64
N ILE A 74 -31.62 2.36 -6.08
CA ILE A 74 -30.60 1.88 -5.14
C ILE A 74 -31.06 1.92 -3.67
N SER A 75 -30.87 0.82 -2.95
CA SER A 75 -31.25 0.79 -1.52
C SER A 75 -30.04 0.90 -0.60
N ASP A 76 -28.83 0.78 -1.16
CA ASP A 76 -27.61 0.98 -0.37
C ASP A 76 -26.47 1.28 -1.32
N TYR A 77 -25.91 2.47 -1.22
CA TYR A 77 -24.84 2.89 -2.12
C TYR A 77 -23.49 2.32 -1.74
N TYR A 78 -23.39 1.70 -0.57
CA TYR A 78 -22.09 1.28 -0.06
C TYR A 78 -21.78 -0.18 -0.35
N SER A 79 -22.72 -0.89 -0.94
CA SER A 79 -22.49 -2.30 -1.18
C SER A 79 -22.93 -2.70 -2.56
N ILE A 80 -22.43 -3.86 -2.98
CA ILE A 80 -22.66 -4.36 -4.32
C ILE A 80 -23.76 -5.42 -4.31
N HIS A 81 -24.66 -5.35 -5.29
CA HIS A 81 -25.70 -6.36 -5.47
C HIS A 81 -25.03 -7.72 -5.53
N GLU A 82 -25.40 -8.60 -4.59
CA GLU A 82 -24.68 -9.86 -4.34
C GLU A 82 -24.40 -10.71 -5.57
N GLU A 83 -25.34 -10.70 -6.51
CA GLU A 83 -25.28 -11.51 -7.73
C GLU A 83 -24.08 -11.14 -8.60
N TYR A 84 -23.64 -9.89 -8.53
CA TYR A 84 -22.52 -9.42 -9.35
C TYR A 84 -21.19 -9.81 -8.74
N GLY A 85 -21.20 -10.14 -7.45
CA GLY A 85 -19.99 -10.52 -6.75
C GLY A 85 -19.82 -9.76 -5.45
N THR A 86 -18.62 -9.81 -4.89
CA THR A 86 -18.32 -9.23 -3.59
C THR A 86 -17.53 -7.96 -3.76
N MET A 87 -17.42 -7.18 -2.69
CA MET A 87 -16.60 -5.98 -2.68
C MET A 87 -15.16 -6.35 -2.95
N ALA A 88 -14.78 -7.56 -2.52
CA ALA A 88 -13.41 -8.02 -2.76
C ALA A 88 -13.17 -8.19 -4.27
N ASP A 89 -14.11 -8.85 -4.95
CA ASP A 89 -14.13 -8.89 -6.42
C ASP A 89 -13.93 -7.50 -7.02
N PHE A 90 -14.70 -6.52 -6.54
CA PHE A 90 -14.62 -5.16 -7.08
C PHE A 90 -13.25 -4.54 -6.89
N GLU A 91 -12.75 -4.57 -5.67
CA GLU A 91 -11.38 -4.11 -5.39
C GLU A 91 -10.31 -4.75 -6.25
N GLU A 92 -10.49 -6.03 -6.58
CA GLU A 92 -9.57 -6.74 -7.46
C GLU A 92 -9.73 -6.28 -8.91
N LEU A 93 -10.96 -5.99 -9.31
CA LEU A 93 -11.18 -5.37 -10.62
C LEU A 93 -10.42 -4.06 -10.71
N LEU A 94 -10.53 -3.22 -9.68
CA LEU A 94 -9.82 -1.95 -9.69
C LEU A 94 -8.32 -2.18 -9.82
N GLU A 95 -7.80 -3.16 -9.07
CA GLU A 95 -6.36 -3.38 -9.05
C GLU A 95 -5.87 -3.89 -10.41
N GLU A 96 -6.58 -4.86 -10.98
CA GLU A 96 -6.15 -5.45 -12.23
C GLU A 96 -6.35 -4.50 -13.40
N ALA A 97 -7.39 -3.65 -13.32
CA ALA A 97 -7.62 -2.66 -14.38
C ALA A 97 -6.48 -1.66 -14.36
N HIS A 98 -6.23 -1.09 -13.19
CA HIS A 98 -5.16 -0.11 -13.03
C HIS A 98 -3.80 -0.65 -13.48
N LYS A 99 -3.54 -1.94 -13.20
CA LYS A 99 -2.31 -2.62 -13.61
C LYS A 99 -2.11 -2.58 -15.13
N ARG A 100 -3.22 -2.62 -15.86
CA ARG A 100 -3.17 -2.60 -17.32
C ARG A 100 -3.34 -1.20 -17.88
N GLY A 101 -3.27 -0.17 -17.02
CA GLY A 101 -3.45 1.19 -17.49
C GLY A 101 -4.91 1.55 -17.78
N ILE A 102 -5.84 0.80 -17.19
CA ILE A 102 -7.26 1.06 -17.43
C ILE A 102 -7.92 1.72 -16.22
N LYS A 103 -8.63 2.82 -16.44
CA LYS A 103 -9.37 3.45 -15.34
C LYS A 103 -10.80 2.91 -15.25
N VAL A 104 -11.44 3.12 -14.11
CA VAL A 104 -12.77 2.57 -13.88
C VAL A 104 -13.71 3.66 -13.40
N ILE A 105 -14.84 3.84 -14.07
CA ILE A 105 -15.82 4.78 -13.55
C ILE A 105 -17.13 4.09 -13.19
N MET A 106 -17.84 4.67 -12.23
CA MET A 106 -19.08 4.07 -11.77
C MET A 106 -20.27 4.93 -12.16
N ASP A 107 -21.44 4.32 -12.11
CA ASP A 107 -22.69 5.03 -12.33
C ASP A 107 -23.16 5.66 -11.02
N LEU A 108 -23.39 6.98 -11.02
CA LEU A 108 -23.80 7.67 -9.80
C LEU A 108 -25.25 8.04 -9.97
N VAL A 109 -26.12 7.49 -9.13
CA VAL A 109 -27.56 7.66 -9.29
C VAL A 109 -28.10 8.34 -8.05
N VAL A 110 -28.08 9.66 -8.05
CA VAL A 110 -28.41 10.39 -6.83
C VAL A 110 -29.55 11.38 -6.98
N ASN A 111 -30.25 11.36 -8.10
CA ASN A 111 -31.51 12.10 -8.16
C ASN A 111 -32.58 11.47 -7.25
N HIS A 112 -32.48 10.17 -7.06
CA HIS A 112 -33.52 9.42 -6.38
C HIS A 112 -32.89 8.19 -5.75
N THR A 113 -33.57 7.59 -4.77
CA THR A 113 -33.15 6.30 -4.24
C THR A 113 -34.31 5.33 -4.32
N SER A 114 -34.05 4.06 -4.05
CA SER A 114 -35.14 3.10 -3.87
C SER A 114 -35.96 3.55 -2.66
N THR A 115 -37.25 3.30 -2.68
CA THR A 115 -38.03 3.47 -1.45
C THR A 115 -37.72 2.36 -0.42
N GLU A 116 -36.87 1.41 -0.80
CA GLU A 116 -36.36 0.43 0.19
C GLU A 116 -35.08 0.92 0.88
N HIS A 117 -34.59 2.08 0.47
CA HIS A 117 -33.44 2.69 1.15
C HIS A 117 -33.81 2.99 2.59
N ARG A 118 -32.89 2.78 3.52
CA ARG A 118 -33.18 3.03 4.94
C ARG A 118 -33.61 4.48 5.22
N TRP A 119 -33.09 5.46 4.46
CA TRP A 119 -33.51 6.84 4.66
C TRP A 119 -34.97 7.00 4.35
N PHE A 120 -35.45 6.29 3.34
CA PHE A 120 -36.83 6.48 2.95
C PHE A 120 -37.76 5.80 3.92
N LYS A 121 -37.42 4.56 4.30
CA LYS A 121 -38.19 3.83 5.29
C LYS A 121 -38.36 4.68 6.56
N GLU A 122 -37.27 5.30 7.02
CA GLU A 122 -37.38 6.21 8.16
C GLU A 122 -38.26 7.41 7.80
N ALA A 123 -37.93 8.06 6.69
CA ALA A 123 -38.61 9.32 6.31
C ALA A 123 -40.12 9.13 6.13
N ALA A 124 -40.53 8.01 5.54
CA ALA A 124 -41.94 7.79 5.25
C ALA A 124 -42.76 7.59 6.53
N SER A 125 -42.11 7.13 7.58
CA SER A 125 -42.80 6.69 8.81
C SER A 125 -43.54 7.80 9.57
N GLY A 126 -43.11 9.05 9.40
CA GLY A 126 -43.78 10.16 10.07
C GLY A 126 -43.23 11.53 9.70
N LYS A 127 -44.11 12.53 9.67
CA LYS A 127 -43.72 13.88 9.28
C LYS A 127 -42.62 14.48 10.18
N GLU A 128 -42.41 13.87 11.35
CA GLU A 128 -41.46 14.40 12.33
C GLU A 128 -40.19 13.56 12.45
N ASN A 129 -40.05 12.54 11.60
CA ASN A 129 -38.84 11.74 11.58
C ASN A 129 -37.61 12.53 11.10
N LEU A 130 -36.44 12.20 11.65
CA LEU A 130 -35.18 12.87 11.33
C LEU A 130 -34.85 12.93 9.83
N TYR A 131 -35.27 11.92 9.07
CA TYR A 131 -34.94 11.84 7.64
C TYR A 131 -36.06 12.37 6.74
N ARG A 132 -37.13 12.86 7.36
CA ARG A 132 -38.33 13.25 6.58
C ARG A 132 -37.98 14.11 5.39
N ASP A 133 -37.17 15.14 5.61
CA ASP A 133 -36.88 16.12 4.57
C ASP A 133 -35.79 15.64 3.61
N PHE A 134 -35.40 14.37 3.71
CA PHE A 134 -34.50 13.81 2.70
C PHE A 134 -35.25 13.65 1.40
N TYR A 135 -36.57 13.58 1.46
CA TYR A 135 -37.35 13.42 0.25
C TYR A 135 -38.31 14.59 0.07
N ILE A 136 -39.08 14.56 -1.01
CA ILE A 136 -39.90 15.71 -1.37
C ILE A 136 -41.37 15.40 -1.11
N TRP A 137 -41.89 15.93 0.00
CA TRP A 137 -43.25 15.65 0.47
C TRP A 137 -44.19 16.83 0.29
N LYS A 138 -45.39 16.60 -0.24
CA LYS A 138 -46.39 17.66 -0.39
C LYS A 138 -47.82 17.19 -0.09
N ASP A 139 -48.68 18.11 0.33
CA ASP A 139 -50.08 17.79 0.61
C ASP A 139 -50.91 17.70 -0.65
N MET A 140 -51.99 16.93 -0.55
CA MET A 140 -53.05 16.90 -1.54
C MET A 140 -53.58 18.32 -1.70
N LYS A 141 -54.01 18.68 -2.91
CA LYS A 141 -54.69 19.97 -3.10
C LYS A 141 -56.11 19.84 -2.54
N PRO A 142 -56.70 20.97 -2.07
CA PRO A 142 -58.04 20.93 -1.49
C PRO A 142 -59.05 20.26 -2.43
N ASN A 143 -58.92 20.50 -3.74
CA ASN A 143 -59.79 19.84 -4.72
C ASN A 143 -59.52 18.35 -4.91
N GLY A 144 -58.70 17.76 -4.03
CA GLY A 144 -58.41 16.34 -4.09
C GLY A 144 -57.30 15.95 -5.06
N ALA A 145 -56.82 16.93 -5.83
CA ALA A 145 -55.78 16.67 -6.83
C ALA A 145 -54.42 16.39 -6.17
N PRO A 146 -53.52 15.72 -6.89
CA PRO A 146 -52.14 15.60 -6.40
C PRO A 146 -51.48 16.98 -6.36
N PRO A 147 -50.40 17.14 -5.57
CA PRO A 147 -49.87 18.50 -5.36
C PRO A 147 -49.49 19.26 -6.62
N THR A 148 -49.08 18.56 -7.69
CA THR A 148 -49.01 19.20 -9.01
C THR A 148 -49.53 18.26 -10.08
N ASN A 149 -49.70 18.78 -11.29
CA ASN A 149 -50.15 17.97 -12.42
C ASN A 149 -48.99 17.36 -13.19
N TRP A 150 -47.80 17.33 -12.57
CA TRP A 150 -46.61 16.81 -13.24
C TRP A 150 -46.72 15.33 -13.52
N GLU A 151 -46.11 14.89 -14.62
CA GLU A 151 -46.15 13.50 -14.99
C GLU A 151 -44.82 12.81 -14.69
N SER A 152 -44.89 11.57 -14.23
CA SER A 152 -43.71 10.72 -14.10
C SER A 152 -43.23 10.37 -15.49
N LYS A 153 -41.93 10.23 -15.65
CA LYS A 153 -41.42 9.76 -16.94
C LYS A 153 -41.81 8.29 -17.23
N PHE A 154 -42.41 7.62 -16.25
CA PHE A 154 -42.94 6.26 -16.43
C PHE A 154 -44.43 6.28 -16.77
N GLY A 155 -45.01 7.48 -16.79
CA GLY A 155 -46.43 7.64 -17.05
C GLY A 155 -47.22 7.76 -15.76
N GLY A 156 -48.34 8.47 -15.82
CA GLY A 156 -49.13 8.73 -14.63
C GLY A 156 -48.50 9.87 -13.82
N SER A 157 -49.07 10.13 -12.66
CA SER A 157 -48.64 11.24 -11.81
C SER A 157 -47.24 11.00 -11.23
N ALA A 158 -46.50 12.09 -11.01
CA ALA A 158 -45.18 12.05 -10.40
C ALA A 158 -45.27 12.06 -8.87
N TRP A 159 -46.48 12.10 -8.33
CA TRP A 159 -46.67 12.07 -6.88
C TRP A 159 -47.36 10.79 -6.44
N GLU A 160 -46.77 10.11 -5.46
CA GLU A 160 -47.36 8.90 -4.89
C GLU A 160 -47.83 9.17 -3.47
N PHE A 161 -49.09 8.84 -3.19
CA PHE A 161 -49.62 9.08 -1.86
C PHE A 161 -49.10 8.08 -0.84
N HIS A 162 -48.70 8.57 0.32
CA HIS A 162 -48.29 7.69 1.40
C HIS A 162 -49.31 7.83 2.53
N ALA A 163 -50.14 6.82 2.71
CA ALA A 163 -51.29 6.93 3.61
C ALA A 163 -50.89 7.16 5.07
N GLU A 164 -49.91 6.40 5.54
CA GLU A 164 -49.51 6.40 6.95
C GLU A 164 -49.06 7.77 7.45
N SER A 165 -48.37 8.54 6.60
CA SER A 165 -47.96 9.90 6.95
C SER A 165 -48.88 10.98 6.35
N GLY A 166 -49.74 10.61 5.42
CA GLY A 166 -50.70 11.55 4.88
C GLY A 166 -50.22 12.54 3.84
N GLN A 167 -49.08 12.25 3.20
CA GLN A 167 -48.54 13.15 2.17
C GLN A 167 -48.10 12.39 0.91
N TYR A 168 -47.95 13.11 -0.20
CA TYR A 168 -47.41 12.53 -1.43
C TYR A 168 -45.89 12.74 -1.47
N TYR A 169 -45.16 11.77 -2.01
CA TYR A 169 -43.74 12.02 -2.30
C TYR A 169 -43.57 12.12 -3.79
N LEU A 170 -42.53 12.82 -4.23
CA LEU A 170 -42.33 13.03 -5.64
C LEU A 170 -41.49 11.88 -6.19
N HIS A 171 -41.90 11.34 -7.33
CA HIS A 171 -41.04 10.44 -8.10
C HIS A 171 -41.08 10.83 -9.56
N LEU A 172 -39.97 11.34 -10.10
CA LEU A 172 -39.97 11.73 -11.51
C LEU A 172 -39.94 10.46 -12.34
N TYR A 173 -39.38 9.40 -11.76
CA TYR A 173 -39.26 8.13 -12.44
C TYR A 173 -40.25 7.12 -11.89
N ASP A 174 -39.83 5.88 -11.61
CA ASP A 174 -40.82 4.85 -11.22
C ASP A 174 -41.26 5.10 -9.79
N VAL A 175 -42.34 4.44 -9.39
CA VAL A 175 -42.98 4.67 -8.09
C VAL A 175 -42.04 4.39 -6.92
N THR A 176 -41.15 3.41 -7.08
CA THR A 176 -40.27 3.04 -5.97
C THR A 176 -38.93 3.74 -6.09
N GLN A 177 -38.89 4.80 -6.90
CA GLN A 177 -37.70 5.65 -7.03
C GLN A 177 -38.10 7.02 -6.52
N ALA A 178 -37.82 7.29 -5.25
CA ALA A 178 -38.23 8.56 -4.63
C ALA A 178 -37.16 9.64 -4.83
N ASP A 179 -37.55 10.80 -5.35
CA ASP A 179 -36.59 11.88 -5.56
C ASP A 179 -35.99 12.40 -4.27
N LEU A 180 -34.66 12.47 -4.19
CA LEU A 180 -33.98 13.08 -3.05
C LEU A 180 -34.17 14.59 -3.06
N ASN A 181 -34.21 15.18 -1.87
CA ASN A 181 -34.43 16.61 -1.72
C ASN A 181 -33.11 17.37 -1.67
N TRP A 182 -32.62 17.79 -2.84
CA TRP A 182 -31.32 18.45 -2.90
C TRP A 182 -31.31 19.84 -2.29
N GLU A 183 -32.50 20.38 -2.00
CA GLU A 183 -32.58 21.64 -1.26
C GLU A 183 -32.00 21.47 0.12
N ASN A 184 -32.00 20.23 0.59
CA ASN A 184 -31.62 19.90 1.96
C ASN A 184 -30.12 19.63 2.05
N GLU A 185 -29.41 20.48 2.79
CA GLU A 185 -27.95 20.37 2.89
C GLU A 185 -27.46 19.05 3.44
N ALA A 186 -28.20 18.49 4.39
CA ALA A 186 -27.86 17.20 4.97
C ALA A 186 -27.78 16.12 3.89
N VAL A 187 -28.68 16.22 2.91
CA VAL A 187 -28.71 15.24 1.83
C VAL A 187 -27.47 15.36 0.95
N ARG A 188 -27.18 16.57 0.49
CA ARG A 188 -26.00 16.83 -0.31
C ARG A 188 -24.77 16.29 0.43
N LYS A 189 -24.68 16.58 1.73
CA LYS A 189 -23.54 16.12 2.54
C LYS A 189 -23.44 14.61 2.56
N LYS A 190 -24.58 13.93 2.72
CA LYS A 190 -24.57 12.48 2.76
C LYS A 190 -24.09 11.93 1.42
N VAL A 191 -24.57 12.52 0.34
CA VAL A 191 -24.19 12.07 -0.99
C VAL A 191 -22.69 12.23 -1.23
N TYR A 192 -22.12 13.37 -0.81
CA TYR A 192 -20.68 13.60 -0.95
C TYR A 192 -19.84 12.59 -0.16
N GLU A 193 -20.29 12.27 1.06
CA GLU A 193 -19.58 11.31 1.92
C GLU A 193 -19.51 9.98 1.21
N MET A 194 -20.62 9.60 0.57
CA MET A 194 -20.70 8.33 -0.14
C MET A 194 -19.78 8.34 -1.37
N MET A 195 -19.69 9.49 -2.04
CA MET A 195 -18.81 9.58 -3.21
C MET A 195 -17.34 9.46 -2.79
N HIS A 196 -17.00 10.07 -1.65
CA HIS A 196 -15.64 9.97 -1.10
C HIS A 196 -15.30 8.52 -0.80
N PHE A 197 -16.25 7.79 -0.27
CA PHE A 197 -16.07 6.36 0.00
C PHE A 197 -15.58 5.65 -1.25
N TRP A 198 -16.22 5.92 -2.38
CA TRP A 198 -15.86 5.21 -3.61
C TRP A 198 -14.55 5.71 -4.19
N PHE A 199 -14.32 7.01 -4.18
CA PHE A 199 -13.03 7.52 -4.66
C PHE A 199 -11.84 6.99 -3.84
N GLU A 200 -12.00 7.00 -2.52
CA GLU A 200 -10.91 6.57 -1.65
C GLU A 200 -10.63 5.08 -1.87
N LYS A 201 -11.64 4.35 -2.35
CA LYS A 201 -11.44 2.95 -2.73
C LYS A 201 -10.61 2.85 -4.02
N GLY A 202 -10.51 3.96 -4.74
CA GLY A 202 -9.65 4.03 -5.90
C GLY A 202 -10.34 4.09 -7.26
N ILE A 203 -11.66 4.31 -7.30
CA ILE A 203 -12.32 4.47 -8.60
C ILE A 203 -11.89 5.82 -9.21
N ASP A 204 -12.09 5.96 -10.52
CA ASP A 204 -11.51 7.10 -11.22
C ASP A 204 -12.52 8.16 -11.64
N GLY A 205 -13.78 7.94 -11.29
CA GLY A 205 -14.78 8.93 -11.66
C GLY A 205 -16.19 8.37 -11.72
N PHE A 206 -17.11 9.19 -12.23
CA PHE A 206 -18.51 8.82 -12.23
C PHE A 206 -19.20 9.27 -13.49
N GLN A 207 -20.16 8.47 -13.94
CA GLN A 207 -21.19 9.00 -14.82
C GLN A 207 -22.34 9.39 -13.88
N LEU A 208 -22.89 10.58 -14.06
CA LEU A 208 -23.90 11.09 -13.14
C LEU A 208 -25.25 11.01 -13.83
N ASP A 209 -26.10 10.14 -13.30
CA ASP A 209 -27.35 9.73 -13.93
C ASP A 209 -28.40 10.82 -13.80
N VAL A 210 -28.97 11.24 -14.95
CA VAL A 210 -29.93 12.36 -15.03
C VAL A 210 -29.64 13.48 -14.03
N ILE A 211 -28.38 13.89 -13.92
CA ILE A 211 -28.01 14.79 -12.83
C ILE A 211 -28.67 16.16 -13.00
N ASN A 212 -29.09 16.48 -14.21
CA ASN A 212 -29.66 17.81 -14.44
C ASN A 212 -31.12 17.99 -14.02
N VAL A 213 -31.71 17.01 -13.35
CA VAL A 213 -33.08 17.17 -12.83
C VAL A 213 -33.15 17.27 -11.30
N ILE A 214 -32.03 17.55 -10.66
CA ILE A 214 -32.01 17.54 -9.19
C ILE A 214 -32.52 18.84 -8.56
N SER A 215 -32.45 19.94 -9.32
CA SER A 215 -32.95 21.23 -8.83
C SER A 215 -34.38 21.43 -9.28
N LYS A 216 -35.32 21.43 -8.32
CA LYS A 216 -36.75 21.61 -8.59
C LYS A 216 -37.17 23.04 -8.27
N ASP A 217 -38.15 23.55 -9.00
CA ASP A 217 -38.74 24.85 -8.68
C ASP A 217 -39.50 24.69 -7.36
N GLN A 218 -39.07 25.41 -6.34
CA GLN A 218 -39.63 25.23 -5.01
C GLN A 218 -41.03 25.82 -4.86
N ARG A 219 -41.55 26.42 -5.93
CA ARG A 219 -42.94 26.88 -5.91
C ARG A 219 -43.88 25.76 -6.37
N PHE A 220 -43.29 24.70 -6.93
CA PHE A 220 -44.04 23.57 -7.50
C PHE A 220 -45.32 23.96 -8.22
N PRO A 221 -45.22 24.75 -9.31
CA PRO A 221 -46.40 25.20 -10.05
C PRO A 221 -46.93 24.12 -10.98
N ASP A 222 -48.19 24.25 -11.39
CA ASP A 222 -48.72 23.35 -12.40
C ASP A 222 -48.16 23.72 -13.76
N ASP A 223 -48.05 22.74 -14.66
CA ASP A 223 -47.58 23.00 -16.01
C ASP A 223 -48.80 22.94 -16.92
N ASP A 224 -49.15 24.07 -17.54
CA ASP A 224 -50.26 24.07 -18.48
C ASP A 224 -49.78 24.02 -19.94
N GLU A 225 -48.50 23.69 -20.13
CA GLU A 225 -47.90 23.64 -21.47
C GLU A 225 -47.04 22.38 -21.66
N GLY A 226 -47.12 21.44 -20.72
CA GLY A 226 -46.35 20.21 -20.82
C GLY A 226 -46.58 19.29 -19.63
N ASP A 227 -45.63 18.38 -19.42
CA ASP A 227 -45.75 17.39 -18.35
C ASP A 227 -45.06 17.83 -17.06
N GLY A 228 -44.52 19.05 -17.07
CA GLY A 228 -43.90 19.63 -15.89
C GLY A 228 -42.38 19.65 -15.89
N ARG A 229 -41.76 19.14 -16.94
CA ARG A 229 -40.31 19.06 -16.94
C ARG A 229 -39.63 20.43 -16.94
N ARG A 230 -40.34 21.47 -17.37
CA ARG A 230 -39.73 22.81 -17.33
C ARG A 230 -39.54 23.33 -15.92
N PHE A 231 -40.13 22.69 -14.91
CA PHE A 231 -39.87 23.11 -13.53
C PHE A 231 -38.78 22.33 -12.79
N TYR A 232 -38.10 21.42 -13.50
CA TYR A 232 -37.02 20.68 -12.84
C TYR A 232 -35.85 20.33 -13.78
N THR A 233 -36.00 20.62 -15.06
CA THR A 233 -34.96 20.29 -16.01
C THR A 233 -34.00 21.47 -16.18
N ASP A 234 -32.71 21.23 -15.87
CA ASP A 234 -31.71 22.31 -15.81
C ASP A 234 -32.27 23.43 -14.94
N GLY A 235 -32.68 23.08 -13.73
CA GLY A 235 -33.28 24.03 -12.81
C GLY A 235 -32.31 25.06 -12.24
N PRO A 236 -32.85 26.01 -11.46
CA PRO A 236 -32.12 27.20 -11.02
C PRO A 236 -30.88 26.95 -10.17
N ARG A 237 -30.78 25.80 -9.49
CA ARG A 237 -29.61 25.56 -8.64
C ARG A 237 -28.68 24.45 -9.14
N VAL A 238 -28.91 23.95 -10.35
CA VAL A 238 -28.13 22.79 -10.82
C VAL A 238 -26.67 23.09 -10.90
N HIS A 239 -26.33 24.24 -11.49
CA HIS A 239 -24.91 24.61 -11.63
C HIS A 239 -24.31 24.88 -10.26
N GLU A 240 -25.10 25.45 -9.38
CA GLU A 240 -24.65 25.65 -8.01
C GLU A 240 -24.35 24.31 -7.34
N PHE A 241 -25.27 23.34 -7.50
CA PHE A 241 -25.06 22.03 -6.84
C PHE A 241 -23.86 21.31 -7.44
N LEU A 242 -23.72 21.34 -8.77
CA LEU A 242 -22.60 20.64 -9.41
C LEU A 242 -21.25 21.23 -9.01
N ASN A 243 -21.19 22.55 -8.94
CA ASN A 243 -19.96 23.20 -8.54
C ASN A 243 -19.61 22.87 -7.08
N GLU A 244 -20.61 22.86 -6.22
CA GLU A 244 -20.42 22.47 -4.83
C GLU A 244 -19.92 21.03 -4.79
N MET A 245 -20.56 20.15 -5.56
CA MET A 245 -20.09 18.75 -5.66
C MET A 245 -18.63 18.72 -6.13
N ASN A 246 -18.30 19.54 -7.11
CA ASN A 246 -16.91 19.61 -7.59
C ASN A 246 -15.92 20.07 -6.49
N ARG A 247 -16.26 21.15 -5.80
CA ARG A 247 -15.43 21.66 -4.70
C ARG A 247 -15.23 20.60 -3.62
N GLU A 248 -16.33 19.96 -3.21
CA GLU A 248 -16.29 19.00 -2.09
C GLU A 248 -15.67 17.64 -2.44
N VAL A 249 -15.82 17.23 -3.70
CA VAL A 249 -15.44 15.86 -4.07
C VAL A 249 -14.46 15.82 -5.23
N PHE A 250 -14.92 16.20 -6.42
CA PHE A 250 -14.14 15.96 -7.65
C PHE A 250 -12.77 16.64 -7.62
N SER A 251 -12.72 17.86 -7.08
CA SER A 251 -11.44 18.60 -6.99
C SER A 251 -10.40 17.90 -6.11
N LYS A 252 -10.80 16.84 -5.42
CA LYS A 252 -9.89 16.16 -4.51
C LYS A 252 -9.20 14.95 -5.16
N TYR A 253 -9.61 14.60 -6.37
CA TYR A 253 -9.09 13.39 -7.02
C TYR A 253 -8.76 13.61 -8.49
N ASP A 254 -7.97 12.71 -9.06
CA ASP A 254 -7.65 12.74 -10.47
C ASP A 254 -8.80 12.07 -11.23
N SER A 255 -9.88 12.81 -11.42
CA SER A 255 -11.14 12.17 -11.76
C SER A 255 -11.65 12.51 -13.14
N MET A 256 -12.58 11.69 -13.63
CA MET A 256 -13.35 12.04 -14.81
C MET A 256 -14.82 12.01 -14.44
N THR A 257 -15.57 13.00 -14.90
CA THR A 257 -17.00 12.97 -14.66
C THR A 257 -17.75 13.23 -15.95
N VAL A 258 -18.75 12.42 -16.21
CA VAL A 258 -19.61 12.64 -17.37
C VAL A 258 -21.05 12.70 -16.90
N GLY A 259 -21.73 13.79 -17.22
CA GLY A 259 -23.10 13.97 -16.80
C GLY A 259 -24.02 13.49 -17.90
N GLU A 260 -25.02 12.70 -17.51
CA GLU A 260 -26.04 12.29 -18.47
C GLU A 260 -27.23 13.23 -18.35
N MET A 261 -27.39 14.12 -19.32
CA MET A 261 -28.37 15.18 -19.19
C MET A 261 -29.68 14.81 -19.89
N SER A 262 -30.79 14.94 -19.15
CA SER A 262 -32.14 14.70 -19.67
C SER A 262 -32.70 15.96 -20.36
N SER A 263 -33.01 15.85 -21.66
CA SER A 263 -33.52 16.93 -22.51
C SER A 263 -33.00 18.33 -22.14
N THR A 264 -31.71 18.53 -22.39
CA THR A 264 -31.02 19.73 -21.95
C THR A 264 -30.74 20.59 -23.17
N THR A 265 -30.05 21.71 -22.96
CA THR A 265 -29.77 22.64 -24.04
C THR A 265 -28.26 22.77 -24.19
N ILE A 266 -27.83 23.18 -25.38
CA ILE A 266 -26.41 23.42 -25.60
C ILE A 266 -25.80 24.45 -24.65
N ALA A 267 -26.49 25.57 -24.44
CA ALA A 267 -25.97 26.61 -23.54
C ALA A 267 -25.73 26.08 -22.12
N ASP A 268 -26.61 25.20 -21.64
CA ASP A 268 -26.42 24.64 -20.30
C ASP A 268 -25.20 23.73 -20.28
N CYS A 269 -25.06 22.93 -21.33
CA CYS A 269 -23.96 21.98 -21.41
C CYS A 269 -22.61 22.66 -21.55
N ILE A 270 -22.58 23.80 -22.24
CA ILE A 270 -21.37 24.61 -22.23
C ILE A 270 -21.03 24.97 -20.78
N ARG A 271 -22.04 25.40 -20.02
CA ARG A 271 -21.81 25.76 -18.61
C ARG A 271 -21.41 24.56 -17.77
N TYR A 272 -22.06 23.41 -18.04
CA TYR A 272 -21.74 22.18 -17.31
C TYR A 272 -20.30 21.74 -17.49
N THR A 273 -19.71 22.02 -18.65
CA THR A 273 -18.45 21.34 -19.00
C THR A 273 -17.24 22.25 -19.21
N ASN A 274 -17.47 23.54 -19.36
CA ASN A 274 -16.34 24.47 -19.41
C ASN A 274 -15.48 24.34 -18.14
N PRO A 275 -14.16 24.12 -18.32
CA PRO A 275 -13.28 23.94 -17.16
C PRO A 275 -13.37 25.10 -16.18
N GLU A 276 -13.70 26.29 -16.67
CA GLU A 276 -13.79 27.45 -15.77
C GLU A 276 -14.97 27.33 -14.83
N SER A 277 -16.00 26.60 -15.23
CA SER A 277 -17.19 26.45 -14.37
C SER A 277 -16.87 25.59 -13.15
N ARG A 278 -15.87 24.73 -13.27
CA ARG A 278 -15.58 23.75 -12.23
C ARG A 278 -16.84 22.96 -11.89
N GLU A 279 -17.48 22.42 -12.92
CA GLU A 279 -18.65 21.57 -12.72
C GLU A 279 -18.34 20.15 -13.19
N LEU A 280 -18.69 19.81 -14.43
CA LEU A 280 -18.37 18.46 -14.93
C LEU A 280 -17.29 18.53 -16.02
N ASP A 281 -16.69 17.38 -16.34
CA ASP A 281 -15.72 17.33 -17.44
C ASP A 281 -16.37 17.27 -18.83
N MET A 282 -17.43 16.47 -18.95
CA MET A 282 -18.12 16.30 -20.22
C MET A 282 -19.57 15.90 -19.98
N VAL A 283 -20.38 15.93 -21.03
CA VAL A 283 -21.76 15.48 -20.95
C VAL A 283 -22.21 14.67 -22.16
N PHE A 284 -23.15 13.74 -21.93
CA PHE A 284 -23.93 13.15 -23.02
C PHE A 284 -25.19 13.98 -23.18
N ASN A 285 -25.62 14.18 -24.41
CA ASN A 285 -27.02 14.52 -24.67
C ASN A 285 -27.60 13.45 -25.60
N PHE A 286 -28.91 13.40 -25.72
CA PHE A 286 -29.51 12.31 -26.50
C PHE A 286 -30.19 12.74 -27.80
N HIS A 287 -29.94 13.98 -28.24
CA HIS A 287 -30.59 14.53 -29.42
C HIS A 287 -30.35 13.74 -30.72
N HIS A 288 -29.12 13.29 -30.93
CA HIS A 288 -28.82 12.48 -32.12
C HIS A 288 -29.47 11.09 -32.09
N LEU A 289 -29.92 10.68 -30.91
CA LEU A 289 -30.55 9.37 -30.75
C LEU A 289 -32.07 9.52 -30.64
N LYS A 290 -32.57 10.68 -31.09
CA LYS A 290 -34.01 10.89 -31.30
C LYS A 290 -34.28 11.26 -32.75
N ALA A 291 -33.30 11.00 -33.61
CA ALA A 291 -33.42 11.36 -35.03
C ALA A 291 -34.44 10.50 -35.80
N ASP A 292 -34.82 9.36 -35.24
CA ASP A 292 -35.79 8.48 -35.90
C ASP A 292 -37.13 8.37 -35.15
N TYR A 293 -37.37 9.32 -34.25
CA TYR A 293 -38.68 9.42 -33.59
C TYR A 293 -39.57 10.32 -34.45
N PRO A 294 -40.68 9.77 -34.99
CA PRO A 294 -41.64 10.63 -35.67
C PRO A 294 -42.55 11.31 -34.64
N ASN A 295 -42.59 12.65 -34.65
CA ASN A 295 -43.38 13.42 -33.68
C ASN A 295 -42.98 13.18 -32.22
N GLY A 296 -41.72 12.81 -32.00
CA GLY A 296 -41.24 12.54 -30.65
C GLY A 296 -41.93 11.36 -29.98
N GLU A 297 -42.52 10.49 -30.80
CA GLU A 297 -43.17 9.27 -30.32
C GLU A 297 -42.11 8.17 -30.19
N LYS A 298 -41.75 7.84 -28.95
CA LYS A 298 -40.58 6.98 -28.70
C LYS A 298 -40.74 5.52 -29.13
N TRP A 299 -41.98 5.06 -29.26
CA TRP A 299 -42.23 3.68 -29.66
C TRP A 299 -42.64 3.53 -31.13
N ALA A 300 -42.76 4.64 -31.84
CA ALA A 300 -43.23 4.62 -33.23
C ALA A 300 -42.10 4.31 -34.23
N LEU A 301 -42.45 3.57 -35.29
CA LEU A 301 -41.49 3.23 -36.35
C LEU A 301 -41.34 4.38 -37.35
N ALA A 302 -40.11 4.59 -37.80
CA ALA A 302 -39.81 5.59 -38.82
C ALA A 302 -38.36 5.49 -39.27
N ASP A 303 -38.08 6.00 -40.47
CA ASP A 303 -36.71 6.14 -40.96
C ASP A 303 -36.05 7.32 -40.26
N PHE A 304 -34.74 7.26 -40.07
CA PHE A 304 -34.09 8.40 -39.43
C PHE A 304 -33.99 9.57 -40.41
N ASP A 305 -34.04 10.76 -39.85
CA ASP A 305 -33.94 12.00 -40.61
C ASP A 305 -32.47 12.41 -40.70
N PHE A 306 -31.82 12.02 -41.80
CA PHE A 306 -30.38 12.23 -41.99
C PHE A 306 -29.95 13.69 -41.89
N LEU A 307 -30.67 14.60 -42.54
CA LEU A 307 -30.25 16.00 -42.54
C LEU A 307 -30.33 16.59 -41.15
N LYS A 308 -31.38 16.20 -40.42
CA LYS A 308 -31.54 16.63 -39.04
C LYS A 308 -30.43 16.03 -38.19
N LEU A 309 -30.11 14.76 -38.45
CA LEU A 309 -29.02 14.12 -37.73
C LEU A 309 -27.72 14.93 -37.87
N LYS A 310 -27.38 15.27 -39.11
CA LYS A 310 -26.16 16.02 -39.38
C LYS A 310 -26.18 17.41 -38.73
N LYS A 311 -27.36 18.03 -38.71
CA LYS A 311 -27.51 19.37 -38.14
C LYS A 311 -27.29 19.35 -36.63
N ILE A 312 -27.87 18.36 -35.96
CA ILE A 312 -27.71 18.16 -34.52
C ILE A 312 -26.25 17.92 -34.13
N LEU A 313 -25.61 16.95 -34.77
CA LEU A 313 -24.20 16.67 -34.51
C LEU A 313 -23.32 17.92 -34.68
N SER A 314 -23.54 18.64 -35.78
CA SER A 314 -22.72 19.78 -36.14
C SER A 314 -22.86 20.94 -35.16
N GLU A 315 -24.10 21.18 -34.75
CA GLU A 315 -24.45 22.22 -33.80
C GLU A 315 -23.75 21.93 -32.48
N TRP A 316 -23.84 20.68 -32.02
CA TRP A 316 -23.19 20.30 -30.79
C TRP A 316 -21.67 20.38 -30.89
N GLN A 317 -21.11 20.03 -32.04
CA GLN A 317 -19.67 20.19 -32.20
C GLN A 317 -19.25 21.66 -32.15
N THR A 318 -19.89 22.49 -32.97
CA THR A 318 -19.37 23.86 -33.15
C THR A 318 -19.61 24.72 -31.91
N GLU A 319 -20.78 24.59 -31.31
CA GLU A 319 -21.12 25.43 -30.14
C GLU A 319 -20.33 25.05 -28.90
N MET A 320 -20.14 23.75 -28.69
CA MET A 320 -19.35 23.30 -27.54
C MET A 320 -17.88 23.70 -27.79
N ASN A 321 -17.43 23.56 -29.03
CA ASN A 321 -16.06 23.94 -29.35
C ASN A 321 -15.86 25.44 -29.07
N LYS A 322 -16.82 26.23 -29.55
CA LYS A 322 -16.77 27.68 -29.39
C LYS A 322 -16.83 28.08 -27.91
N GLY A 323 -17.71 27.43 -27.16
CA GLY A 323 -17.93 27.78 -25.78
C GLY A 323 -16.95 27.13 -24.82
N GLY A 324 -16.05 26.31 -25.35
CA GLY A 324 -15.09 25.63 -24.49
C GLY A 324 -15.68 24.46 -23.69
N GLY A 325 -16.79 23.90 -24.18
CA GLY A 325 -17.39 22.74 -23.55
C GLY A 325 -16.73 21.44 -24.02
N TRP A 326 -17.18 20.29 -23.52
CA TRP A 326 -16.64 19.02 -24.01
C TRP A 326 -17.74 17.94 -24.10
N ASN A 327 -17.86 17.33 -25.27
CA ASN A 327 -18.89 16.32 -25.54
C ASN A 327 -18.43 14.91 -25.21
N ALA A 328 -19.29 14.12 -24.58
CA ALA A 328 -19.08 12.67 -24.58
C ALA A 328 -19.74 12.11 -25.86
N LEU A 329 -18.98 11.35 -26.65
CA LEU A 329 -19.42 10.88 -27.98
C LEU A 329 -19.89 9.42 -27.91
N PHE A 330 -21.12 9.15 -28.29
CA PHE A 330 -21.66 7.77 -28.18
C PHE A 330 -22.84 7.53 -29.10
N TRP A 331 -23.05 6.28 -29.49
CA TRP A 331 -24.18 5.89 -30.34
C TRP A 331 -25.13 4.96 -29.57
N CYS A 332 -24.57 4.31 -28.56
CA CYS A 332 -25.17 3.12 -27.99
C CYS A 332 -25.20 3.16 -26.49
N ASN A 333 -26.28 2.69 -25.90
CA ASN A 333 -26.23 2.27 -24.50
C ASN A 333 -27.23 1.13 -24.24
N HIS A 334 -27.44 0.79 -22.98
CA HIS A 334 -28.28 -0.34 -22.61
C HIS A 334 -29.77 -0.05 -22.83
N ASP A 335 -30.09 1.20 -23.20
CA ASP A 335 -31.48 1.62 -23.40
C ASP A 335 -31.83 1.93 -24.85
N GLN A 336 -30.84 1.85 -25.75
CA GLN A 336 -31.01 2.24 -27.14
C GLN A 336 -30.80 1.04 -28.05
N PRO A 337 -31.35 1.06 -29.27
CA PRO A 337 -31.08 -0.01 -30.24
C PRO A 337 -29.59 -0.08 -30.60
N ARG A 338 -29.05 -1.24 -30.94
CA ARG A 338 -27.63 -1.29 -31.33
C ARG A 338 -27.47 -0.50 -32.63
N ILE A 339 -26.41 0.29 -32.77
CA ILE A 339 -26.43 1.22 -33.91
C ILE A 339 -26.35 0.63 -35.31
N VAL A 340 -25.74 -0.54 -35.52
CA VAL A 340 -25.69 -1.06 -36.90
C VAL A 340 -27.10 -1.23 -37.41
N SER A 341 -27.96 -1.74 -36.54
CA SER A 341 -29.34 -2.03 -36.93
C SER A 341 -30.12 -0.76 -37.08
N ARG A 342 -29.75 0.26 -36.30
CA ARG A 342 -30.56 1.46 -36.23
C ARG A 342 -30.22 2.45 -37.32
N TYR A 343 -28.93 2.79 -37.43
CA TYR A 343 -28.51 3.77 -38.44
C TYR A 343 -27.66 3.18 -39.55
N GLY A 344 -27.26 1.91 -39.41
CA GLY A 344 -26.45 1.27 -40.43
C GLY A 344 -27.29 0.25 -41.18
N ASP A 345 -26.65 -0.73 -41.83
CA ASP A 345 -27.38 -1.80 -42.50
C ASP A 345 -26.92 -3.11 -41.89
N ASP A 346 -27.76 -3.74 -41.08
CA ASP A 346 -27.32 -4.99 -40.43
C ASP A 346 -27.46 -6.20 -41.35
N GLY A 347 -27.87 -5.94 -42.59
CA GLY A 347 -27.91 -6.97 -43.62
C GLY A 347 -26.57 -7.12 -44.32
N LYS A 348 -26.58 -7.00 -45.65
CA LYS A 348 -25.37 -7.18 -46.45
C LYS A 348 -24.19 -6.28 -46.02
N TYR A 349 -24.47 -5.02 -45.71
CA TYR A 349 -23.37 -4.11 -45.34
C TYR A 349 -23.13 -3.95 -43.82
N ARG A 350 -23.37 -5.02 -43.06
CA ARG A 350 -23.16 -4.97 -41.60
C ARG A 350 -21.74 -4.54 -41.25
N LYS A 351 -20.73 -5.16 -41.85
CA LYS A 351 -19.36 -4.82 -41.46
C LYS A 351 -19.00 -3.40 -41.89
N LYS A 352 -19.29 -3.07 -43.13
CA LYS A 352 -18.90 -1.76 -43.66
C LYS A 352 -19.64 -0.64 -42.99
N SER A 353 -20.96 -0.80 -42.78
CA SER A 353 -21.71 0.28 -42.17
C SER A 353 -21.35 0.44 -40.70
N ALA A 354 -21.01 -0.65 -40.01
CA ALA A 354 -20.61 -0.54 -38.60
C ALA A 354 -19.30 0.22 -38.49
N LYS A 355 -18.37 -0.08 -39.39
CA LYS A 355 -17.12 0.64 -39.43
C LYS A 355 -17.34 2.11 -39.75
N MET A 356 -18.29 2.39 -40.65
CA MET A 356 -18.54 3.76 -41.09
C MET A 356 -19.10 4.56 -39.93
N LEU A 357 -20.03 3.95 -39.20
CA LEU A 357 -20.63 4.63 -38.07
C LEU A 357 -19.58 4.94 -37.01
N ALA A 358 -18.65 4.01 -36.79
CA ALA A 358 -17.62 4.23 -35.77
C ALA A 358 -16.75 5.41 -36.16
N THR A 359 -16.29 5.41 -37.41
CA THR A 359 -15.50 6.52 -37.93
C THR A 359 -16.23 7.86 -37.86
N ALA A 360 -17.50 7.89 -38.30
CA ALA A 360 -18.28 9.12 -38.31
C ALA A 360 -18.31 9.79 -36.95
N ILE A 361 -18.41 9.00 -35.89
CA ILE A 361 -18.50 9.63 -34.56
C ILE A 361 -17.12 9.80 -33.92
N HIS A 362 -16.22 8.84 -34.12
CA HIS A 362 -14.91 8.92 -33.47
C HIS A 362 -14.04 10.06 -34.00
N MET A 363 -14.27 10.49 -35.24
CA MET A 363 -13.49 11.62 -35.77
C MET A 363 -14.06 13.00 -35.38
N LEU A 364 -15.10 13.01 -34.55
CA LEU A 364 -15.61 14.26 -33.95
C LEU A 364 -14.73 14.71 -32.79
N GLN A 365 -14.87 15.95 -32.33
CA GLN A 365 -14.13 16.38 -31.15
C GLN A 365 -14.89 15.92 -29.90
N GLY A 366 -14.23 15.18 -29.03
CA GLY A 366 -14.89 14.71 -27.81
C GLY A 366 -14.25 13.45 -27.29
N THR A 367 -14.85 12.88 -26.24
CA THR A 367 -14.39 11.61 -25.69
C THR A 367 -15.36 10.51 -26.13
N PRO A 368 -14.88 9.53 -26.87
CA PRO A 368 -15.80 8.54 -27.41
C PRO A 368 -16.08 7.43 -26.41
N TYR A 369 -17.29 6.88 -26.50
CA TYR A 369 -17.72 5.75 -25.67
C TYR A 369 -18.12 4.60 -26.57
N ILE A 370 -17.65 3.40 -26.25
CA ILE A 370 -18.04 2.22 -26.98
C ILE A 370 -18.89 1.35 -26.06
N TYR A 371 -20.06 0.92 -26.52
CA TYR A 371 -20.93 0.06 -25.71
C TYR A 371 -20.60 -1.40 -25.98
N GLN A 372 -20.56 -2.22 -24.94
CA GLN A 372 -20.19 -3.64 -25.11
C GLN A 372 -20.89 -4.28 -26.30
N GLY A 373 -20.09 -4.92 -27.15
CA GLY A 373 -20.61 -5.61 -28.32
C GLY A 373 -20.65 -4.75 -29.59
N GLU A 374 -20.61 -3.44 -29.41
CA GLU A 374 -20.59 -2.51 -30.56
C GLU A 374 -19.35 -2.77 -31.41
N GLU A 375 -18.23 -3.07 -30.75
CA GLU A 375 -16.98 -3.35 -31.47
C GLU A 375 -17.01 -4.68 -32.26
N LEU A 376 -18.00 -5.52 -31.99
CA LEU A 376 -18.21 -6.75 -32.78
C LEU A 376 -19.27 -6.56 -33.89
N GLY A 377 -19.86 -5.39 -33.96
CA GLY A 377 -21.02 -5.20 -34.82
C GLY A 377 -22.19 -6.09 -34.45
N MET A 378 -22.42 -6.31 -33.15
CA MET A 378 -23.64 -7.00 -32.71
C MET A 378 -24.88 -6.22 -33.17
N THR A 379 -25.95 -6.94 -33.52
CA THR A 379 -27.15 -6.32 -34.10
C THR A 379 -28.29 -6.41 -33.10
N ASN A 380 -29.42 -5.75 -33.36
CA ASN A 380 -30.62 -6.07 -32.61
C ASN A 380 -30.90 -7.56 -32.82
N PRO A 381 -31.47 -8.22 -31.80
CA PRO A 381 -31.57 -9.68 -31.83
C PRO A 381 -32.70 -10.18 -32.71
N LYS A 382 -33.66 -9.32 -33.04
CA LYS A 382 -34.82 -9.70 -33.88
C LYS A 382 -35.59 -10.89 -33.31
N PHE A 383 -35.87 -10.81 -32.01
CA PHE A 383 -36.62 -11.83 -31.33
C PHE A 383 -38.02 -11.80 -31.92
N ASP A 384 -38.52 -12.94 -32.34
CA ASP A 384 -39.80 -12.93 -33.04
C ASP A 384 -40.93 -13.59 -32.25
N ASP A 385 -40.70 -13.80 -30.96
CA ASP A 385 -41.75 -14.31 -30.07
C ASP A 385 -41.71 -13.62 -28.73
N ILE A 386 -42.86 -13.27 -28.19
CA ILE A 386 -42.89 -12.51 -26.94
C ILE A 386 -42.15 -13.25 -25.79
N SER A 387 -42.06 -14.58 -25.87
CA SER A 387 -41.42 -15.35 -24.80
C SER A 387 -39.90 -15.11 -24.69
N LEU A 388 -39.36 -14.40 -25.68
CA LEU A 388 -37.92 -14.16 -25.76
C LEU A 388 -37.56 -12.85 -25.08
N TYR A 389 -38.57 -12.03 -24.84
CA TYR A 389 -38.39 -10.67 -24.31
C TYR A 389 -38.44 -10.68 -22.78
N ARG A 390 -37.90 -9.63 -22.17
CA ARG A 390 -37.72 -9.61 -20.73
C ARG A 390 -38.17 -8.30 -20.11
N ASP A 391 -37.81 -7.19 -20.76
CA ASP A 391 -38.12 -5.88 -20.20
C ASP A 391 -39.61 -5.65 -19.97
N VAL A 392 -39.98 -5.22 -18.77
CA VAL A 392 -41.39 -5.10 -18.41
C VAL A 392 -42.14 -4.14 -19.32
N GLU A 393 -41.48 -3.10 -19.81
CA GLU A 393 -42.16 -2.16 -20.68
C GLU A 393 -42.50 -2.80 -22.02
N SER A 394 -41.66 -3.73 -22.48
CA SER A 394 -41.91 -4.47 -23.72
C SER A 394 -43.08 -5.43 -23.56
N LEU A 395 -43.06 -6.20 -22.48
CA LEU A 395 -44.13 -7.15 -22.17
C LEU A 395 -45.48 -6.41 -22.06
N ASN A 396 -45.47 -5.25 -21.40
CA ASN A 396 -46.70 -4.50 -21.19
C ASN A 396 -47.21 -3.92 -22.51
N MET A 397 -46.31 -3.39 -23.32
CA MET A 397 -46.66 -2.86 -24.63
C MET A 397 -47.26 -3.95 -25.53
N TYR A 398 -46.72 -5.17 -25.45
CA TYR A 398 -47.26 -6.28 -26.21
C TYR A 398 -48.66 -6.58 -25.73
N ARG A 399 -48.83 -6.64 -24.41
CA ARG A 399 -50.13 -6.99 -23.83
C ARG A 399 -51.20 -5.98 -24.25
N ILE A 400 -50.88 -4.67 -24.15
CA ILE A 400 -51.79 -3.61 -24.54
C ILE A 400 -52.12 -3.62 -26.04
N LEU A 401 -51.11 -3.64 -26.90
CA LEU A 401 -51.33 -3.68 -28.34
C LEU A 401 -52.17 -4.90 -28.74
N LYS A 402 -51.94 -6.03 -28.08
CA LYS A 402 -52.72 -7.24 -28.32
C LYS A 402 -54.20 -7.02 -28.01
N GLU A 403 -54.50 -6.51 -26.82
CA GLU A 403 -55.87 -6.17 -26.43
C GLU A 403 -56.52 -5.14 -27.36
N ALA A 404 -55.72 -4.25 -27.93
CA ALA A 404 -56.26 -3.27 -28.86
C ALA A 404 -56.46 -3.87 -30.25
N GLY A 405 -56.15 -5.15 -30.40
CA GLY A 405 -56.37 -5.87 -31.65
C GLY A 405 -55.29 -5.76 -32.72
N LYS A 406 -54.08 -5.35 -32.35
CA LYS A 406 -53.01 -5.26 -33.35
C LYS A 406 -52.55 -6.67 -33.69
N PRO A 407 -52.40 -6.97 -34.98
CA PRO A 407 -51.97 -8.34 -35.31
C PRO A 407 -50.61 -8.62 -34.69
N GLU A 408 -50.40 -9.85 -34.24
CA GLU A 408 -49.15 -10.31 -33.63
C GLU A 408 -47.91 -9.84 -34.39
N ALA A 409 -47.86 -10.07 -35.70
CA ALA A 409 -46.70 -9.73 -36.52
C ALA A 409 -46.35 -8.24 -36.51
N GLU A 410 -47.36 -7.38 -36.42
CA GLU A 410 -47.12 -5.96 -36.36
C GLU A 410 -46.59 -5.56 -34.98
N ILE A 411 -47.02 -6.27 -33.94
CA ILE A 411 -46.52 -5.96 -32.61
C ILE A 411 -45.05 -6.39 -32.51
N ILE A 412 -44.77 -7.60 -32.99
CA ILE A 412 -43.40 -8.11 -33.01
C ILE A 412 -42.46 -7.18 -33.79
N GLU A 413 -42.92 -6.64 -34.93
CA GLU A 413 -42.08 -5.67 -35.67
C GLU A 413 -41.76 -4.42 -34.85
N ILE A 414 -42.71 -3.97 -34.04
CA ILE A 414 -42.46 -2.83 -33.17
C ILE A 414 -41.43 -3.14 -32.09
N LEU A 415 -41.58 -4.30 -31.46
CA LEU A 415 -40.64 -4.73 -30.43
C LEU A 415 -39.25 -4.92 -31.00
N LYS A 416 -39.15 -5.45 -32.22
CA LYS A 416 -37.84 -5.65 -32.85
C LYS A 416 -37.13 -4.33 -33.07
N ALA A 417 -37.89 -3.25 -33.26
CA ALA A 417 -37.24 -1.95 -33.49
C ALA A 417 -36.94 -1.22 -32.18
N LYS A 418 -37.79 -1.42 -31.18
CA LYS A 418 -37.88 -0.50 -30.05
C LYS A 418 -37.68 -1.08 -28.65
N SER A 419 -37.83 -2.39 -28.47
CA SER A 419 -37.63 -3.00 -27.15
C SER A 419 -36.30 -2.61 -26.52
N ARG A 420 -36.33 -2.22 -25.26
CA ARG A 420 -35.11 -1.93 -24.56
C ARG A 420 -34.29 -3.18 -24.23
N ASP A 421 -34.81 -4.36 -24.59
CA ASP A 421 -34.06 -5.60 -24.43
C ASP A 421 -32.98 -5.72 -25.51
N ASN A 422 -33.18 -4.98 -26.60
CA ASN A 422 -32.39 -5.18 -27.81
C ASN A 422 -30.87 -5.04 -27.68
N SER A 423 -30.40 -4.09 -26.88
CA SER A 423 -28.96 -3.99 -26.66
C SER A 423 -28.53 -4.70 -25.37
N ARG A 424 -29.43 -5.49 -24.79
CA ARG A 424 -29.14 -6.18 -23.53
C ARG A 424 -28.85 -7.67 -23.67
N THR A 425 -28.77 -8.16 -24.90
CA THR A 425 -28.49 -9.58 -25.09
C THR A 425 -27.00 -9.77 -24.78
N PRO A 426 -26.60 -10.99 -24.38
CA PRO A 426 -25.25 -11.19 -23.85
C PRO A 426 -24.17 -10.96 -24.89
N VAL A 427 -23.03 -10.42 -24.48
CA VAL A 427 -21.92 -10.21 -25.42
C VAL A 427 -21.55 -11.57 -26.00
N GLN A 428 -21.33 -11.60 -27.31
CA GLN A 428 -21.09 -12.85 -28.04
C GLN A 428 -19.59 -13.10 -28.13
N TRP A 429 -19.10 -13.97 -27.25
CA TRP A 429 -17.65 -14.21 -27.13
C TRP A 429 -17.08 -15.20 -28.15
N ASN A 430 -17.83 -16.26 -28.45
CA ASN A 430 -17.33 -17.29 -29.34
C ASN A 430 -18.47 -18.07 -29.97
N GLY A 431 -18.14 -19.15 -30.67
CA GLY A 431 -19.15 -19.92 -31.38
C GLY A 431 -19.69 -21.09 -30.57
N GLU A 432 -19.40 -21.13 -29.28
CA GLU A 432 -19.87 -22.23 -28.42
C GLU A 432 -21.28 -21.94 -27.92
N GLU A 433 -21.85 -22.89 -27.17
CA GLU A 433 -23.19 -22.72 -26.60
C GLU A 433 -23.35 -21.36 -25.91
N ASN A 434 -24.48 -20.72 -26.20
CA ASN A 434 -24.77 -19.38 -25.75
C ASN A 434 -23.62 -18.38 -25.97
N ALA A 435 -22.90 -18.59 -27.08
CA ALA A 435 -21.79 -17.74 -27.50
C ALA A 435 -20.72 -17.61 -26.41
N GLY A 436 -20.65 -18.61 -25.52
CA GLY A 436 -19.62 -18.62 -24.49
C GLY A 436 -19.85 -17.59 -23.40
N PHE A 437 -21.06 -17.02 -23.36
CA PHE A 437 -21.38 -16.04 -22.33
C PHE A 437 -21.57 -16.69 -20.97
N THR A 438 -22.10 -17.91 -20.98
CA THR A 438 -22.42 -18.66 -19.77
C THR A 438 -22.43 -20.17 -20.03
N ALA A 439 -22.10 -20.94 -18.99
CA ALA A 439 -22.24 -22.39 -19.06
C ALA A 439 -23.67 -22.81 -18.71
N GLY A 440 -24.39 -21.92 -18.02
CA GLY A 440 -25.78 -22.19 -17.67
C GLY A 440 -26.76 -21.72 -18.73
N THR A 441 -27.91 -21.20 -18.30
CA THR A 441 -28.90 -20.66 -19.23
C THR A 441 -28.96 -19.14 -19.09
N PRO A 442 -28.71 -18.41 -20.21
CA PRO A 442 -28.61 -16.95 -20.06
C PRO A 442 -29.94 -16.31 -19.63
N TRP A 443 -29.89 -15.28 -18.80
CA TRP A 443 -31.11 -14.62 -18.34
C TRP A 443 -31.96 -14.04 -19.48
N ILE A 444 -31.32 -13.82 -20.63
CA ILE A 444 -31.96 -13.30 -21.83
C ILE A 444 -31.33 -14.04 -23.01
N PRO A 445 -32.09 -14.33 -24.07
CA PRO A 445 -31.48 -15.25 -25.04
C PRO A 445 -30.40 -14.63 -25.90
N VAL A 446 -29.59 -15.50 -26.49
CA VAL A 446 -28.60 -15.14 -27.49
C VAL A 446 -29.18 -15.47 -28.86
N PRO A 447 -29.25 -14.48 -29.77
CA PRO A 447 -29.81 -14.71 -31.12
C PRO A 447 -28.87 -15.56 -31.98
N ASP A 448 -29.38 -16.14 -33.07
CA ASP A 448 -28.62 -17.16 -33.78
C ASP A 448 -27.43 -16.65 -34.60
N ASN A 449 -27.37 -15.35 -34.86
CA ASN A 449 -26.22 -14.79 -35.55
C ASN A 449 -24.87 -15.02 -34.83
N TYR A 450 -24.90 -15.46 -33.56
CA TYR A 450 -23.68 -15.51 -32.76
C TYR A 450 -22.61 -16.39 -33.37
N LYS A 451 -23.04 -17.39 -34.13
CA LYS A 451 -22.11 -18.28 -34.81
C LYS A 451 -21.24 -17.52 -35.83
N GLU A 452 -21.76 -16.43 -36.38
CA GLU A 452 -20.98 -15.58 -37.30
C GLU A 452 -20.45 -14.31 -36.63
N ILE A 453 -21.12 -13.88 -35.57
CA ILE A 453 -20.76 -12.63 -34.88
C ILE A 453 -20.31 -12.93 -33.45
N ASN A 454 -19.01 -12.89 -33.23
CA ASN A 454 -18.44 -13.13 -31.90
C ASN A 454 -17.00 -12.67 -31.82
N ALA A 455 -16.52 -12.46 -30.60
CA ALA A 455 -15.18 -11.90 -30.42
C ALA A 455 -14.09 -12.79 -31.01
N GLU A 456 -14.21 -14.10 -30.82
CA GLU A 456 -13.15 -15.00 -31.26
C GLU A 456 -12.98 -14.88 -32.77
N GLU A 457 -14.11 -14.85 -33.48
CA GLU A 457 -14.10 -14.71 -34.94
C GLU A 457 -13.50 -13.35 -35.36
N ALA A 458 -13.95 -12.28 -34.70
CA ALA A 458 -13.47 -10.94 -35.02
C ALA A 458 -11.99 -10.81 -34.75
N LEU A 459 -11.55 -11.37 -33.62
CA LEU A 459 -10.14 -11.27 -33.23
C LEU A 459 -9.19 -12.00 -34.18
N ASN A 460 -9.72 -12.90 -34.99
CA ASN A 460 -8.92 -13.71 -35.90
C ASN A 460 -9.09 -13.23 -37.34
N ASP A 461 -9.81 -12.12 -37.50
CA ASP A 461 -10.05 -11.51 -38.82
C ASP A 461 -9.44 -10.10 -38.85
N PRO A 462 -8.31 -9.92 -39.56
CA PRO A 462 -7.66 -8.59 -39.62
C PRO A 462 -8.57 -7.49 -40.20
N ASP A 463 -9.60 -7.89 -40.95
CA ASP A 463 -10.52 -6.90 -41.54
C ASP A 463 -11.79 -6.76 -40.67
N SER A 464 -11.73 -7.20 -39.41
CA SER A 464 -12.95 -7.18 -38.59
C SER A 464 -13.32 -5.77 -38.11
N ILE A 465 -14.58 -5.59 -37.74
CA ILE A 465 -15.03 -4.37 -37.10
C ILE A 465 -14.18 -4.09 -35.87
N PHE A 466 -13.83 -5.14 -35.14
CA PHE A 466 -13.06 -4.99 -33.90
C PHE A 466 -11.77 -4.23 -34.15
N TYR A 467 -11.00 -4.67 -35.15
CA TYR A 467 -9.72 -4.06 -35.39
C TYR A 467 -9.85 -2.65 -35.97
N HIS A 468 -10.94 -2.38 -36.67
CA HIS A 468 -11.22 -1.00 -37.12
C HIS A 468 -11.41 -0.08 -35.92
N TYR A 469 -12.19 -0.52 -34.92
CA TYR A 469 -12.35 0.25 -33.68
C TYR A 469 -11.03 0.45 -32.95
N LYS A 470 -10.24 -0.63 -32.86
CA LYS A 470 -8.94 -0.55 -32.18
C LYS A 470 -8.09 0.53 -32.82
N LYS A 471 -8.08 0.56 -34.15
CA LYS A 471 -7.29 1.53 -34.88
C LYS A 471 -7.79 2.96 -34.64
N LEU A 472 -9.10 3.15 -34.67
CA LEU A 472 -9.68 4.46 -34.34
C LEU A 472 -9.25 4.88 -32.91
N ASN A 473 -9.32 3.92 -31.99
CA ASN A 473 -8.88 4.19 -30.64
C ASN A 473 -7.40 4.62 -30.52
N GLU A 474 -6.52 3.95 -31.25
CA GLU A 474 -5.11 4.31 -31.19
C GLU A 474 -4.81 5.62 -31.91
N LEU A 475 -5.56 5.89 -32.97
CA LEU A 475 -5.42 7.13 -33.74
C LEU A 475 -5.60 8.36 -32.85
N ARG A 476 -6.54 8.24 -31.91
CA ARG A 476 -6.85 9.32 -30.99
C ARG A 476 -5.65 9.61 -30.10
N LYS A 477 -4.84 8.58 -29.85
CA LYS A 477 -3.63 8.76 -29.06
C LYS A 477 -2.42 9.23 -29.90
N GLU A 478 -2.49 9.01 -31.22
CA GLU A 478 -1.34 9.26 -32.09
C GLU A 478 -1.40 10.61 -32.79
N PHE A 479 -2.61 11.07 -33.08
CA PHE A 479 -2.82 12.29 -33.86
C PHE A 479 -3.58 13.33 -33.07
N ASP A 480 -2.82 14.33 -32.62
CA ASP A 480 -3.35 15.38 -31.77
C ASP A 480 -4.52 16.13 -32.41
N ILE A 481 -4.52 16.25 -33.74
CA ILE A 481 -5.60 17.00 -34.38
C ILE A 481 -7.00 16.43 -34.08
N ILE A 482 -7.08 15.14 -33.77
CA ILE A 482 -8.39 14.55 -33.42
C ILE A 482 -8.98 15.22 -32.20
N THR A 483 -8.12 15.63 -31.27
CA THR A 483 -8.51 16.34 -30.06
C THR A 483 -8.61 17.88 -30.23
N THR A 484 -7.65 18.48 -30.92
CA THR A 484 -7.52 19.95 -30.96
C THR A 484 -8.11 20.64 -32.19
N GLY A 485 -8.32 19.90 -33.28
CA GLY A 485 -8.85 20.49 -34.50
C GLY A 485 -10.27 20.97 -34.30
N ASP A 486 -10.68 22.04 -34.99
CA ASP A 486 -12.07 22.44 -34.91
C ASP A 486 -12.92 21.48 -35.74
N TYR A 487 -14.18 21.81 -35.93
CA TYR A 487 -15.08 20.99 -36.71
C TYR A 487 -15.72 21.87 -37.76
N GLN A 488 -15.79 21.37 -38.99
CA GLN A 488 -16.42 22.10 -40.07
C GLN A 488 -17.24 21.18 -40.94
N LEU A 489 -18.55 21.33 -40.84
CA LEU A 489 -19.48 20.58 -41.69
C LEU A 489 -19.35 21.01 -43.13
N ILE A 490 -19.39 20.06 -44.07
CA ILE A 490 -19.52 20.34 -45.49
C ILE A 490 -20.60 19.44 -46.05
N LEU A 491 -21.06 19.72 -47.27
CA LEU A 491 -22.15 18.99 -47.92
C LEU A 491 -23.34 18.82 -46.98
N GLU A 492 -23.77 19.94 -46.41
CA GLU A 492 -24.79 19.93 -45.36
C GLU A 492 -26.12 19.32 -45.81
N ASP A 493 -26.52 19.65 -47.02
CA ASP A 493 -27.81 19.21 -47.54
C ASP A 493 -27.75 17.88 -48.29
N ASP A 494 -26.58 17.24 -48.32
CA ASP A 494 -26.45 16.01 -49.09
C ASP A 494 -27.30 14.91 -48.48
N GLN A 495 -28.00 14.15 -49.32
CA GLN A 495 -28.99 13.20 -48.83
C GLN A 495 -28.38 11.88 -48.43
N GLU A 496 -27.10 11.68 -48.77
CA GLU A 496 -26.42 10.43 -48.43
C GLU A 496 -25.08 10.57 -47.73
N LEU A 497 -24.38 11.68 -47.97
CA LEU A 497 -23.04 11.82 -47.41
C LEU A 497 -23.02 12.64 -46.13
N TYR A 498 -22.21 12.19 -45.17
CA TYR A 498 -21.91 12.97 -43.99
C TYR A 498 -20.42 13.19 -44.04
N ALA A 499 -20.04 14.42 -44.36
CA ALA A 499 -18.64 14.74 -44.55
C ALA A 499 -18.33 16.01 -43.78
N TYR A 500 -17.13 16.06 -43.23
CA TYR A 500 -16.71 17.24 -42.48
C TYR A 500 -15.20 17.32 -42.41
N LEU A 501 -14.70 18.47 -41.98
CA LEU A 501 -13.28 18.63 -41.79
C LEU A 501 -13.00 18.87 -40.34
N ARG A 502 -11.80 18.50 -39.90
CA ARG A 502 -11.27 18.96 -38.62
C ARG A 502 -10.07 19.82 -38.99
N ASN A 503 -10.11 21.12 -38.68
CA ASN A 503 -9.03 22.03 -39.08
C ASN A 503 -8.02 22.29 -37.97
N GLY A 504 -6.74 22.06 -38.27
CA GLY A 504 -5.66 22.32 -37.34
C GLY A 504 -4.66 23.34 -37.89
N ALA A 505 -3.41 23.24 -37.43
CA ALA A 505 -2.36 24.17 -37.86
C ALA A 505 -1.59 23.56 -39.02
N ASP A 506 -1.85 24.06 -40.23
CA ASP A 506 -1.25 23.47 -41.43
C ASP A 506 -1.51 21.97 -41.49
N GLU A 507 -2.65 21.57 -40.96
CA GLU A 507 -3.01 20.17 -40.87
C GLU A 507 -4.54 20.10 -40.83
N LYS A 508 -5.10 19.12 -41.54
CA LYS A 508 -6.55 18.91 -41.57
C LYS A 508 -6.89 17.44 -41.62
N LEU A 509 -8.06 17.09 -41.10
CA LEU A 509 -8.68 15.81 -41.42
C LEU A 509 -9.87 16.11 -42.33
N LEU A 510 -9.99 15.35 -43.41
CA LEU A 510 -11.23 15.35 -44.19
C LEU A 510 -11.90 13.99 -44.00
N VAL A 511 -13.11 14.00 -43.44
CA VAL A 511 -13.83 12.79 -43.10
C VAL A 511 -15.05 12.64 -44.00
N ILE A 512 -15.12 11.54 -44.73
CA ILE A 512 -16.20 11.32 -45.70
C ILE A 512 -16.93 10.00 -45.41
N ASN A 513 -18.23 10.09 -45.12
CA ASN A 513 -19.00 8.90 -44.78
C ASN A 513 -20.27 8.77 -45.61
N ASN A 514 -20.43 7.66 -46.31
CA ASN A 514 -21.70 7.38 -46.97
C ASN A 514 -22.63 6.71 -45.97
N PHE A 515 -23.76 7.35 -45.67
CA PHE A 515 -24.67 6.76 -44.67
C PHE A 515 -25.67 5.79 -45.28
N TYR A 516 -25.56 5.52 -46.58
CA TYR A 516 -26.51 4.63 -47.22
C TYR A 516 -25.79 3.65 -48.14
N GLY A 517 -26.55 2.73 -48.74
CA GLY A 517 -25.99 1.66 -49.54
C GLY A 517 -25.95 1.92 -51.03
N LYS A 518 -25.96 3.19 -51.44
CA LYS A 518 -25.88 3.51 -52.87
C LYS A 518 -24.58 4.22 -53.18
N GLU A 519 -24.20 4.20 -54.47
CA GLU A 519 -23.06 4.99 -54.95
C GLU A 519 -23.48 6.43 -55.08
N THR A 520 -22.58 7.35 -54.74
CA THR A 520 -22.86 8.78 -54.84
C THR A 520 -21.57 9.51 -55.07
N GLU A 521 -21.69 10.71 -55.62
CA GLU A 521 -20.53 11.53 -55.89
C GLU A 521 -20.12 12.39 -54.68
N PHE A 522 -18.85 12.36 -54.34
CA PHE A 522 -18.30 13.38 -53.46
C PHE A 522 -17.57 14.41 -54.33
N GLN A 523 -17.75 15.69 -54.03
CA GLN A 523 -16.89 16.71 -54.62
C GLN A 523 -16.54 17.72 -53.55
N LEU A 524 -15.26 18.02 -53.39
CA LEU A 524 -14.87 18.95 -52.32
C LEU A 524 -15.34 20.38 -52.64
N PRO A 525 -16.02 21.03 -51.70
CA PRO A 525 -16.52 22.38 -52.01
C PRO A 525 -15.39 23.38 -52.33
N ASP A 526 -15.69 24.36 -53.19
CA ASP A 526 -14.67 25.31 -53.63
C ASP A 526 -14.06 26.12 -52.47
N ASP A 527 -14.85 26.39 -51.44
CA ASP A 527 -14.36 27.21 -50.32
C ASP A 527 -13.47 26.45 -49.32
N ILE A 528 -13.13 25.21 -49.62
CA ILE A 528 -12.19 24.46 -48.79
C ILE A 528 -10.77 24.72 -49.30
N ASP A 529 -9.97 25.40 -48.50
CA ASP A 529 -8.64 25.81 -48.93
C ASP A 529 -7.59 24.78 -48.55
N ILE A 530 -7.16 23.99 -49.54
CA ILE A 530 -6.16 22.98 -49.27
C ILE A 530 -4.95 23.08 -50.20
N GLU A 531 -4.71 24.29 -50.72
CA GLU A 531 -3.54 24.54 -51.56
C GLU A 531 -2.29 24.27 -50.75
N GLY A 532 -1.38 23.50 -51.32
CA GLY A 532 -0.13 23.17 -50.66
C GLY A 532 -0.22 22.02 -49.68
N TYR A 533 -1.40 21.41 -49.56
CA TYR A 533 -1.58 20.28 -48.62
C TYR A 533 -1.38 18.94 -49.30
N ASP A 534 -0.60 18.05 -48.70
CA ASP A 534 -0.50 16.68 -49.20
C ASP A 534 -1.45 15.76 -48.43
N ALA A 535 -2.06 14.83 -49.16
CA ALA A 535 -3.09 13.94 -48.62
C ALA A 535 -2.59 12.51 -48.45
N LYS A 536 -2.98 11.88 -47.34
CA LYS A 536 -2.74 10.48 -47.09
C LYS A 536 -3.95 9.91 -46.35
N VAL A 537 -4.27 8.65 -46.63
CA VAL A 537 -5.37 7.99 -45.95
C VAL A 537 -5.01 7.72 -44.51
N LEU A 538 -5.84 8.19 -43.58
CA LEU A 538 -5.62 7.92 -42.15
C LEU A 538 -6.27 6.59 -41.79
N ILE A 539 -7.50 6.40 -42.24
CA ILE A 539 -8.20 5.14 -42.00
C ILE A 539 -9.35 5.06 -43.01
N SER A 540 -9.67 3.85 -43.44
CA SER A 540 -10.73 3.63 -44.42
C SER A 540 -11.35 2.28 -44.15
N ASN A 541 -12.61 2.10 -44.53
CA ASN A 541 -13.23 0.79 -44.43
C ASN A 541 -13.28 0.04 -45.76
N ASP A 542 -12.57 0.55 -46.77
CA ASP A 542 -12.63 -0.02 -48.12
C ASP A 542 -11.31 0.22 -48.83
N THR A 543 -10.72 -0.84 -49.39
CA THR A 543 -9.45 -0.70 -50.11
C THR A 543 -9.59 -0.02 -51.48
N ASP A 544 -10.80 0.09 -51.98
CA ASP A 544 -11.08 0.80 -53.23
C ASP A 544 -10.96 2.31 -52.99
N LEU A 545 -9.74 2.83 -53.15
CA LEU A 545 -9.45 4.23 -52.86
C LEU A 545 -9.44 5.06 -54.13
N PRO A 546 -10.01 6.28 -54.04
CA PRO A 546 -10.15 7.21 -55.17
C PRO A 546 -8.78 7.67 -55.66
N GLU A 547 -8.66 7.89 -56.97
CA GLU A 547 -7.43 8.51 -57.49
C GLU A 547 -7.28 9.92 -56.92
N SER A 548 -8.40 10.63 -56.80
CA SER A 548 -8.38 11.96 -56.22
C SER A 548 -9.56 12.16 -55.29
N PHE A 549 -9.29 12.58 -54.06
CA PHE A 549 -10.38 12.79 -53.10
C PHE A 549 -11.21 14.01 -53.44
N LYS A 550 -10.74 14.85 -54.36
CA LYS A 550 -11.43 16.08 -54.66
C LYS A 550 -12.75 15.85 -55.41
N ARG A 551 -12.86 14.73 -56.11
CA ARG A 551 -14.10 14.36 -56.76
C ARG A 551 -14.03 12.88 -57.08
N PHE A 552 -14.96 12.12 -56.52
CA PHE A 552 -14.95 10.68 -56.76
C PHE A 552 -16.29 10.08 -56.39
N THR A 553 -16.51 8.87 -56.87
CA THR A 553 -17.73 8.15 -56.60
C THR A 553 -17.57 7.36 -55.31
N VAL A 554 -18.38 7.70 -54.32
CA VAL A 554 -18.35 7.04 -53.02
C VAL A 554 -19.17 5.74 -53.11
N LYS A 555 -18.55 4.64 -52.71
CA LYS A 555 -19.16 3.29 -52.69
C LYS A 555 -20.19 3.18 -51.57
N PRO A 556 -21.08 2.17 -51.64
CA PRO A 556 -22.03 1.92 -50.54
C PRO A 556 -21.34 1.84 -49.19
N TYR A 557 -21.85 2.60 -48.23
CA TYR A 557 -21.30 2.68 -46.87
C TYR A 557 -19.80 2.87 -46.76
N GLN A 558 -19.19 3.47 -47.78
CA GLN A 558 -17.76 3.75 -47.75
C GLN A 558 -17.45 4.83 -46.72
N SER A 559 -16.34 4.66 -46.01
CA SER A 559 -15.93 5.66 -45.01
C SER A 559 -14.45 5.89 -45.22
N ILE A 560 -14.03 7.12 -45.44
CA ILE A 560 -12.60 7.41 -45.60
C ILE A 560 -12.20 8.66 -44.81
N VAL A 561 -11.05 8.59 -44.14
CA VAL A 561 -10.50 9.79 -43.51
C VAL A 561 -9.16 10.09 -44.16
N TYR A 562 -8.99 11.32 -44.63
CA TYR A 562 -7.73 11.79 -45.18
C TYR A 562 -7.01 12.68 -44.18
N HIS A 563 -5.72 12.44 -43.99
CA HIS A 563 -4.88 13.35 -43.22
C HIS A 563 -4.21 14.30 -44.21
N LEU A 564 -4.52 15.60 -44.09
CA LEU A 564 -3.93 16.60 -44.96
C LEU A 564 -2.87 17.38 -44.18
N ALA A 565 -1.65 17.44 -44.71
CA ALA A 565 -0.57 18.17 -44.04
C ALA A 565 0.18 19.05 -45.03
N LYS A 566 0.54 20.24 -44.57
CA LYS A 566 1.20 21.25 -45.40
C LYS A 566 2.69 21.30 -45.08
N ASN B 12 -36.53 11.57 21.77
CA ASN B 12 -35.60 10.56 22.26
C ASN B 12 -36.02 9.12 21.97
N PRO B 13 -35.04 8.26 21.66
CA PRO B 13 -35.28 6.83 21.42
C PRO B 13 -35.95 6.17 22.65
N TRP B 14 -36.74 5.11 22.48
CA TRP B 14 -37.41 4.48 23.63
C TRP B 14 -36.43 3.97 24.69
N TRP B 15 -35.20 3.69 24.28
CA TRP B 15 -34.25 3.01 25.15
C TRP B 15 -33.44 3.94 26.06
N LYS B 16 -33.54 5.26 25.84
CA LYS B 16 -32.73 6.21 26.61
C LYS B 16 -33.19 6.24 28.07
N LYS B 17 -34.50 6.16 28.28
CA LYS B 17 -35.08 6.19 29.62
C LYS B 17 -35.60 4.83 30.07
N ALA B 18 -35.21 3.79 29.33
CA ALA B 18 -35.64 2.43 29.65
C ALA B 18 -34.90 1.87 30.86
N VAL B 19 -35.50 0.86 31.48
CA VAL B 19 -34.77 0.02 32.41
C VAL B 19 -34.92 -1.41 31.94
N VAL B 20 -33.78 -2.10 31.82
CA VAL B 20 -33.75 -3.45 31.25
C VAL B 20 -33.67 -4.47 32.39
N TYR B 21 -34.47 -5.54 32.29
CA TYR B 21 -34.40 -6.64 33.24
C TYR B 21 -33.69 -7.80 32.57
N GLN B 22 -32.56 -8.23 33.12
CA GLN B 22 -31.80 -9.29 32.50
C GLN B 22 -32.23 -10.66 33.04
N ILE B 23 -32.65 -11.54 32.16
CA ILE B 23 -33.13 -12.87 32.54
C ILE B 23 -32.15 -13.95 32.09
N TYR B 24 -31.82 -14.86 33.02
CA TYR B 24 -31.02 -16.04 32.73
C TYR B 24 -32.00 -17.23 32.85
N PRO B 25 -32.59 -17.63 31.71
CA PRO B 25 -33.82 -18.42 31.72
C PRO B 25 -33.74 -19.72 32.51
N LYS B 26 -32.59 -20.39 32.48
CA LYS B 26 -32.50 -21.67 33.13
C LYS B 26 -32.75 -21.58 34.63
N SER B 27 -32.58 -20.38 35.20
CA SER B 27 -32.72 -20.21 36.65
C SER B 27 -33.81 -19.22 37.04
N PHE B 28 -34.70 -18.91 36.11
CA PHE B 28 -35.73 -17.91 36.37
C PHE B 28 -37.01 -18.55 36.90
N LYS B 29 -37.68 -19.33 36.06
CA LYS B 29 -38.89 -20.03 36.50
C LYS B 29 -39.15 -21.32 35.71
N ASP B 30 -39.25 -22.44 36.41
CA ASP B 30 -39.56 -23.73 35.79
C ASP B 30 -41.05 -24.01 35.87
N THR B 31 -41.68 -24.25 34.72
CA THR B 31 -43.10 -24.59 34.69
C THR B 31 -43.35 -26.03 34.30
N THR B 32 -42.30 -26.75 33.89
CA THR B 32 -42.44 -28.11 33.36
C THR B 32 -42.07 -29.19 34.39
N GLY B 33 -41.38 -28.79 35.44
CA GLY B 33 -41.03 -29.72 36.50
C GLY B 33 -39.69 -30.41 36.34
N ASN B 34 -38.98 -30.13 35.24
CA ASN B 34 -37.67 -30.74 35.02
C ASN B 34 -36.54 -30.06 35.80
N GLY B 35 -36.90 -29.05 36.59
CA GLY B 35 -35.91 -28.34 37.40
C GLY B 35 -35.08 -27.30 36.67
N VAL B 36 -35.42 -27.04 35.41
CA VAL B 36 -34.72 -26.04 34.60
C VAL B 36 -35.75 -25.00 34.16
N GLY B 37 -35.38 -23.71 34.22
CA GLY B 37 -36.29 -22.64 33.86
C GLY B 37 -36.66 -22.74 32.39
N ASP B 38 -37.81 -22.19 32.01
CA ASP B 38 -38.26 -22.28 30.63
C ASP B 38 -39.00 -21.03 30.18
N ILE B 39 -39.18 -20.90 28.87
CA ILE B 39 -39.82 -19.72 28.30
C ILE B 39 -41.24 -19.50 28.86
N ARG B 40 -42.00 -20.57 29.08
CA ARG B 40 -43.33 -20.44 29.68
C ARG B 40 -43.23 -19.81 31.08
N GLY B 41 -42.12 -20.05 31.77
CA GLY B 41 -41.88 -19.44 33.06
C GLY B 41 -41.76 -17.93 32.95
N ILE B 42 -41.04 -17.47 31.94
CA ILE B 42 -40.91 -16.04 31.69
C ILE B 42 -42.28 -15.43 31.42
N ILE B 43 -43.06 -16.09 30.56
CA ILE B 43 -44.39 -15.57 30.23
C ILE B 43 -45.25 -15.37 31.47
N GLU B 44 -45.15 -16.32 32.41
CA GLU B 44 -45.99 -16.26 33.59
C GLU B 44 -45.61 -15.13 34.54
N LYS B 45 -44.39 -14.60 34.40
CA LYS B 45 -43.89 -13.58 35.30
C LYS B 45 -43.85 -12.20 34.64
N LEU B 46 -44.51 -12.05 33.50
CA LEU B 46 -44.53 -10.75 32.83
C LEU B 46 -45.20 -9.66 33.67
N ASP B 47 -46.25 -10.01 34.41
CA ASP B 47 -46.90 -9.01 35.25
C ASP B 47 -45.99 -8.55 36.39
N TYR B 48 -45.25 -9.50 36.97
CA TYR B 48 -44.23 -9.16 37.97
C TYR B 48 -43.19 -8.17 37.40
N ILE B 49 -42.61 -8.52 36.25
CA ILE B 49 -41.63 -7.66 35.61
C ILE B 49 -42.24 -6.27 35.31
N LYS B 50 -43.47 -6.25 34.79
CA LYS B 50 -44.15 -4.96 34.57
C LYS B 50 -44.32 -4.18 35.88
N GLU B 51 -44.66 -4.88 36.95
CA GLU B 51 -44.85 -4.24 38.25
C GLU B 51 -43.55 -3.61 38.75
N LEU B 52 -42.43 -4.21 38.38
CA LEU B 52 -41.12 -3.70 38.77
C LEU B 52 -40.84 -2.40 38.00
N ALA B 53 -41.65 -2.14 36.97
CA ALA B 53 -41.55 -0.99 36.06
C ALA B 53 -40.31 -1.05 35.17
N CYS B 54 -39.87 -2.27 34.85
CA CYS B 54 -38.93 -2.44 33.75
C CYS B 54 -39.75 -2.42 32.48
N ASP B 55 -39.16 -1.92 31.40
CA ASP B 55 -39.86 -1.95 30.11
C ASP B 55 -39.11 -2.70 29.02
N VAL B 56 -38.04 -3.40 29.41
CA VAL B 56 -37.29 -4.24 28.47
C VAL B 56 -36.86 -5.51 29.18
N ILE B 57 -37.04 -6.65 28.52
CA ILE B 57 -36.47 -7.89 29.01
C ILE B 57 -35.31 -8.31 28.09
N TRP B 58 -34.23 -8.78 28.70
CA TRP B 58 -33.09 -9.23 27.92
C TRP B 58 -32.85 -10.70 28.26
N LEU B 59 -33.00 -11.59 27.28
CA LEU B 59 -32.69 -13.01 27.51
C LEU B 59 -31.25 -13.36 27.13
N THR B 60 -30.54 -14.03 28.04
CA THR B 60 -29.26 -14.64 27.69
C THR B 60 -29.50 -15.77 26.65
N PRO B 61 -28.44 -16.34 26.06
CA PRO B 61 -28.68 -17.24 24.92
C PRO B 61 -29.61 -18.42 25.16
N ILE B 62 -30.59 -18.58 24.29
CA ILE B 62 -31.50 -19.74 24.35
C ILE B 62 -31.51 -20.52 23.03
N TYR B 63 -30.51 -20.26 22.18
CA TYR B 63 -30.43 -20.93 20.88
C TYR B 63 -29.99 -22.38 21.00
N GLN B 64 -30.23 -23.14 19.94
CA GLN B 64 -29.75 -24.52 19.86
C GLN B 64 -28.25 -24.54 20.10
N SER B 65 -27.83 -25.49 20.94
CA SER B 65 -26.47 -25.50 21.44
C SER B 65 -26.23 -26.82 22.14
N PRO B 66 -25.01 -27.35 22.01
CA PRO B 66 -24.58 -28.54 22.75
C PRO B 66 -24.50 -28.24 24.25
N GLN B 67 -24.42 -26.96 24.60
CA GLN B 67 -24.20 -26.53 25.98
C GLN B 67 -22.82 -26.95 26.49
N ASN B 68 -21.82 -26.93 25.62
CA ASN B 68 -20.43 -27.10 26.07
C ASN B 68 -19.96 -25.84 26.78
N ASP B 69 -20.63 -24.72 26.51
CA ASP B 69 -20.22 -23.43 27.06
C ASP B 69 -21.42 -22.54 27.41
N ASN B 70 -22.32 -23.11 28.21
CA ASN B 70 -23.49 -22.41 28.73
C ASN B 70 -24.29 -21.67 27.66
N GLY B 71 -24.36 -22.25 26.46
CA GLY B 71 -25.19 -21.71 25.40
C GLY B 71 -24.58 -20.60 24.59
N TYR B 72 -23.34 -20.24 24.89
CA TYR B 72 -22.62 -19.30 24.04
C TYR B 72 -21.88 -20.02 22.92
N ASP B 73 -22.08 -21.34 22.86
CA ASP B 73 -21.60 -22.16 21.75
C ASP B 73 -22.80 -22.59 20.93
N ILE B 74 -23.14 -21.79 19.93
CA ILE B 74 -24.41 -21.92 19.23
C ILE B 74 -24.27 -22.82 18.00
N SER B 75 -25.16 -23.80 17.86
CA SER B 75 -25.10 -24.75 16.75
C SER B 75 -26.11 -24.41 15.67
N ASP B 76 -27.11 -23.59 16.03
CA ASP B 76 -28.11 -23.12 15.08
C ASP B 76 -28.76 -21.84 15.59
N TYR B 77 -28.54 -20.73 14.87
CA TYR B 77 -29.08 -19.44 15.27
C TYR B 77 -30.57 -19.28 14.98
N TYR B 78 -31.15 -20.23 14.27
CA TYR B 78 -32.53 -20.08 13.84
C TYR B 78 -33.50 -20.87 14.68
N SER B 79 -32.99 -21.63 15.64
CA SER B 79 -33.88 -22.43 16.48
C SER B 79 -33.51 -22.36 17.96
N ILE B 80 -34.46 -22.80 18.79
CA ILE B 80 -34.37 -22.66 20.22
C ILE B 80 -34.06 -23.97 20.94
N HIS B 81 -33.12 -23.93 21.89
CA HIS B 81 -32.79 -25.09 22.72
C HIS B 81 -34.05 -25.69 23.35
N GLU B 82 -34.32 -26.94 23.03
CA GLU B 82 -35.63 -27.57 23.31
C GLU B 82 -36.02 -27.57 24.79
N GLU B 83 -35.03 -27.66 25.66
CA GLU B 83 -35.24 -27.64 27.11
C GLU B 83 -35.99 -26.38 27.56
N TYR B 84 -35.79 -25.28 26.84
CA TYR B 84 -36.35 -23.98 27.24
C TYR B 84 -37.76 -23.82 26.70
N GLY B 85 -38.10 -24.60 25.68
CA GLY B 85 -39.41 -24.54 25.07
C GLY B 85 -39.31 -24.42 23.57
N THR B 86 -40.44 -24.09 22.94
CA THR B 86 -40.54 -24.11 21.49
C THR B 86 -40.54 -22.71 20.89
N MET B 87 -40.43 -22.61 19.56
CA MET B 87 -40.53 -21.32 18.89
C MET B 87 -41.87 -20.68 19.15
N ALA B 88 -42.92 -21.50 19.20
CA ALA B 88 -44.26 -20.99 19.49
C ALA B 88 -44.29 -20.36 20.87
N ASP B 89 -43.55 -20.95 21.81
CA ASP B 89 -43.46 -20.39 23.16
C ASP B 89 -42.81 -19.01 23.10
N PHE B 90 -41.72 -18.91 22.33
CA PHE B 90 -40.99 -17.65 22.19
C PHE B 90 -41.86 -16.58 21.55
N GLU B 91 -42.61 -17.00 20.54
CA GLU B 91 -43.52 -16.09 19.84
C GLU B 91 -44.65 -15.58 20.73
N GLU B 92 -45.16 -16.45 21.60
CA GLU B 92 -46.13 -16.01 22.59
C GLU B 92 -45.49 -15.04 23.58
N LEU B 93 -44.22 -15.25 23.92
CA LEU B 93 -43.52 -14.37 24.85
C LEU B 93 -43.45 -12.97 24.28
N LEU B 94 -43.01 -12.86 23.02
CA LEU B 94 -42.90 -11.57 22.35
C LEU B 94 -44.24 -10.82 22.37
N GLU B 95 -45.30 -11.52 21.95
CA GLU B 95 -46.62 -10.87 21.90
C GLU B 95 -47.14 -10.51 23.30
N GLU B 96 -46.92 -11.38 24.28
CA GLU B 96 -47.39 -11.09 25.64
C GLU B 96 -46.56 -9.97 26.27
N ALA B 97 -45.28 -9.90 25.94
CA ALA B 97 -44.44 -8.81 26.43
C ALA B 97 -44.87 -7.47 25.80
N HIS B 98 -45.07 -7.46 24.48
CA HIS B 98 -45.48 -6.23 23.77
C HIS B 98 -46.85 -5.74 24.23
N LYS B 99 -47.76 -6.68 24.45
CA LYS B 99 -49.09 -6.37 25.00
C LYS B 99 -49.00 -5.56 26.31
N ARG B 100 -47.91 -5.74 27.06
CA ARG B 100 -47.71 -5.03 28.32
C ARG B 100 -46.75 -3.84 28.21
N GLY B 101 -46.38 -3.51 26.98
CA GLY B 101 -45.50 -2.39 26.72
C GLY B 101 -44.05 -2.73 27.06
N ILE B 102 -43.74 -4.03 27.01
CA ILE B 102 -42.39 -4.50 27.32
C ILE B 102 -41.71 -4.98 26.03
N LYS B 103 -40.52 -4.43 25.75
CA LYS B 103 -39.70 -4.87 24.63
C LYS B 103 -38.81 -6.06 25.02
N VAL B 104 -38.26 -6.74 24.02
CA VAL B 104 -37.49 -7.96 24.26
C VAL B 104 -36.23 -7.95 23.43
N ILE B 105 -35.07 -8.09 24.06
CA ILE B 105 -33.84 -8.15 23.28
C ILE B 105 -33.18 -9.49 23.52
N MET B 106 -32.42 -9.96 22.54
CA MET B 106 -31.77 -11.26 22.66
C MET B 106 -30.26 -11.09 22.69
N ASP B 107 -29.57 -12.13 23.12
CA ASP B 107 -28.12 -12.20 23.05
C ASP B 107 -27.67 -12.57 21.66
N LEU B 108 -26.86 -11.70 21.03
CA LEU B 108 -26.29 -12.00 19.71
C LEU B 108 -24.84 -12.43 19.91
N VAL B 109 -24.57 -13.71 19.66
CA VAL B 109 -23.25 -14.28 19.85
C VAL B 109 -22.65 -14.62 18.48
N VAL B 110 -21.95 -13.67 17.89
CA VAL B 110 -21.49 -13.87 16.53
C VAL B 110 -19.99 -13.69 16.37
N ASN B 111 -19.24 -13.69 17.46
CA ASN B 111 -17.79 -13.73 17.30
C ASN B 111 -17.36 -15.14 16.90
N HIS B 112 -18.14 -16.11 17.35
CA HIS B 112 -17.77 -17.50 17.18
C HIS B 112 -19.04 -18.33 17.17
N THR B 113 -18.95 -19.55 16.67
CA THR B 113 -20.07 -20.49 16.71
C THR B 113 -19.61 -21.75 17.41
N SER B 114 -20.54 -22.63 17.74
CA SER B 114 -20.15 -23.97 18.17
C SER B 114 -19.41 -24.62 17.02
N THR B 115 -18.52 -25.57 17.33
CA THR B 115 -17.88 -26.36 16.28
C THR B 115 -18.86 -27.42 15.75
N GLU B 116 -20.03 -27.50 16.37
CA GLU B 116 -21.08 -28.38 15.87
C GLU B 116 -22.06 -27.64 14.96
N HIS B 117 -21.76 -26.37 14.68
CA HIS B 117 -22.56 -25.62 13.70
C HIS B 117 -22.22 -26.16 12.30
N ARG B 118 -23.24 -26.27 11.43
CA ARG B 118 -23.04 -26.82 10.09
C ARG B 118 -21.89 -26.16 9.32
N TRP B 119 -21.81 -24.84 9.41
CA TRP B 119 -20.75 -24.09 8.76
C TRP B 119 -19.39 -24.66 9.12
N PHE B 120 -19.23 -25.00 10.39
CA PHE B 120 -17.95 -25.51 10.85
C PHE B 120 -17.75 -26.96 10.47
N LYS B 121 -18.80 -27.76 10.53
CA LYS B 121 -18.71 -29.15 10.08
C LYS B 121 -18.22 -29.12 8.63
N GLU B 122 -18.87 -28.30 7.82
CA GLU B 122 -18.47 -28.14 6.43
C GLU B 122 -17.04 -27.66 6.33
N ALA B 123 -16.73 -26.53 6.97
CA ALA B 123 -15.41 -25.92 6.87
C ALA B 123 -14.30 -26.89 7.30
N ALA B 124 -14.52 -27.55 8.44
CA ALA B 124 -13.57 -28.54 8.95
C ALA B 124 -13.21 -29.64 7.95
N SER B 125 -14.17 -30.02 7.11
CA SER B 125 -14.07 -31.22 6.28
C SER B 125 -13.18 -31.14 5.03
N GLY B 126 -12.61 -29.97 4.73
CA GLY B 126 -11.71 -29.85 3.59
C GLY B 126 -11.23 -28.44 3.28
N LYS B 127 -9.94 -28.30 2.97
CA LYS B 127 -9.36 -27.01 2.61
C LYS B 127 -10.12 -26.33 1.47
N GLU B 128 -10.74 -27.16 0.61
CA GLU B 128 -11.46 -26.67 -0.55
C GLU B 128 -12.97 -26.62 -0.33
N ASN B 129 -13.41 -26.85 0.90
CA ASN B 129 -14.84 -26.76 1.17
C ASN B 129 -15.30 -25.31 1.01
N LEU B 130 -16.54 -25.14 0.56
CA LEU B 130 -17.05 -23.80 0.28
C LEU B 130 -17.21 -22.98 1.56
N TYR B 131 -17.32 -23.66 2.70
CA TYR B 131 -17.46 -22.95 3.99
C TYR B 131 -16.13 -22.73 4.71
N ARG B 132 -15.03 -23.15 4.07
CA ARG B 132 -13.70 -23.13 4.69
C ARG B 132 -13.33 -21.80 5.27
N ASP B 133 -13.47 -20.74 4.47
CA ASP B 133 -13.04 -19.41 4.91
C ASP B 133 -14.03 -18.74 5.88
N PHE B 134 -15.07 -19.46 6.29
CA PHE B 134 -15.98 -18.95 7.34
C PHE B 134 -15.28 -18.87 8.69
N TYR B 135 -14.19 -19.63 8.86
CA TYR B 135 -13.40 -19.59 10.10
C TYR B 135 -11.96 -19.16 9.85
N ILE B 136 -11.13 -19.16 10.89
CA ILE B 136 -9.79 -18.59 10.77
C ILE B 136 -8.74 -19.68 10.86
N TRP B 137 -8.21 -20.08 9.70
CA TRP B 137 -7.26 -21.19 9.58
C TRP B 137 -5.83 -20.69 9.31
N LYS B 138 -4.86 -21.26 10.01
CA LYS B 138 -3.45 -20.94 9.75
C LYS B 138 -2.59 -22.20 9.79
N ASP B 139 -1.42 -22.13 9.16
CA ASP B 139 -0.49 -23.25 9.14
C ASP B 139 0.40 -23.24 10.38
N MET B 140 0.93 -24.42 10.70
CA MET B 140 1.98 -24.55 11.70
C MET B 140 3.16 -23.72 11.24
N LYS B 141 3.90 -23.15 12.19
CA LYS B 141 5.14 -22.46 11.83
C LYS B 141 6.25 -23.50 11.56
N PRO B 142 7.20 -23.15 10.67
CA PRO B 142 8.31 -24.04 10.28
C PRO B 142 9.13 -24.63 11.43
N ASN B 143 8.86 -24.18 12.66
CA ASN B 143 9.52 -24.72 13.85
C ASN B 143 8.57 -25.54 14.72
N GLY B 144 7.44 -25.94 14.15
CA GLY B 144 6.47 -26.75 14.88
C GLY B 144 5.57 -25.96 15.81
N ALA B 145 5.86 -24.66 15.95
CA ALA B 145 5.10 -23.78 16.83
C ALA B 145 3.68 -23.49 16.31
N PRO B 146 2.75 -23.12 17.22
CA PRO B 146 1.42 -22.68 16.80
C PRO B 146 1.53 -21.40 15.97
N PRO B 147 0.52 -21.09 15.12
CA PRO B 147 0.61 -19.93 14.23
C PRO B 147 0.95 -18.63 14.96
N THR B 148 0.40 -18.44 16.17
CA THR B 148 0.80 -17.31 17.02
C THR B 148 0.98 -17.75 18.47
N ASN B 149 1.57 -16.89 19.29
CA ASN B 149 1.71 -17.15 20.72
C ASN B 149 0.49 -16.71 21.54
N TRP B 150 -0.62 -16.39 20.86
CA TRP B 150 -1.84 -15.92 21.51
C TRP B 150 -2.50 -17.00 22.35
N GLU B 151 -2.83 -16.66 23.60
CA GLU B 151 -3.54 -17.62 24.44
C GLU B 151 -5.05 -17.44 24.35
N SER B 152 -5.77 -18.54 24.53
CA SER B 152 -7.21 -18.50 24.62
C SER B 152 -7.62 -17.87 25.94
N LYS B 153 -8.79 -17.24 25.98
CA LYS B 153 -9.32 -16.70 27.23
C LYS B 153 -9.65 -17.83 28.21
N PHE B 154 -9.74 -19.06 27.72
CA PHE B 154 -9.97 -20.21 28.59
C PHE B 154 -8.67 -20.82 29.10
N GLY B 155 -7.56 -20.14 28.83
CA GLY B 155 -6.24 -20.67 29.18
C GLY B 155 -5.75 -21.62 28.11
N GLY B 156 -4.44 -21.61 27.85
CA GLY B 156 -3.88 -22.46 26.81
C GLY B 156 -3.90 -21.74 25.48
N SER B 157 -3.38 -22.40 24.43
CA SER B 157 -3.27 -21.77 23.11
C SER B 157 -4.65 -21.44 22.49
N ALA B 158 -4.71 -20.31 21.80
CA ALA B 158 -5.93 -19.90 21.10
C ALA B 158 -6.04 -20.55 19.72
N TRP B 159 -5.06 -21.41 19.40
CA TRP B 159 -5.08 -22.18 18.17
C TRP B 159 -5.22 -23.67 18.48
N GLU B 160 -6.20 -24.29 17.84
CA GLU B 160 -6.43 -25.73 17.99
C GLU B 160 -6.13 -26.40 16.67
N PHE B 161 -5.22 -27.37 16.69
CA PHE B 161 -4.84 -28.07 15.47
C PHE B 161 -5.90 -29.08 15.01
N HIS B 162 -6.25 -29.04 13.72
CA HIS B 162 -7.21 -29.96 13.13
C HIS B 162 -6.45 -30.81 12.11
N ALA B 163 -5.87 -31.91 12.59
CA ALA B 163 -4.93 -32.72 11.80
C ALA B 163 -5.47 -33.28 10.49
N GLU B 164 -6.78 -33.52 10.41
CA GLU B 164 -7.37 -34.03 9.17
C GLU B 164 -7.17 -33.06 8.00
N SER B 165 -7.39 -31.76 8.26
CA SER B 165 -7.20 -30.76 7.22
C SER B 165 -5.78 -30.18 7.28
N GLY B 166 -5.09 -30.39 8.40
CA GLY B 166 -3.70 -29.98 8.52
C GLY B 166 -3.44 -28.51 8.83
N GLN B 167 -4.41 -27.86 9.48
CA GLN B 167 -4.24 -26.47 9.92
C GLN B 167 -4.84 -26.27 11.31
N TYR B 168 -4.51 -25.15 11.94
CA TYR B 168 -5.12 -24.78 13.21
C TYR B 168 -6.31 -23.87 12.93
N TYR B 169 -7.32 -23.92 13.78
CA TYR B 169 -8.33 -22.87 13.74
C TYR B 169 -8.22 -21.98 14.98
N LEU B 170 -8.82 -20.79 14.90
CA LEU B 170 -8.71 -19.83 15.97
C LEU B 170 -9.91 -20.01 16.93
N HIS B 171 -9.63 -20.13 18.22
CA HIS B 171 -10.68 -19.99 19.23
C HIS B 171 -10.20 -19.06 20.34
N LEU B 172 -10.74 -17.86 20.39
CA LEU B 172 -10.36 -16.95 21.46
C LEU B 172 -10.91 -17.48 22.78
N TYR B 173 -12.03 -18.18 22.70
CA TYR B 173 -12.69 -18.72 23.89
C TYR B 173 -12.46 -20.22 23.97
N ASP B 174 -13.51 -20.99 24.25
CA ASP B 174 -13.28 -22.41 24.49
C ASP B 174 -12.97 -23.12 23.19
N VAL B 175 -12.50 -24.36 23.31
CA VAL B 175 -12.02 -25.14 22.18
C VAL B 175 -13.09 -25.36 21.12
N THR B 176 -14.31 -25.62 21.57
CA THR B 176 -15.40 -25.87 20.63
C THR B 176 -16.15 -24.59 20.24
N GLN B 177 -15.53 -23.44 20.51
CA GLN B 177 -16.04 -22.14 20.06
C GLN B 177 -15.11 -21.54 19.01
N ALA B 178 -15.38 -21.86 17.74
CA ALA B 178 -14.52 -21.43 16.62
C ALA B 178 -14.77 -20.00 16.15
N ASP B 179 -13.75 -19.15 16.18
CA ASP B 179 -13.94 -17.75 15.77
C ASP B 179 -14.34 -17.66 14.29
N LEU B 180 -15.38 -16.87 14.01
CA LEU B 180 -15.82 -16.64 12.63
C LEU B 180 -14.89 -15.65 11.95
N ASN B 181 -14.76 -15.78 10.63
CA ASN B 181 -13.85 -14.92 9.87
C ASN B 181 -14.60 -13.72 9.30
N TRP B 182 -14.60 -12.62 10.06
CA TRP B 182 -15.34 -11.43 9.66
C TRP B 182 -14.75 -10.70 8.46
N GLU B 183 -13.51 -11.05 8.08
CA GLU B 183 -12.90 -10.55 6.86
C GLU B 183 -13.67 -11.07 5.64
N ASN B 184 -14.30 -12.22 5.81
CA ASN B 184 -15.07 -12.84 4.73
C ASN B 184 -16.46 -12.21 4.64
N GLU B 185 -16.78 -11.62 3.49
CA GLU B 185 -18.08 -10.98 3.31
C GLU B 185 -19.22 -11.97 3.38
N ALA B 186 -18.95 -13.20 2.99
CA ALA B 186 -19.99 -14.24 3.03
C ALA B 186 -20.50 -14.43 4.45
N VAL B 187 -19.60 -14.29 5.43
CA VAL B 187 -19.98 -14.51 6.82
C VAL B 187 -20.85 -13.36 7.30
N ARG B 188 -20.39 -12.14 7.08
CA ARG B 188 -21.12 -10.96 7.53
C ARG B 188 -22.52 -10.98 6.94
N LYS B 189 -22.61 -11.36 5.67
CA LYS B 189 -23.90 -11.47 4.97
C LYS B 189 -24.89 -12.44 5.64
N LYS B 190 -24.43 -13.65 5.96
CA LYS B 190 -25.28 -14.66 6.57
C LYS B 190 -25.70 -14.24 7.98
N VAL B 191 -24.80 -13.56 8.69
CA VAL B 191 -25.14 -13.04 10.01
C VAL B 191 -26.26 -12.01 9.90
N TYR B 192 -26.12 -11.08 8.96
CA TYR B 192 -27.16 -10.07 8.78
C TYR B 192 -28.52 -10.68 8.43
N GLU B 193 -28.52 -11.68 7.55
CA GLU B 193 -29.74 -12.39 7.19
C GLU B 193 -30.39 -12.96 8.43
N MET B 194 -29.57 -13.58 9.27
CA MET B 194 -30.05 -14.21 10.50
C MET B 194 -30.63 -13.18 11.47
N MET B 195 -30.01 -12.01 11.54
CA MET B 195 -30.52 -10.95 12.42
C MET B 195 -31.87 -10.45 11.91
N HIS B 196 -31.98 -10.24 10.60
CA HIS B 196 -33.24 -9.85 9.99
C HIS B 196 -34.33 -10.84 10.35
N PHE B 197 -33.99 -12.11 10.33
CA PHE B 197 -34.92 -13.17 10.68
C PHE B 197 -35.54 -12.93 12.08
N TRP B 198 -34.71 -12.55 13.05
CA TRP B 198 -35.22 -12.35 14.41
C TRP B 198 -35.98 -11.04 14.54
N PHE B 199 -35.45 -9.98 13.93
CA PHE B 199 -36.16 -8.70 13.96
C PHE B 199 -37.55 -8.83 13.34
N GLU B 200 -37.64 -9.57 12.23
CA GLU B 200 -38.95 -9.76 11.57
C GLU B 200 -39.93 -10.56 12.41
N LYS B 201 -39.43 -11.42 13.29
CA LYS B 201 -40.34 -12.11 14.21
C LYS B 201 -40.92 -11.13 15.21
N GLY B 202 -40.17 -10.07 15.47
CA GLY B 202 -40.64 -9.00 16.35
C GLY B 202 -39.76 -8.62 17.53
N ILE B 203 -38.55 -9.20 17.66
CA ILE B 203 -37.67 -8.77 18.75
C ILE B 203 -37.29 -7.29 18.57
N ASP B 204 -36.78 -6.69 19.64
CA ASP B 204 -36.61 -5.25 19.67
C ASP B 204 -35.17 -4.83 19.68
N GLY B 205 -34.27 -5.80 19.75
CA GLY B 205 -32.86 -5.47 19.73
C GLY B 205 -31.97 -6.62 20.15
N PHE B 206 -30.68 -6.34 20.26
CA PHE B 206 -29.72 -7.37 20.61
C PHE B 206 -28.73 -6.87 21.63
N GLN B 207 -28.28 -7.77 22.47
CA GLN B 207 -27.05 -7.55 23.22
C GLN B 207 -25.95 -8.29 22.43
N LEU B 208 -24.88 -7.58 22.07
CA LEU B 208 -23.88 -8.19 21.20
C LEU B 208 -22.68 -8.71 22.01
N ASP B 209 -22.56 -10.03 22.05
CA ASP B 209 -21.54 -10.70 22.86
C ASP B 209 -20.09 -10.51 22.37
N VAL B 210 -19.24 -9.94 23.23
CA VAL B 210 -17.83 -9.63 22.92
C VAL B 210 -17.62 -9.15 21.49
N ILE B 211 -18.46 -8.23 21.06
CA ILE B 211 -18.48 -7.82 19.67
C ILE B 211 -17.18 -7.12 19.26
N ASN B 212 -16.44 -6.59 20.24
CA ASN B 212 -15.22 -5.84 19.91
C ASN B 212 -13.97 -6.69 19.66
N VAL B 213 -14.11 -8.01 19.63
CA VAL B 213 -12.96 -8.86 19.26
C VAL B 213 -13.10 -9.54 17.90
N ILE B 214 -13.99 -9.04 17.05
CA ILE B 214 -14.22 -9.67 15.74
C ILE B 214 -13.19 -9.28 14.69
N SER B 215 -12.55 -8.14 14.85
CA SER B 215 -11.56 -7.66 13.87
C SER B 215 -10.16 -8.07 14.29
N LYS B 216 -9.58 -9.03 13.58
CA LYS B 216 -8.24 -9.53 13.87
C LYS B 216 -7.20 -8.85 12.99
N ASP B 217 -6.08 -8.42 13.60
CA ASP B 217 -4.91 -7.97 12.84
C ASP B 217 -4.52 -9.08 11.88
N GLN B 218 -4.55 -8.80 10.58
CA GLN B 218 -4.39 -9.85 9.57
C GLN B 218 -2.94 -10.32 9.39
N ARG B 219 -1.99 -9.60 10.00
CA ARG B 219 -0.58 -10.02 9.93
C ARG B 219 -0.27 -11.09 10.96
N PHE B 220 -1.21 -11.30 11.88
CA PHE B 220 -1.07 -12.25 12.98
C PHE B 220 0.31 -12.24 13.64
N PRO B 221 0.66 -11.11 14.29
CA PRO B 221 1.97 -11.02 14.95
C PRO B 221 1.92 -11.67 16.32
N ASP B 222 3.08 -12.05 16.84
CA ASP B 222 3.16 -12.55 18.19
C ASP B 222 3.21 -11.41 19.19
N ASP B 223 2.82 -11.70 20.42
CA ASP B 223 2.84 -10.70 21.49
C ASP B 223 3.84 -11.13 22.57
N ASP B 224 4.95 -10.41 22.66
CA ASP B 224 6.00 -10.76 23.62
C ASP B 224 5.87 -9.96 24.92
N GLU B 225 4.76 -9.25 25.07
CA GLU B 225 4.50 -8.48 26.28
C GLU B 225 3.19 -8.93 26.93
N GLY B 226 2.34 -9.58 26.14
CA GLY B 226 1.03 -10.01 26.62
C GLY B 226 0.47 -11.25 25.94
N ASP B 227 -0.83 -11.42 26.05
CA ASP B 227 -1.48 -12.65 25.60
C ASP B 227 -2.08 -12.58 24.18
N GLY B 228 -1.82 -11.48 23.47
CA GLY B 228 -2.26 -11.33 22.09
C GLY B 228 -3.40 -10.33 21.87
N ARG B 229 -4.20 -10.13 22.91
CA ARG B 229 -5.41 -9.29 22.84
C ARG B 229 -5.25 -7.96 22.08
N ARG B 230 -4.06 -7.34 22.17
CA ARG B 230 -3.81 -6.08 21.47
C ARG B 230 -3.93 -6.22 19.95
N PHE B 231 -3.96 -7.45 19.46
CA PHE B 231 -4.06 -7.71 18.03
C PHE B 231 -5.47 -8.08 17.59
N TYR B 232 -6.42 -8.06 18.52
CA TYR B 232 -7.81 -8.39 18.16
C TYR B 232 -8.86 -7.65 18.97
N THR B 233 -8.42 -6.87 19.94
CA THR B 233 -9.35 -6.11 20.75
C THR B 233 -9.43 -4.69 20.25
N ASP B 234 -10.64 -4.25 19.88
CA ASP B 234 -10.83 -2.97 19.22
C ASP B 234 -9.89 -2.93 18.00
N GLY B 235 -9.98 -3.98 17.19
CA GLY B 235 -9.15 -4.14 16.01
C GLY B 235 -9.46 -3.15 14.91
N PRO B 236 -8.69 -3.20 13.81
CA PRO B 236 -8.67 -2.19 12.77
C PRO B 236 -9.98 -2.06 11.99
N ARG B 237 -10.80 -3.10 11.96
CA ARG B 237 -12.06 -3.01 11.23
C ARG B 237 -13.31 -3.09 12.11
N VAL B 238 -13.16 -2.99 13.44
CA VAL B 238 -14.32 -3.17 14.32
C VAL B 238 -15.36 -2.11 14.05
N HIS B 239 -14.94 -0.86 14.03
CA HIS B 239 -15.87 0.24 13.82
C HIS B 239 -16.49 0.16 12.44
N GLU B 240 -15.67 -0.20 11.45
CA GLU B 240 -16.18 -0.45 10.11
C GLU B 240 -17.28 -1.50 10.10
N PHE B 241 -17.04 -2.64 10.75
CA PHE B 241 -18.03 -3.74 10.73
C PHE B 241 -19.36 -3.41 11.44
N LEU B 242 -19.27 -2.76 12.59
CA LEU B 242 -20.45 -2.39 13.37
C LEU B 242 -21.27 -1.36 12.59
N ASN B 243 -20.58 -0.44 11.95
CA ASN B 243 -21.29 0.54 11.13
C ASN B 243 -21.96 -0.15 9.93
N GLU B 244 -21.33 -1.20 9.40
CA GLU B 244 -21.96 -1.94 8.29
C GLU B 244 -23.19 -2.68 8.78
N MET B 245 -23.08 -3.24 9.98
CA MET B 245 -24.19 -3.99 10.57
C MET B 245 -25.39 -3.04 10.84
N ASN B 246 -25.08 -1.82 11.24
CA ASN B 246 -26.10 -0.81 11.50
C ASN B 246 -26.83 -0.44 10.22
N ARG B 247 -26.05 -0.15 9.18
CA ARG B 247 -26.59 0.21 7.87
C ARG B 247 -27.43 -0.90 7.25
N GLU B 248 -26.95 -2.14 7.29
CA GLU B 248 -27.71 -3.28 6.70
C GLU B 248 -28.87 -3.76 7.57
N VAL B 249 -28.73 -3.67 8.89
CA VAL B 249 -29.74 -4.24 9.78
C VAL B 249 -30.41 -3.21 10.72
N PHE B 250 -29.68 -2.77 11.75
CA PHE B 250 -30.28 -1.95 12.82
C PHE B 250 -31.07 -0.74 12.31
N SER B 251 -30.52 -0.08 11.29
CA SER B 251 -31.10 1.14 10.73
C SER B 251 -32.51 0.96 10.22
N LYS B 252 -32.91 -0.31 10.04
CA LYS B 252 -34.23 -0.60 9.49
C LYS B 252 -35.25 -1.00 10.55
N TYR B 253 -34.89 -0.93 11.83
CA TYR B 253 -35.85 -1.27 12.89
C TYR B 253 -35.82 -0.27 14.04
N ASP B 254 -36.91 -0.20 14.80
CA ASP B 254 -36.96 0.64 16.00
C ASP B 254 -36.27 -0.15 17.12
N SER B 255 -34.95 -0.16 17.08
CA SER B 255 -34.19 -1.15 17.81
C SER B 255 -33.39 -0.55 18.97
N MET B 256 -32.87 -1.41 19.85
CA MET B 256 -31.86 -1.02 20.84
C MET B 256 -30.75 -2.04 20.72
N THR B 257 -29.50 -1.57 20.70
CA THR B 257 -28.37 -2.49 20.72
C THR B 257 -27.45 -2.14 21.87
N VAL B 258 -26.88 -3.17 22.49
CA VAL B 258 -25.88 -2.94 23.52
C VAL B 258 -24.72 -3.88 23.29
N GLY B 259 -23.52 -3.32 23.21
CA GLY B 259 -22.33 -4.12 22.96
C GLY B 259 -21.66 -4.48 24.27
N GLU B 260 -21.33 -5.75 24.42
CA GLU B 260 -20.50 -6.20 25.52
C GLU B 260 -19.06 -6.14 25.04
N MET B 261 -18.28 -5.21 25.61
CA MET B 261 -16.91 -4.99 25.14
C MET B 261 -15.91 -5.65 26.08
N SER B 262 -15.00 -6.44 25.52
CA SER B 262 -13.92 -7.05 26.27
C SER B 262 -12.71 -6.11 26.36
N SER B 263 -12.26 -5.82 27.57
CA SER B 263 -11.04 -5.02 27.80
C SER B 263 -10.91 -3.80 26.90
N THR B 264 -11.93 -2.96 26.89
CA THR B 264 -11.96 -1.88 25.92
C THR B 264 -11.46 -0.59 26.55
N THR B 265 -11.43 0.48 25.77
CA THR B 265 -11.06 1.80 26.29
C THR B 265 -12.23 2.76 26.11
N ILE B 266 -12.20 3.86 26.86
CA ILE B 266 -13.24 4.88 26.76
C ILE B 266 -13.28 5.49 25.37
N ALA B 267 -12.11 5.72 24.78
CA ALA B 267 -12.05 6.39 23.47
C ALA B 267 -12.79 5.56 22.43
N ASP B 268 -12.58 4.25 22.48
CA ASP B 268 -13.31 3.35 21.59
C ASP B 268 -14.82 3.32 21.88
N CYS B 269 -15.19 3.37 23.15
CA CYS B 269 -16.61 3.28 23.52
C CYS B 269 -17.39 4.53 23.13
N ILE B 270 -16.72 5.68 23.15
CA ILE B 270 -17.30 6.91 22.60
C ILE B 270 -17.61 6.71 21.11
N ARG B 271 -16.69 6.09 20.40
CA ARG B 271 -16.91 5.77 18.98
C ARG B 271 -18.01 4.75 18.77
N TYR B 272 -18.01 3.67 19.56
CA TYR B 272 -19.06 2.66 19.42
C TYR B 272 -20.47 3.24 19.62
N THR B 273 -20.60 4.27 20.45
CA THR B 273 -21.94 4.62 20.91
C THR B 273 -22.39 6.02 20.54
N ASN B 274 -21.49 6.87 20.07
CA ASN B 274 -21.92 8.18 19.59
C ASN B 274 -22.91 7.94 18.46
N PRO B 275 -24.07 8.61 18.50
CA PRO B 275 -25.12 8.41 17.49
C PRO B 275 -24.62 8.72 16.08
N GLU B 276 -23.67 9.64 15.96
CA GLU B 276 -23.13 9.99 14.64
C GLU B 276 -22.27 8.89 14.02
N SER B 277 -21.71 8.00 14.86
CA SER B 277 -20.97 6.85 14.34
C SER B 277 -21.89 5.83 13.65
N ARG B 278 -23.17 5.87 14.02
CA ARG B 278 -24.13 4.85 13.57
C ARG B 278 -23.56 3.45 13.72
N GLU B 279 -23.16 3.13 14.95
CA GLU B 279 -22.69 1.80 15.25
C GLU B 279 -23.65 1.16 16.26
N LEU B 280 -23.37 1.30 17.56
CA LEU B 280 -24.27 0.75 18.57
C LEU B 280 -24.94 1.85 19.40
N ASP B 281 -25.98 1.47 20.16
CA ASP B 281 -26.66 2.43 21.03
C ASP B 281 -25.94 2.66 22.35
N MET B 282 -25.37 1.60 22.92
CA MET B 282 -24.72 1.71 24.23
C MET B 282 -23.78 0.54 24.44
N VAL B 283 -22.94 0.59 25.47
CA VAL B 283 -21.99 -0.51 25.76
C VAL B 283 -21.85 -0.82 27.25
N PHE B 284 -21.63 -2.09 27.57
CA PHE B 284 -21.18 -2.48 28.91
C PHE B 284 -19.66 -2.45 28.91
N ASN B 285 -19.06 -2.10 30.05
CA ASN B 285 -17.66 -2.46 30.32
C ASN B 285 -17.61 -3.01 31.74
N PHE B 286 -16.55 -3.74 32.07
CA PHE B 286 -16.55 -4.43 33.36
C PHE B 286 -15.53 -3.89 34.37
N HIS B 287 -14.99 -2.70 34.12
CA HIS B 287 -13.90 -2.18 34.95
C HIS B 287 -14.29 -1.94 36.41
N HIS B 288 -15.54 -1.58 36.65
CA HIS B 288 -16.01 -1.34 38.01
C HIS B 288 -16.29 -2.66 38.72
N LEU B 289 -16.36 -3.74 37.96
CA LEU B 289 -16.57 -5.08 38.52
C LEU B 289 -15.24 -5.86 38.52
N LYS B 290 -14.12 -5.15 38.44
CA LYS B 290 -12.79 -5.72 38.70
C LYS B 290 -12.13 -4.98 39.87
N ALA B 291 -12.95 -4.21 40.58
CA ALA B 291 -12.48 -3.36 41.68
C ALA B 291 -12.09 -4.13 42.93
N ASP B 292 -12.49 -5.40 43.03
CA ASP B 292 -12.07 -6.21 44.17
C ASP B 292 -11.05 -7.31 43.80
N TYR B 293 -10.48 -7.21 42.61
CA TYR B 293 -9.41 -8.12 42.19
C TYR B 293 -8.08 -7.61 42.72
N PRO B 294 -7.42 -8.40 43.59
CA PRO B 294 -6.05 -8.00 43.94
C PRO B 294 -5.09 -8.35 42.80
N ASN B 295 -4.53 -7.34 42.15
CA ASN B 295 -3.57 -7.52 41.05
C ASN B 295 -4.09 -8.31 39.84
N GLY B 296 -5.32 -8.02 39.41
CA GLY B 296 -5.89 -8.66 38.25
C GLY B 296 -5.97 -10.19 38.33
N GLU B 297 -6.12 -10.70 39.54
CA GLU B 297 -6.31 -12.14 39.78
C GLU B 297 -7.80 -12.36 40.03
N LYS B 298 -8.50 -12.95 39.07
CA LYS B 298 -9.97 -13.00 39.13
C LYS B 298 -10.57 -13.99 40.14
N TRP B 299 -9.75 -14.92 40.66
CA TRP B 299 -10.22 -15.90 41.64
C TRP B 299 -9.73 -15.62 43.07
N ALA B 300 -9.04 -14.50 43.24
CA ALA B 300 -8.39 -14.16 44.51
C ALA B 300 -9.23 -13.28 45.43
N LEU B 301 -9.27 -13.64 46.71
CA LEU B 301 -9.97 -12.87 47.74
C LEU B 301 -9.27 -11.54 48.01
N ALA B 302 -10.09 -10.52 48.28
CA ALA B 302 -9.63 -9.18 48.70
C ALA B 302 -10.84 -8.28 48.85
N ASP B 303 -10.66 -7.17 49.57
CA ASP B 303 -11.72 -6.18 49.71
C ASP B 303 -11.70 -5.26 48.49
N PHE B 304 -12.84 -4.65 48.17
CA PHE B 304 -12.86 -3.78 47.01
C PHE B 304 -12.15 -2.45 47.27
N ASP B 305 -11.48 -1.95 46.24
CA ASP B 305 -10.78 -0.68 46.31
C ASP B 305 -11.79 0.43 45.98
N PHE B 306 -12.39 0.98 47.04
CA PHE B 306 -13.43 1.99 46.92
C PHE B 306 -13.01 3.21 46.12
N LEU B 307 -11.82 3.75 46.42
CA LEU B 307 -11.40 5.00 45.79
C LEU B 307 -11.20 4.79 44.31
N LYS B 308 -10.72 3.61 43.97
CA LYS B 308 -10.54 3.25 42.58
C LYS B 308 -11.91 3.05 41.92
N LEU B 309 -12.87 2.50 42.68
CA LEU B 309 -14.20 2.27 42.13
C LEU B 309 -14.83 3.59 41.73
N LYS B 310 -14.67 4.59 42.60
CA LYS B 310 -15.30 5.89 42.35
C LYS B 310 -14.63 6.52 41.14
N LYS B 311 -13.31 6.42 41.10
CA LYS B 311 -12.54 6.95 39.98
C LYS B 311 -12.98 6.33 38.64
N ILE B 312 -13.12 5.01 38.62
CA ILE B 312 -13.54 4.33 37.39
C ILE B 312 -14.94 4.78 36.93
N LEU B 313 -15.91 4.73 37.83
CA LEU B 313 -17.27 5.12 37.49
C LEU B 313 -17.30 6.57 36.99
N SER B 314 -16.54 7.44 37.66
CA SER B 314 -16.51 8.87 37.34
C SER B 314 -15.91 9.18 35.97
N GLU B 315 -14.80 8.52 35.65
CA GLU B 315 -14.18 8.71 34.36
C GLU B 315 -15.10 8.25 33.24
N TRP B 316 -15.68 7.06 33.40
CA TRP B 316 -16.66 6.59 32.41
C TRP B 316 -17.83 7.56 32.27
N GLN B 317 -18.35 8.09 33.39
CA GLN B 317 -19.43 9.08 33.28
C GLN B 317 -19.02 10.33 32.50
N THR B 318 -17.92 10.97 32.90
CA THR B 318 -17.62 12.30 32.39
C THR B 318 -17.10 12.25 30.95
N GLU B 319 -16.25 11.28 30.67
CA GLU B 319 -15.69 11.18 29.32
C GLU B 319 -16.71 10.72 28.28
N MET B 320 -17.60 9.80 28.67
CA MET B 320 -18.66 9.37 27.76
C MET B 320 -19.63 10.54 27.56
N ASN B 321 -19.94 11.24 28.63
CA ASN B 321 -20.83 12.40 28.51
C ASN B 321 -20.24 13.46 27.58
N LYS B 322 -18.94 13.73 27.72
CA LYS B 322 -18.31 14.79 26.92
C LYS B 322 -18.22 14.36 25.46
N GLY B 323 -17.99 13.08 25.22
CA GLY B 323 -17.83 12.57 23.87
C GLY B 323 -19.13 12.16 23.17
N GLY B 324 -20.25 12.26 23.86
CA GLY B 324 -21.53 11.90 23.26
C GLY B 324 -21.85 10.42 23.23
N GLY B 325 -21.17 9.64 24.07
CA GLY B 325 -21.43 8.22 24.15
C GLY B 325 -22.49 7.85 25.18
N TRP B 326 -22.79 6.56 25.32
CA TRP B 326 -23.84 6.18 26.26
C TRP B 326 -23.49 4.86 26.94
N ASN B 327 -23.56 4.84 28.25
CA ASN B 327 -23.22 3.65 29.03
C ASN B 327 -24.44 2.80 29.33
N ALA B 328 -24.29 1.47 29.27
CA ALA B 328 -25.25 0.58 29.91
C ALA B 328 -24.80 0.47 31.37
N LEU B 329 -25.71 0.71 32.32
CA LEU B 329 -25.33 0.70 33.72
C LEU B 329 -25.77 -0.60 34.39
N PHE B 330 -24.84 -1.27 35.05
CA PHE B 330 -25.19 -2.53 35.71
C PHE B 330 -24.18 -2.91 36.79
N TRP B 331 -24.62 -3.77 37.70
CA TRP B 331 -23.78 -4.29 38.77
C TRP B 331 -23.63 -5.81 38.60
N CYS B 332 -24.67 -6.44 38.06
CA CYS B 332 -24.83 -7.89 38.14
C CYS B 332 -24.95 -8.55 36.79
N ASN B 333 -24.46 -9.78 36.69
CA ASN B 333 -24.90 -10.68 35.63
C ASN B 333 -24.65 -12.13 36.05
N HIS B 334 -24.85 -13.07 35.13
CA HIS B 334 -24.81 -14.48 35.47
C HIS B 334 -23.38 -14.97 35.65
N ASP B 335 -22.40 -14.10 35.44
CA ASP B 335 -20.99 -14.45 35.62
C ASP B 335 -20.37 -13.79 36.85
N GLN B 336 -21.11 -12.90 37.50
CA GLN B 336 -20.58 -12.05 38.56
C GLN B 336 -21.25 -12.37 39.88
N PRO B 337 -20.56 -12.12 41.01
CA PRO B 337 -21.17 -12.28 42.34
C PRO B 337 -22.43 -11.42 42.45
N ARG B 338 -23.39 -11.79 43.31
CA ARG B 338 -24.55 -10.92 43.52
C ARG B 338 -24.08 -9.69 44.26
N ILE B 339 -24.60 -8.54 43.85
CA ILE B 339 -23.98 -7.27 44.21
C ILE B 339 -24.05 -6.98 45.71
N VAL B 340 -25.15 -7.35 46.36
CA VAL B 340 -25.30 -7.04 47.77
C VAL B 340 -24.26 -7.77 48.63
N SER B 341 -23.86 -8.95 48.20
CA SER B 341 -22.78 -9.69 48.87
C SER B 341 -21.42 -9.11 48.54
N ARG B 342 -21.28 -8.64 47.30
CA ARG B 342 -19.96 -8.20 46.82
C ARG B 342 -19.54 -6.83 47.37
N TYR B 343 -20.39 -5.84 47.16
CA TYR B 343 -20.04 -4.47 47.53
C TYR B 343 -20.92 -3.95 48.66
N GLY B 344 -21.94 -4.72 49.05
CA GLY B 344 -22.81 -4.29 50.14
C GLY B 344 -22.59 -5.13 51.38
N ASP B 345 -23.58 -5.15 52.27
CA ASP B 345 -23.49 -6.02 53.43
C ASP B 345 -24.66 -6.97 53.43
N ASP B 346 -24.43 -8.25 53.14
CA ASP B 346 -25.56 -9.18 53.09
C ASP B 346 -25.96 -9.64 54.48
N GLY B 347 -25.28 -9.10 55.48
CA GLY B 347 -25.62 -9.36 56.89
C GLY B 347 -26.74 -8.46 57.36
N LYS B 348 -26.52 -7.76 58.48
CA LYS B 348 -27.54 -6.88 59.05
C LYS B 348 -28.08 -5.87 58.06
N TYR B 349 -27.19 -5.25 57.29
CA TYR B 349 -27.61 -4.17 56.40
C TYR B 349 -27.91 -4.62 54.97
N ARG B 350 -28.53 -5.80 54.84
CA ARG B 350 -28.85 -6.34 53.51
C ARG B 350 -29.82 -5.45 52.74
N LYS B 351 -30.93 -5.04 53.37
CA LYS B 351 -31.94 -4.23 52.68
C LYS B 351 -31.43 -2.84 52.40
N LYS B 352 -30.80 -2.23 53.41
CA LYS B 352 -30.33 -0.88 53.28
C LYS B 352 -29.16 -0.78 52.30
N SER B 353 -28.22 -1.72 52.34
CA SER B 353 -27.09 -1.68 51.42
C SER B 353 -27.52 -2.03 50.00
N ALA B 354 -28.47 -2.95 49.83
CA ALA B 354 -28.96 -3.26 48.48
C ALA B 354 -29.61 -2.02 47.89
N LYS B 355 -30.42 -1.33 48.69
CA LYS B 355 -31.08 -0.12 48.19
C LYS B 355 -30.05 0.97 47.84
N MET B 356 -29.00 1.06 48.67
CA MET B 356 -27.95 2.05 48.47
C MET B 356 -27.26 1.76 47.13
N LEU B 357 -26.94 0.49 46.89
CA LEU B 357 -26.25 0.16 45.64
C LEU B 357 -27.09 0.49 44.41
N ALA B 358 -28.40 0.22 44.50
CA ALA B 358 -29.31 0.50 43.40
C ALA B 358 -29.30 1.99 43.10
N THR B 359 -29.41 2.80 44.14
CA THR B 359 -29.46 4.24 43.97
C THR B 359 -28.17 4.77 43.37
N ALA B 360 -27.05 4.27 43.87
CA ALA B 360 -25.74 4.74 43.43
C ALA B 360 -25.57 4.57 41.93
N ILE B 361 -26.08 3.47 41.39
CA ILE B 361 -25.90 3.23 39.97
C ILE B 361 -27.02 3.81 39.10
N HIS B 362 -28.25 3.78 39.60
CA HIS B 362 -29.37 4.31 38.80
C HIS B 362 -29.37 5.83 38.64
N MET B 363 -28.73 6.57 39.55
CA MET B 363 -28.67 8.03 39.41
C MET B 363 -27.54 8.50 38.48
N LEU B 364 -26.76 7.56 37.96
CA LEU B 364 -25.76 7.86 36.95
C LEU B 364 -26.44 8.10 35.59
N GLN B 365 -25.70 8.67 34.65
CA GLN B 365 -26.23 8.86 33.29
C GLN B 365 -26.04 7.58 32.53
N GLY B 366 -27.10 7.10 31.89
CA GLY B 366 -26.99 5.87 31.11
C GLY B 366 -28.27 5.05 31.27
N THR B 367 -28.26 3.84 30.73
CA THR B 367 -29.44 2.94 30.80
C THR B 367 -29.20 1.81 31.80
N PRO B 368 -30.01 1.76 32.88
CA PRO B 368 -29.79 0.74 33.92
C PRO B 368 -30.24 -0.66 33.53
N TYR B 369 -29.51 -1.66 34.03
CA TYR B 369 -29.86 -3.06 33.86
C TYR B 369 -30.02 -3.69 35.23
N ILE B 370 -31.09 -4.44 35.41
CA ILE B 370 -31.34 -5.17 36.64
C ILE B 370 -31.27 -6.68 36.37
N TYR B 371 -30.43 -7.37 37.11
CA TYR B 371 -30.28 -8.82 36.93
C TYR B 371 -31.29 -9.56 37.81
N GLN B 372 -31.89 -10.63 37.29
CA GLN B 372 -32.96 -11.33 38.03
C GLN B 372 -32.55 -11.61 39.47
N GLY B 373 -33.42 -11.22 40.39
CA GLY B 373 -33.19 -11.42 41.82
C GLY B 373 -32.54 -10.24 42.50
N GLU B 374 -31.80 -9.44 41.72
CA GLU B 374 -31.18 -8.24 42.26
C GLU B 374 -32.21 -7.40 42.98
N GLU B 375 -33.41 -7.31 42.39
CA GLU B 375 -34.48 -6.51 42.98
C GLU B 375 -35.04 -7.10 44.28
N LEU B 376 -34.67 -8.34 44.60
CA LEU B 376 -35.10 -8.96 45.85
C LEU B 376 -33.98 -8.86 46.87
N GLY B 377 -32.81 -8.39 46.44
CA GLY B 377 -31.64 -8.41 47.32
C GLY B 377 -31.17 -9.84 47.61
N MET B 378 -31.34 -10.72 46.63
CA MET B 378 -30.83 -12.08 46.74
C MET B 378 -29.31 -11.99 46.94
N THR B 379 -28.75 -12.93 47.70
CA THR B 379 -27.33 -12.87 48.06
C THR B 379 -26.56 -14.01 47.40
N ASN B 380 -25.25 -13.99 47.57
CA ASN B 380 -24.48 -15.19 47.24
C ASN B 380 -25.03 -16.31 48.09
N PRO B 381 -25.11 -17.52 47.53
CA PRO B 381 -25.76 -18.65 48.20
C PRO B 381 -24.95 -19.20 49.37
N LYS B 382 -23.64 -18.99 49.36
CA LYS B 382 -22.78 -19.50 50.43
C LYS B 382 -22.83 -21.03 50.59
N PHE B 383 -22.85 -21.73 49.46
CA PHE B 383 -22.79 -23.20 49.46
C PHE B 383 -21.52 -23.66 50.18
N ASP B 384 -21.67 -24.50 51.20
CA ASP B 384 -20.55 -24.88 52.07
C ASP B 384 -19.97 -26.24 51.73
N ASP B 385 -20.46 -26.83 50.65
CA ASP B 385 -20.04 -28.17 50.26
C ASP B 385 -19.90 -28.25 48.75
N ILE B 386 -18.84 -28.92 48.30
CA ILE B 386 -18.53 -29.00 46.86
C ILE B 386 -19.67 -29.63 46.04
N SER B 387 -20.51 -30.43 46.69
CA SER B 387 -21.53 -31.18 45.97
C SER B 387 -22.66 -30.25 45.54
N LEU B 388 -22.69 -29.06 46.14
CA LEU B 388 -23.72 -28.07 45.84
C LEU B 388 -23.40 -27.22 44.61
N TYR B 389 -22.13 -27.19 44.20
CA TYR B 389 -21.70 -26.41 43.04
C TYR B 389 -21.95 -27.13 41.72
N ARG B 390 -21.93 -26.38 40.62
CA ARG B 390 -22.28 -26.95 39.31
C ARG B 390 -21.29 -26.53 38.21
N ASP B 391 -20.87 -25.26 38.23
CA ASP B 391 -20.03 -24.73 37.15
C ASP B 391 -18.70 -25.45 37.06
N VAL B 392 -18.35 -25.85 35.84
CA VAL B 392 -17.20 -26.72 35.62
C VAL B 392 -15.90 -26.07 36.11
N GLU B 393 -15.80 -24.76 35.95
CA GLU B 393 -14.63 -24.03 36.42
C GLU B 393 -14.49 -24.06 37.96
N SER B 394 -15.60 -24.00 38.68
CA SER B 394 -15.57 -24.15 40.13
C SER B 394 -15.12 -25.56 40.54
N LEU B 395 -15.73 -26.58 39.94
CA LEU B 395 -15.38 -27.99 40.19
C LEU B 395 -13.91 -28.26 39.88
N ASN B 396 -13.42 -27.73 38.77
CA ASN B 396 -12.01 -27.84 38.45
C ASN B 396 -11.12 -27.08 39.45
N MET B 397 -11.55 -25.87 39.83
CA MET B 397 -10.78 -25.07 40.80
C MET B 397 -10.66 -25.82 42.13
N TYR B 398 -11.75 -26.47 42.54
CA TYR B 398 -11.76 -27.23 43.79
C TYR B 398 -10.79 -28.41 43.72
N ARG B 399 -10.84 -29.15 42.63
CA ARG B 399 -10.01 -30.35 42.48
C ARG B 399 -8.52 -29.99 42.56
N ILE B 400 -8.13 -28.94 41.85
CA ILE B 400 -6.73 -28.52 41.81
C ILE B 400 -6.21 -27.98 43.14
N LEU B 401 -6.97 -27.10 43.77
CA LEU B 401 -6.57 -26.56 45.06
C LEU B 401 -6.47 -27.68 46.09
N LYS B 402 -7.40 -28.62 46.02
CA LYS B 402 -7.39 -29.76 46.94
C LYS B 402 -6.10 -30.56 46.76
N GLU B 403 -5.79 -30.91 45.50
CA GLU B 403 -4.57 -31.62 45.18
C GLU B 403 -3.32 -30.92 45.67
N ALA B 404 -3.36 -29.58 45.69
CA ALA B 404 -2.21 -28.79 46.14
C ALA B 404 -2.22 -28.64 47.66
N GLY B 405 -3.13 -29.34 48.31
CA GLY B 405 -3.14 -29.39 49.77
C GLY B 405 -3.73 -28.19 50.47
N LYS B 406 -4.64 -27.48 49.79
CA LYS B 406 -5.33 -26.37 50.41
C LYS B 406 -6.43 -26.93 51.32
N PRO B 407 -6.50 -26.46 52.58
CA PRO B 407 -7.56 -26.99 53.44
C PRO B 407 -8.96 -26.71 52.90
N GLU B 408 -9.84 -27.68 53.10
CA GLU B 408 -11.22 -27.66 52.64
C GLU B 408 -11.96 -26.34 52.89
N ALA B 409 -11.90 -25.86 54.12
CA ALA B 409 -12.55 -24.61 54.51
C ALA B 409 -12.08 -23.41 53.68
N GLU B 410 -10.80 -23.36 53.37
CA GLU B 410 -10.26 -22.22 52.63
C GLU B 410 -10.73 -22.28 51.18
N ILE B 411 -10.71 -23.49 50.61
CA ILE B 411 -11.20 -23.70 49.25
C ILE B 411 -12.67 -23.30 49.13
N ILE B 412 -13.47 -23.72 50.10
CA ILE B 412 -14.87 -23.35 50.16
C ILE B 412 -15.05 -21.83 50.26
N GLU B 413 -14.25 -21.18 51.11
CA GLU B 413 -14.33 -19.72 51.23
C GLU B 413 -14.03 -19.03 49.90
N ILE B 414 -13.10 -19.59 49.13
CA ILE B 414 -12.81 -19.02 47.83
C ILE B 414 -14.02 -19.14 46.90
N LEU B 415 -14.60 -20.34 46.83
CA LEU B 415 -15.76 -20.58 45.97
C LEU B 415 -16.97 -19.72 46.34
N LYS B 416 -17.18 -19.50 47.64
CA LYS B 416 -18.33 -18.72 48.10
C LYS B 416 -18.21 -17.31 47.55
N ALA B 417 -16.98 -16.85 47.38
CA ALA B 417 -16.76 -15.50 46.86
C ALA B 417 -16.76 -15.43 45.34
N LYS B 418 -16.27 -16.48 44.68
CA LYS B 418 -15.88 -16.37 43.27
C LYS B 418 -16.58 -17.29 42.29
N SER B 419 -17.26 -18.33 42.78
CA SER B 419 -17.88 -19.27 41.87
C SER B 419 -18.91 -18.62 40.94
N ARG B 420 -18.85 -18.94 39.65
CA ARG B 420 -19.81 -18.42 38.69
C ARG B 420 -21.20 -18.96 38.96
N ASP B 421 -21.31 -19.93 39.87
CA ASP B 421 -22.60 -20.45 40.26
C ASP B 421 -23.40 -19.45 41.10
N ASN B 422 -22.71 -18.49 41.70
CA ASN B 422 -23.31 -17.68 42.76
C ASN B 422 -24.49 -16.80 42.39
N SER B 423 -24.54 -16.32 41.15
CA SER B 423 -25.71 -15.58 40.72
C SER B 423 -26.60 -16.45 39.84
N ARG B 424 -26.40 -17.76 39.89
CA ARG B 424 -27.17 -18.67 39.04
C ARG B 424 -28.13 -19.55 39.82
N THR B 425 -28.29 -19.29 41.12
CA THR B 425 -29.26 -20.05 41.90
C THR B 425 -30.66 -19.55 41.49
N PRO B 426 -31.69 -20.38 41.67
CA PRO B 426 -33.01 -20.02 41.14
C PRO B 426 -33.59 -18.77 41.80
N VAL B 427 -34.34 -18.01 41.01
CA VAL B 427 -34.99 -16.83 41.53
C VAL B 427 -35.98 -17.30 42.59
N GLN B 428 -36.03 -16.60 43.70
CA GLN B 428 -36.79 -17.06 44.85
C GLN B 428 -38.13 -16.36 44.86
N TRP B 429 -39.15 -17.09 44.41
CA TRP B 429 -40.48 -16.50 44.21
C TRP B 429 -41.34 -16.43 45.46
N ASN B 430 -41.25 -17.45 46.31
CA ASN B 430 -42.07 -17.47 47.53
C ASN B 430 -41.39 -18.33 48.58
N GLY B 431 -42.12 -18.70 49.62
CA GLY B 431 -41.54 -19.48 50.70
C GLY B 431 -41.90 -20.96 50.63
N GLU B 432 -42.48 -21.38 49.52
CA GLU B 432 -42.83 -22.78 49.36
C GLU B 432 -41.60 -23.59 49.01
N GLU B 433 -41.78 -24.88 48.76
CA GLU B 433 -40.65 -25.76 48.46
C GLU B 433 -39.84 -25.21 47.30
N ASN B 434 -38.52 -25.17 47.48
CA ASN B 434 -37.62 -24.61 46.48
C ASN B 434 -37.98 -23.18 46.04
N ALA B 435 -38.48 -22.41 46.99
CA ALA B 435 -38.86 -21.02 46.77
C ALA B 435 -39.83 -20.85 45.63
N GLY B 436 -40.54 -21.92 45.27
CA GLY B 436 -41.54 -21.87 44.21
C GLY B 436 -40.97 -21.75 42.81
N PHE B 437 -39.69 -22.01 42.66
CA PHE B 437 -39.04 -22.00 41.35
C PHE B 437 -39.46 -23.19 40.48
N THR B 438 -39.65 -24.34 41.16
CA THR B 438 -39.94 -25.59 40.45
C THR B 438 -40.76 -26.53 41.32
N ALA B 439 -41.51 -27.41 40.67
CA ALA B 439 -42.23 -28.48 41.35
C ALA B 439 -41.31 -29.68 41.54
N GLY B 440 -40.30 -29.76 40.70
CA GLY B 440 -39.32 -30.84 40.77
C GLY B 440 -38.14 -30.54 41.67
N THR B 441 -36.97 -31.03 41.26
CA THR B 441 -35.71 -30.76 41.94
C THR B 441 -34.93 -29.76 41.07
N PRO B 442 -34.53 -28.60 41.65
CA PRO B 442 -33.83 -27.57 40.86
C PRO B 442 -32.47 -28.04 40.36
N TRP B 443 -32.08 -27.63 39.14
CA TRP B 443 -30.80 -28.04 38.57
C TRP B 443 -29.61 -27.55 39.44
N ILE B 444 -29.84 -26.49 40.21
CA ILE B 444 -28.84 -25.99 41.16
C ILE B 444 -29.62 -25.65 42.43
N PRO B 445 -29.01 -25.81 43.62
CA PRO B 445 -29.86 -25.70 44.83
C PRO B 445 -30.32 -24.30 45.19
N VAL B 446 -31.43 -24.21 45.91
CA VAL B 446 -31.91 -22.94 46.47
C VAL B 446 -31.40 -22.83 47.91
N PRO B 447 -30.62 -21.79 48.22
CA PRO B 447 -30.11 -21.65 49.59
C PRO B 447 -31.24 -21.41 50.61
N ASP B 448 -30.96 -21.62 51.89
CA ASP B 448 -32.00 -21.60 52.94
C ASP B 448 -32.55 -20.22 53.31
N ASN B 449 -31.90 -19.17 52.83
CA ASN B 449 -32.39 -17.81 53.09
C ASN B 449 -33.72 -17.51 52.36
N TYR B 450 -34.16 -18.42 51.48
CA TYR B 450 -35.33 -18.15 50.65
C TYR B 450 -36.60 -17.91 51.46
N LYS B 451 -36.65 -18.44 52.67
CA LYS B 451 -37.82 -18.21 53.50
C LYS B 451 -37.95 -16.72 53.87
N GLU B 452 -36.80 -16.06 54.03
CA GLU B 452 -36.79 -14.62 54.32
C GLU B 452 -36.69 -13.76 53.05
N ILE B 453 -36.02 -14.27 52.03
CA ILE B 453 -35.75 -13.49 50.83
C ILE B 453 -36.48 -14.06 49.62
N ASN B 454 -37.62 -13.46 49.29
CA ASN B 454 -38.40 -13.92 48.14
C ASN B 454 -39.41 -12.90 47.63
N ALA B 455 -39.90 -13.12 46.41
CA ALA B 455 -40.76 -12.14 45.74
C ALA B 455 -42.06 -11.86 46.48
N GLU B 456 -42.74 -12.93 46.90
CA GLU B 456 -44.03 -12.77 47.56
C GLU B 456 -43.89 -11.89 48.81
N GLU B 457 -42.85 -12.16 49.57
CA GLU B 457 -42.56 -11.41 50.80
C GLU B 457 -42.22 -9.95 50.46
N ALA B 458 -41.42 -9.77 49.41
CA ALA B 458 -40.97 -8.44 49.02
C ALA B 458 -42.13 -7.59 48.51
N LEU B 459 -43.02 -8.19 47.71
CA LEU B 459 -44.14 -7.46 47.14
C LEU B 459 -45.20 -7.05 48.18
N ASN B 460 -45.17 -7.69 49.36
CA ASN B 460 -46.13 -7.36 50.43
C ASN B 460 -45.55 -6.46 51.51
N ASP B 461 -44.31 -6.01 51.29
CA ASP B 461 -43.63 -5.13 52.22
C ASP B 461 -43.40 -3.78 51.54
N PRO B 462 -44.14 -2.73 51.96
CA PRO B 462 -43.97 -1.45 51.25
C PRO B 462 -42.53 -0.90 51.33
N ASP B 463 -41.75 -1.38 52.29
CA ASP B 463 -40.37 -0.87 52.43
C ASP B 463 -39.35 -1.83 51.83
N SER B 464 -39.80 -2.71 50.94
CA SER B 464 -38.89 -3.74 50.43
C SER B 464 -37.88 -3.15 49.47
N ILE B 465 -36.84 -3.92 49.19
CA ILE B 465 -35.88 -3.57 48.14
C ILE B 465 -36.57 -3.47 46.80
N PHE B 466 -37.55 -4.36 46.57
CA PHE B 466 -38.23 -4.41 45.29
C PHE B 466 -38.86 -3.06 44.96
N TYR B 467 -39.59 -2.49 45.92
CA TYR B 467 -40.29 -1.22 45.64
C TYR B 467 -39.34 -0.03 45.57
N HIS B 468 -38.17 -0.17 46.17
CA HIS B 468 -37.16 0.86 46.04
C HIS B 468 -36.68 0.87 44.57
N TYR B 469 -36.46 -0.32 44.01
CA TYR B 469 -36.08 -0.41 42.59
C TYR B 469 -37.21 0.12 41.71
N LYS B 470 -38.46 -0.22 42.04
CA LYS B 470 -39.58 0.27 41.26
C LYS B 470 -39.59 1.78 41.23
N LYS B 471 -39.35 2.40 42.38
CA LYS B 471 -39.36 3.84 42.46
C LYS B 471 -38.21 4.45 41.66
N LEU B 472 -37.02 3.86 41.72
CA LEU B 472 -35.90 4.34 40.91
C LEU B 472 -36.23 4.26 39.42
N ASN B 473 -36.84 3.15 39.01
CA ASN B 473 -37.19 2.96 37.60
C ASN B 473 -38.19 3.99 37.14
N GLU B 474 -39.18 4.28 37.97
CA GLU B 474 -40.19 5.27 37.60
C GLU B 474 -39.64 6.68 37.64
N LEU B 475 -38.71 6.92 38.56
CA LEU B 475 -38.08 8.23 38.64
C LEU B 475 -37.40 8.58 37.32
N ARG B 476 -36.82 7.58 36.65
CA ARG B 476 -36.11 7.84 35.39
C ARG B 476 -37.08 8.27 34.30
N LYS B 477 -38.36 7.92 34.46
CA LYS B 477 -39.40 8.34 33.53
C LYS B 477 -39.96 9.71 33.86
N GLU B 478 -39.84 10.12 35.12
CA GLU B 478 -40.52 11.32 35.64
C GLU B 478 -39.63 12.55 35.73
N PHE B 479 -38.34 12.35 35.99
CA PHE B 479 -37.40 13.47 36.12
C PHE B 479 -36.35 13.46 35.02
N ASP B 480 -36.54 14.33 34.03
CA ASP B 480 -35.66 14.36 32.88
C ASP B 480 -34.18 14.58 33.23
N ILE B 481 -33.90 15.23 34.35
CA ILE B 481 -32.51 15.49 34.71
C ILE B 481 -31.69 14.20 34.90
N ILE B 482 -32.32 13.11 35.30
CA ILE B 482 -31.61 11.83 35.42
C ILE B 482 -31.02 11.38 34.08
N THR B 483 -31.66 11.80 33.00
CA THR B 483 -31.18 11.48 31.65
C THR B 483 -30.27 12.58 31.08
N THR B 484 -30.59 13.85 31.34
CA THR B 484 -29.87 14.97 30.68
C THR B 484 -28.79 15.68 31.50
N GLY B 485 -28.79 15.52 32.83
CA GLY B 485 -27.84 16.22 33.68
C GLY B 485 -26.42 15.71 33.48
N ASP B 486 -25.41 16.56 33.65
CA ASP B 486 -24.05 16.05 33.62
C ASP B 486 -23.78 15.26 34.90
N TYR B 487 -22.55 14.81 35.08
CA TYR B 487 -22.18 14.09 36.29
C TYR B 487 -20.99 14.83 36.86
N GLN B 488 -20.99 15.05 38.17
CA GLN B 488 -19.88 15.74 38.84
C GLN B 488 -19.55 15.03 40.15
N LEU B 489 -18.41 14.35 40.20
CA LEU B 489 -17.97 13.71 41.44
C LEU B 489 -17.60 14.76 42.50
N ILE B 490 -17.97 14.50 43.74
CA ILE B 490 -17.43 15.27 44.87
C ILE B 490 -16.90 14.30 45.90
N LEU B 491 -16.22 14.82 46.92
CA LEU B 491 -15.65 13.96 47.98
C LEU B 491 -14.89 12.78 47.40
N GLU B 492 -14.04 13.06 46.41
CA GLU B 492 -13.36 12.00 45.68
C GLU B 492 -12.54 11.08 46.59
N ASP B 493 -11.90 11.64 47.60
CA ASP B 493 -11.00 10.84 48.44
C ASP B 493 -11.66 10.28 49.70
N ASP B 494 -12.96 10.51 49.87
CA ASP B 494 -13.61 10.01 51.06
C ASP B 494 -13.57 8.48 51.09
N GLN B 495 -13.23 7.93 52.26
CA GLN B 495 -13.04 6.48 52.40
C GLN B 495 -14.35 5.73 52.50
N GLU B 496 -15.45 6.45 52.70
CA GLU B 496 -16.73 5.80 52.93
C GLU B 496 -17.87 6.29 52.04
N LEU B 497 -17.85 7.57 51.68
CA LEU B 497 -18.95 8.16 50.92
C LEU B 497 -18.69 8.23 49.42
N TYR B 498 -19.70 7.83 48.66
CA TYR B 498 -19.75 8.06 47.23
C TYR B 498 -20.85 9.08 47.02
N ALA B 499 -20.45 10.32 46.76
CA ALA B 499 -21.38 11.40 46.52
C ALA B 499 -21.10 12.03 45.18
N TYR B 500 -22.15 12.47 44.50
CA TYR B 500 -21.98 13.20 43.25
C TYR B 500 -23.20 14.03 42.94
N LEU B 501 -23.04 14.96 42.01
CA LEU B 501 -24.17 15.75 41.55
C LEU B 501 -24.48 15.44 40.11
N ARG B 502 -25.75 15.62 39.74
CA ARG B 502 -26.10 15.70 38.33
C ARG B 502 -26.54 17.14 38.12
N ASN B 503 -25.85 17.88 37.26
CA ASN B 503 -26.16 19.30 37.07
C ASN B 503 -27.02 19.52 35.84
N GLY B 504 -28.18 20.17 36.03
CA GLY B 504 -29.05 20.54 34.93
C GLY B 504 -29.18 22.04 34.81
N ALA B 505 -30.27 22.49 34.21
CA ALA B 505 -30.56 23.92 34.05
C ALA B 505 -31.38 24.41 35.23
N ASP B 506 -30.75 25.16 36.14
CA ASP B 506 -31.41 25.63 37.37
C ASP B 506 -32.02 24.46 38.13
N GLU B 507 -31.36 23.32 38.03
CA GLU B 507 -31.87 22.07 38.57
C GLU B 507 -30.67 21.15 38.81
N LYS B 508 -30.67 20.43 39.94
CA LYS B 508 -29.55 19.52 40.24
C LYS B 508 -30.06 18.33 41.03
N LEU B 509 -29.38 17.19 40.90
CA LEU B 509 -29.51 16.14 41.90
C LEU B 509 -28.24 16.12 42.73
N LEU B 510 -28.39 15.97 44.04
CA LEU B 510 -27.25 15.65 44.91
C LEU B 510 -27.44 14.22 45.42
N VAL B 511 -26.51 13.34 45.10
CA VAL B 511 -26.64 11.94 45.44
C VAL B 511 -25.56 11.58 46.45
N ILE B 512 -25.96 10.99 47.58
CA ILE B 512 -25.05 10.74 48.68
C ILE B 512 -25.21 9.31 49.16
N ASN B 513 -24.17 8.49 49.01
CA ASN B 513 -24.22 7.08 49.38
C ASN B 513 -23.10 6.67 50.32
N ASN B 514 -23.46 6.14 51.50
CA ASN B 514 -22.48 5.54 52.39
C ASN B 514 -22.22 4.10 51.98
N PHE B 515 -21.01 3.79 51.52
CA PHE B 515 -20.71 2.44 51.07
C PHE B 515 -20.29 1.48 52.20
N TYR B 516 -20.33 1.95 53.44
CA TYR B 516 -19.94 1.09 54.56
C TYR B 516 -20.94 1.21 55.70
N GLY B 517 -20.76 0.41 56.75
CA GLY B 517 -21.70 0.37 57.84
C GLY B 517 -21.31 1.18 59.07
N LYS B 518 -20.70 2.35 58.87
CA LYS B 518 -20.35 3.22 60.00
C LYS B 518 -20.81 4.63 59.74
N GLU B 519 -21.09 5.37 60.81
CA GLU B 519 -21.48 6.78 60.66
C GLU B 519 -20.30 7.64 60.22
N THR B 520 -20.57 8.64 59.39
CA THR B 520 -19.51 9.51 58.92
C THR B 520 -20.12 10.83 58.46
N GLU B 521 -19.36 11.91 58.56
CA GLU B 521 -19.87 13.24 58.21
C GLU B 521 -19.90 13.47 56.69
N PHE B 522 -20.99 14.08 56.23
CA PHE B 522 -21.03 14.64 54.89
C PHE B 522 -21.02 16.16 55.06
N GLN B 523 -20.22 16.84 54.23
CA GLN B 523 -20.25 18.30 54.18
C GLN B 523 -20.15 18.66 52.71
N LEU B 524 -21.13 19.42 52.20
CA LEU B 524 -21.09 19.81 50.80
C LEU B 524 -19.91 20.76 50.59
N PRO B 525 -19.13 20.53 49.53
CA PRO B 525 -17.94 21.35 49.30
C PRO B 525 -18.27 22.79 48.95
N ASP B 526 -17.39 23.72 49.30
CA ASP B 526 -17.63 25.15 49.08
C ASP B 526 -17.80 25.50 47.60
N ASP B 527 -17.19 24.72 46.71
CA ASP B 527 -17.30 25.04 45.28
C ASP B 527 -18.62 24.59 44.62
N ILE B 528 -19.54 24.04 45.42
CA ILE B 528 -20.84 23.67 44.86
C ILE B 528 -21.80 24.82 44.98
N ASP B 529 -22.18 25.38 43.85
CA ASP B 529 -22.99 26.59 43.82
C ASP B 529 -24.47 26.25 43.84
N ILE B 530 -25.08 26.38 45.01
CA ILE B 530 -26.49 26.05 45.17
C ILE B 530 -27.29 27.20 45.79
N GLU B 531 -26.79 28.41 45.58
CA GLU B 531 -27.48 29.61 46.05
C GLU B 531 -28.83 29.78 45.36
N GLY B 532 -29.88 29.96 46.14
CA GLY B 532 -31.22 30.13 45.59
C GLY B 532 -31.95 28.84 45.24
N TYR B 533 -31.34 27.70 45.53
CA TYR B 533 -31.94 26.40 45.23
C TYR B 533 -32.73 25.86 46.41
N ASP B 534 -33.92 25.35 46.18
CA ASP B 534 -34.64 24.68 47.25
C ASP B 534 -34.43 23.17 47.17
N ALA B 535 -34.29 22.52 48.31
CA ALA B 535 -34.01 21.10 48.37
C ALA B 535 -35.20 20.26 48.81
N LYS B 536 -35.55 19.25 48.01
CA LYS B 536 -36.48 18.21 48.43
C LYS B 536 -35.87 16.82 48.23
N VAL B 537 -36.22 15.89 49.12
CA VAL B 537 -35.74 14.53 49.02
C VAL B 537 -36.40 13.84 47.83
N LEU B 538 -35.60 13.34 46.90
CA LEU B 538 -36.19 12.57 45.76
C LEU B 538 -36.42 11.09 46.12
N ILE B 539 -35.43 10.49 46.77
CA ILE B 539 -35.55 9.10 47.21
C ILE B 539 -34.51 8.84 48.28
N SER B 540 -34.86 8.00 49.25
CA SER B 540 -33.99 7.72 50.36
C SER B 540 -34.26 6.29 50.79
N ASN B 541 -33.26 5.64 51.39
CA ASN B 541 -33.48 4.31 51.92
C ASN B 541 -33.66 4.39 53.44
N ASP B 542 -33.95 5.57 53.96
CA ASP B 542 -34.07 5.76 55.40
C ASP B 542 -34.89 7.01 55.72
N THR B 543 -35.77 6.91 56.71
CA THR B 543 -36.62 8.03 57.08
C THR B 543 -35.89 9.05 57.96
N ASP B 544 -34.70 8.68 58.42
CA ASP B 544 -33.88 9.55 59.26
C ASP B 544 -33.15 10.62 58.43
N LEU B 545 -33.87 11.68 58.08
CA LEU B 545 -33.34 12.75 57.24
C LEU B 545 -32.70 13.84 58.09
N PRO B 546 -31.62 14.44 57.60
CA PRO B 546 -30.98 15.51 58.39
C PRO B 546 -31.74 16.83 58.30
N GLU B 547 -31.49 17.74 59.24
CA GLU B 547 -32.06 19.07 59.17
C GLU B 547 -31.53 19.83 57.94
N SER B 548 -30.26 19.62 57.63
CA SER B 548 -29.66 20.29 56.46
C SER B 548 -28.69 19.38 55.75
N PHE B 549 -28.86 19.27 54.43
CA PHE B 549 -28.03 18.39 53.63
C PHE B 549 -26.59 18.90 53.56
N LYS B 550 -26.38 20.18 53.86
CA LYS B 550 -25.05 20.78 53.66
C LYS B 550 -23.98 20.21 54.57
N ARG B 551 -24.38 19.76 55.75
CA ARG B 551 -23.47 19.13 56.69
C ARG B 551 -24.27 18.24 57.63
N PHE B 552 -24.00 16.95 57.63
CA PHE B 552 -24.72 16.04 58.51
C PHE B 552 -24.01 14.73 58.70
N THR B 553 -24.46 13.99 59.70
CA THR B 553 -23.92 12.67 60.00
C THR B 553 -24.67 11.60 59.20
N VAL B 554 -23.98 10.99 58.25
CA VAL B 554 -24.57 9.95 57.40
C VAL B 554 -24.61 8.63 58.17
N LYS B 555 -25.76 7.98 58.19
CA LYS B 555 -25.93 6.70 58.89
C LYS B 555 -25.33 5.53 58.10
N PRO B 556 -25.05 4.40 58.76
CA PRO B 556 -24.51 3.22 58.06
C PRO B 556 -25.35 2.91 56.81
N TYR B 557 -24.70 2.73 55.66
CA TYR B 557 -25.38 2.43 54.40
C TYR B 557 -26.53 3.37 54.00
N GLN B 558 -26.61 4.55 54.59
CA GLN B 558 -27.66 5.50 54.21
C GLN B 558 -27.45 5.95 52.77
N SER B 559 -28.54 6.17 52.06
CA SER B 559 -28.51 6.63 50.68
C SER B 559 -29.61 7.68 50.49
N ILE B 560 -29.25 8.88 50.06
CA ILE B 560 -30.21 9.96 49.90
C ILE B 560 -29.97 10.70 48.60
N VAL B 561 -31.03 10.99 47.86
CA VAL B 561 -30.93 11.83 46.68
C VAL B 561 -31.80 13.05 46.90
N TYR B 562 -31.21 14.22 46.76
CA TYR B 562 -31.94 15.47 46.89
C TYR B 562 -32.17 16.05 45.50
N HIS B 563 -33.39 16.49 45.25
CA HIS B 563 -33.68 17.23 44.04
C HIS B 563 -33.63 18.72 44.41
N LEU B 564 -32.75 19.45 43.72
CA LEU B 564 -32.55 20.88 43.96
C LEU B 564 -33.06 21.69 42.77
N ALA B 565 -33.91 22.66 43.04
CA ALA B 565 -34.42 23.52 41.96
C ALA B 565 -34.60 24.98 42.38
N LYS B 566 -34.63 25.86 41.39
CA LYS B 566 -34.92 27.29 41.61
C LYS B 566 -36.39 27.66 41.41
N ASN C 12 36.41 -14.10 20.87
CA ASN C 12 35.48 -12.98 20.90
C ASN C 12 35.29 -12.36 19.53
N PRO C 13 34.12 -11.74 19.30
CA PRO C 13 33.99 -10.90 18.12
C PRO C 13 35.02 -9.77 18.24
N TRP C 14 35.54 -9.24 17.13
CA TRP C 14 36.56 -8.18 17.19
C TRP C 14 36.07 -6.92 17.90
N TRP C 15 34.78 -6.60 17.78
CA TRP C 15 34.26 -5.39 18.40
C TRP C 15 34.26 -5.41 19.93
N LYS C 16 34.50 -6.59 20.50
CA LYS C 16 34.43 -6.73 21.96
C LYS C 16 35.47 -5.89 22.66
N LYS C 17 36.68 -5.92 22.12
CA LYS C 17 37.83 -5.20 22.69
C LYS C 17 38.19 -3.97 21.85
N ALA C 18 37.28 -3.57 20.97
CA ALA C 18 37.52 -2.43 20.10
C ALA C 18 37.42 -1.11 20.86
N VAL C 19 38.04 -0.07 20.33
CA VAL C 19 37.78 1.30 20.76
C VAL C 19 37.38 2.09 19.53
N VAL C 20 36.22 2.73 19.60
CA VAL C 20 35.69 3.46 18.44
C VAL C 20 35.97 4.96 18.54
N TYR C 21 36.49 5.53 17.46
CA TYR C 21 36.65 6.98 17.36
C TYR C 21 35.47 7.57 16.58
N GLN C 22 34.70 8.43 17.22
CA GLN C 22 33.52 9.02 16.57
C GLN C 22 33.88 10.29 15.82
N ILE C 23 33.60 10.33 14.52
CA ILE C 23 33.93 11.48 13.71
C ILE C 23 32.68 12.21 13.19
N TYR C 24 32.69 13.53 13.38
CA TYR C 24 31.65 14.43 12.90
C TYR C 24 32.34 15.24 11.80
N PRO C 25 32.18 14.79 10.53
CA PRO C 25 33.06 15.19 9.43
C PRO C 25 33.11 16.68 9.18
N LYS C 26 31.98 17.36 9.33
CA LYS C 26 31.86 18.80 9.13
C LYS C 26 32.91 19.57 9.94
N SER C 27 33.28 19.03 11.09
CA SER C 27 34.19 19.74 11.99
C SER C 27 35.46 18.97 12.29
N PHE C 28 35.82 18.02 11.43
CA PHE C 28 37.03 17.23 11.64
C PHE C 28 38.25 17.81 10.92
N LYS C 29 38.28 17.73 9.59
CA LYS C 29 39.39 18.32 8.85
C LYS C 29 38.96 18.76 7.44
N ASP C 30 39.14 20.05 7.17
CA ASP C 30 38.85 20.63 5.87
C ASP C 30 40.11 20.68 4.99
N THR C 31 40.05 20.05 3.82
CA THR C 31 41.17 20.05 2.89
C THR C 31 40.91 20.88 1.63
N THR C 32 39.72 21.50 1.53
CA THR C 32 39.35 22.21 0.31
C THR C 32 39.28 23.72 0.49
N GLY C 33 39.17 24.18 1.73
CA GLY C 33 39.21 25.59 2.00
C GLY C 33 37.84 26.25 2.11
N ASN C 34 36.77 25.44 2.01
CA ASN C 34 35.43 26.00 2.16
C ASN C 34 35.03 26.14 3.64
N GLY C 35 35.92 25.73 4.55
CA GLY C 35 35.68 25.87 5.98
C GLY C 35 34.81 24.76 6.54
N VAL C 36 34.53 23.77 5.70
CA VAL C 36 33.76 22.61 6.11
C VAL C 36 34.64 21.35 6.01
N GLY C 37 34.59 20.48 7.01
CA GLY C 37 35.41 19.28 6.97
C GLY C 37 34.96 18.36 5.85
N ASP C 38 35.87 17.52 5.33
CA ASP C 38 35.51 16.59 4.27
C ASP C 38 36.16 15.23 4.44
N ILE C 39 35.82 14.29 3.55
CA ILE C 39 36.31 12.91 3.64
C ILE C 39 37.83 12.84 3.43
N ARG C 40 38.33 13.63 2.49
CA ARG C 40 39.78 13.68 2.26
C ARG C 40 40.51 14.06 3.56
N GLY C 41 39.89 14.95 4.34
CA GLY C 41 40.45 15.31 5.64
C GLY C 41 40.54 14.14 6.61
N ILE C 42 39.55 13.26 6.58
CA ILE C 42 39.62 12.05 7.43
C ILE C 42 40.76 11.15 6.98
N ILE C 43 40.89 10.94 5.67
CA ILE C 43 41.99 10.14 5.12
C ILE C 43 43.35 10.65 5.57
N GLU C 44 43.54 11.96 5.47
CA GLU C 44 44.80 12.55 5.91
C GLU C 44 45.15 12.28 7.37
N LYS C 45 44.14 12.06 8.21
CA LYS C 45 44.36 11.88 9.65
C LYS C 45 44.31 10.43 10.14
N LEU C 46 44.37 9.46 9.22
CA LEU C 46 44.25 8.07 9.65
C LEU C 46 45.43 7.61 10.51
N ASP C 47 46.64 8.12 10.23
CA ASP C 47 47.81 7.75 11.01
C ASP C 47 47.63 8.26 12.46
N TYR C 48 47.04 9.44 12.59
CA TYR C 48 46.72 10.01 13.88
C TYR C 48 45.76 9.11 14.65
N ILE C 49 44.65 8.77 14.01
CA ILE C 49 43.68 7.86 14.62
C ILE C 49 44.33 6.51 14.98
N LYS C 50 45.17 5.99 14.10
CA LYS C 50 45.89 4.74 14.37
C LYS C 50 46.86 4.91 15.54
N GLU C 51 47.52 6.05 15.61
CA GLU C 51 48.44 6.30 16.72
C GLU C 51 47.69 6.35 18.06
N LEU C 52 46.44 6.80 18.02
CA LEU C 52 45.62 6.87 19.23
C LEU C 52 45.23 5.46 19.68
N ALA C 53 45.42 4.48 18.79
CA ALA C 53 45.10 3.07 19.05
C ALA C 53 43.59 2.78 19.08
N CYS C 54 42.83 3.51 18.27
CA CYS C 54 41.46 3.13 17.97
C CYS C 54 41.50 2.18 16.77
N ASP C 55 40.64 1.17 16.77
CA ASP C 55 40.59 0.30 15.59
C ASP C 55 39.29 0.39 14.82
N VAL C 56 38.44 1.34 15.22
CA VAL C 56 37.20 1.61 14.49
C VAL C 56 36.96 3.11 14.40
N ILE C 57 36.43 3.53 13.25
CA ILE C 57 36.00 4.90 13.05
C ILE C 57 34.51 4.87 12.74
N TRP C 58 33.75 5.74 13.41
CA TRP C 58 32.33 5.86 13.15
C TRP C 58 32.06 7.26 12.59
N LEU C 59 31.47 7.30 11.39
CA LEU C 59 31.09 8.56 10.75
C LEU C 59 29.61 8.85 10.96
N THR C 60 29.31 10.05 11.44
CA THR C 60 27.94 10.51 11.53
C THR C 60 27.42 10.71 10.09
N PRO C 61 26.11 10.96 9.92
CA PRO C 61 25.57 10.90 8.54
C PRO C 61 26.31 11.78 7.52
N ILE C 62 26.67 11.20 6.38
CA ILE C 62 27.25 11.97 5.29
C ILE C 62 26.43 11.78 3.99
N TYR C 63 25.20 11.28 4.12
CA TYR C 63 24.37 11.00 2.94
C TYR C 63 23.75 12.27 2.36
N GLN C 64 23.36 12.21 1.09
CA GLN C 64 22.66 13.33 0.47
C GLN C 64 21.47 13.78 1.32
N SER C 65 21.38 15.09 1.57
CA SER C 65 20.44 15.64 2.54
C SER C 65 20.30 17.16 2.36
N PRO C 66 19.09 17.68 2.54
CA PRO C 66 18.83 19.14 2.48
C PRO C 66 19.35 19.83 3.74
N GLN C 67 19.90 19.05 4.66
CA GLN C 67 20.52 19.58 5.88
C GLN C 67 19.56 20.47 6.68
N ASN C 68 18.26 20.15 6.61
CA ASN C 68 17.29 20.78 7.48
C ASN C 68 17.51 20.35 8.92
N ASP C 69 18.05 19.14 9.10
CA ASP C 69 18.28 18.60 10.44
C ASP C 69 19.63 17.91 10.58
N ASN C 70 20.70 18.67 10.33
CA ASN C 70 22.07 18.21 10.57
C ASN C 70 22.42 16.85 9.93
N GLY C 71 21.79 16.54 8.80
CA GLY C 71 22.14 15.35 8.05
C GLY C 71 21.33 14.12 8.43
N TYR C 72 20.54 14.24 9.49
CA TYR C 72 19.65 13.14 9.88
C TYR C 72 18.35 13.14 9.09
N ASP C 73 18.22 14.11 8.19
CA ASP C 73 17.12 14.13 7.21
C ASP C 73 17.68 13.74 5.85
N ILE C 74 17.55 12.46 5.51
CA ILE C 74 18.22 11.89 4.32
C ILE C 74 17.29 11.89 3.10
N SER C 75 17.78 12.41 1.98
CA SER C 75 17.01 12.43 0.76
C SER C 75 17.47 11.36 -0.25
N ASP C 76 18.68 10.83 -0.06
CA ASP C 76 19.16 9.70 -0.86
C ASP C 76 20.22 8.91 -0.12
N TYR C 77 19.93 7.64 0.14
CA TYR C 77 20.83 6.78 0.89
C TYR C 77 21.97 6.20 0.04
N TYR C 78 21.91 6.40 -1.27
CA TYR C 78 22.89 5.77 -2.15
C TYR C 78 24.02 6.73 -2.54
N SER C 79 23.94 7.97 -2.09
CA SER C 79 24.95 8.95 -2.46
C SER C 79 25.35 9.83 -1.29
N ILE C 80 26.51 10.44 -1.43
CA ILE C 80 27.12 11.18 -0.34
C ILE C 80 26.95 12.67 -0.58
N HIS C 81 26.62 13.39 0.49
CA HIS C 81 26.47 14.83 0.46
C HIS C 81 27.72 15.49 -0.14
N GLU C 82 27.54 16.16 -1.27
CA GLU C 82 28.66 16.59 -2.13
C GLU C 82 29.76 17.39 -1.44
N GLU C 83 29.37 18.23 -0.50
CA GLU C 83 30.31 18.99 0.32
C GLU C 83 31.43 18.13 0.89
N TYR C 84 31.06 16.92 1.31
CA TYR C 84 31.99 16.03 2.01
C TYR C 84 32.97 15.32 1.06
N GLY C 85 32.64 15.31 -0.22
CA GLY C 85 33.47 14.64 -1.21
C GLY C 85 32.65 13.67 -2.03
N THR C 86 33.35 12.83 -2.80
CA THR C 86 32.70 11.92 -3.73
C THR C 86 32.65 10.49 -3.18
N MET C 87 31.93 9.62 -3.88
CA MET C 87 31.89 8.20 -3.50
C MET C 87 33.29 7.62 -3.60
N ALA C 88 34.08 8.08 -4.57
CA ALA C 88 35.43 7.54 -4.73
C ALA C 88 36.29 7.92 -3.54
N ASP C 89 36.11 9.14 -3.04
CA ASP C 89 36.78 9.52 -1.80
C ASP C 89 36.42 8.53 -0.69
N PHE C 90 35.12 8.21 -0.56
CA PHE C 90 34.69 7.29 0.50
C PHE C 90 35.33 5.91 0.38
N GLU C 91 35.28 5.35 -0.84
CA GLU C 91 35.93 4.07 -1.11
C GLU C 91 37.42 4.09 -0.78
N GLU C 92 38.06 5.23 -0.99
CA GLU C 92 39.48 5.40 -0.66
C GLU C 92 39.67 5.47 0.85
N LEU C 93 38.73 6.12 1.54
CA LEU C 93 38.75 6.11 3.00
C LEU C 93 38.68 4.69 3.52
N LEU C 94 37.76 3.89 3.00
CA LEU C 94 37.65 2.48 3.41
C LEU C 94 38.94 1.71 3.19
N GLU C 95 39.48 1.84 1.98
CA GLU C 95 40.72 1.14 1.63
C GLU C 95 41.84 1.56 2.58
N GLU C 96 42.02 2.87 2.72
CA GLU C 96 43.12 3.38 3.53
C GLU C 96 42.94 3.02 4.99
N ALA C 97 41.71 3.09 5.49
CA ALA C 97 41.47 2.69 6.87
C ALA C 97 41.81 1.20 7.07
N HIS C 98 41.32 0.37 6.17
CA HIS C 98 41.52 -1.10 6.29
C HIS C 98 42.99 -1.49 6.23
N LYS C 99 43.74 -0.81 5.37
CA LYS C 99 45.19 -1.00 5.23
C LYS C 99 45.90 -0.80 6.58
N ARG C 100 45.30 0.05 7.42
CA ARG C 100 45.88 0.33 8.74
C ARG C 100 45.24 -0.51 9.84
N GLY C 101 44.42 -1.48 9.46
CA GLY C 101 43.73 -2.31 10.44
C GLY C 101 42.64 -1.54 11.19
N ILE C 102 42.07 -0.54 10.54
CA ILE C 102 41.01 0.25 11.18
C ILE C 102 39.70 -0.03 10.47
N LYS C 103 38.65 -0.36 11.21
CA LYS C 103 37.34 -0.63 10.58
C LYS C 103 36.46 0.65 10.55
N VAL C 104 35.39 0.63 9.75
CA VAL C 104 34.60 1.84 9.49
C VAL C 104 33.11 1.58 9.57
N ILE C 105 32.43 2.29 10.46
CA ILE C 105 30.98 2.15 10.53
C ILE C 105 30.30 3.46 10.19
N MET C 106 29.06 3.36 9.74
CA MET C 106 28.29 4.50 9.24
C MET C 106 27.07 4.69 10.12
N ASP C 107 26.56 5.91 10.14
CA ASP C 107 25.27 6.14 10.75
C ASP C 107 24.18 5.67 9.79
N LEU C 108 23.28 4.86 10.30
CA LEU C 108 22.13 4.39 9.53
C LEU C 108 20.90 5.08 10.10
N VAL C 109 20.26 5.94 9.31
CA VAL C 109 19.07 6.66 9.78
C VAL C 109 17.84 6.14 9.03
N VAL C 110 17.15 5.18 9.64
CA VAL C 110 16.02 4.57 8.96
C VAL C 110 14.69 4.60 9.71
N ASN C 111 14.61 5.34 10.81
CA ASN C 111 13.30 5.57 11.41
C ASN C 111 12.47 6.48 10.51
N HIS C 112 13.15 7.40 9.83
CA HIS C 112 12.51 8.46 9.03
C HIS C 112 13.43 8.87 7.88
N THR C 113 12.86 9.46 6.83
CA THR C 113 13.67 10.09 5.78
C THR C 113 13.36 11.56 5.69
N SER C 114 14.10 12.27 4.84
CA SER C 114 13.75 13.65 4.52
C SER C 114 12.47 13.65 3.70
N THR C 115 11.67 14.69 3.86
CA THR C 115 10.49 14.87 3.01
C THR C 115 10.91 15.10 1.55
N GLU C 116 12.19 15.39 1.33
CA GLU C 116 12.73 15.55 -0.02
C GLU C 116 13.23 14.23 -0.61
N HIS C 117 13.18 13.16 0.17
CA HIS C 117 13.50 11.83 -0.37
C HIS C 117 12.48 11.53 -1.45
N ARG C 118 12.92 10.86 -2.52
CA ARG C 118 12.03 10.46 -3.60
C ARG C 118 10.77 9.74 -3.10
N TRP C 119 10.93 8.83 -2.14
CA TRP C 119 9.80 8.08 -1.57
C TRP C 119 8.71 8.98 -1.00
N PHE C 120 9.10 10.01 -0.25
CA PHE C 120 8.10 10.90 0.32
C PHE C 120 7.50 11.81 -0.73
N LYS C 121 8.33 12.22 -1.71
CA LYS C 121 7.83 13.07 -2.77
C LYS C 121 6.71 12.35 -3.53
N GLU C 122 6.94 11.08 -3.84
CA GLU C 122 5.90 10.28 -4.47
C GLU C 122 4.71 10.04 -3.54
N ALA C 123 4.97 9.63 -2.29
CA ALA C 123 3.90 9.34 -1.35
C ALA C 123 2.96 10.54 -1.14
N ALA C 124 3.55 11.72 -1.03
CA ALA C 124 2.78 12.92 -0.72
C ALA C 124 1.95 13.37 -1.92
N SER C 125 2.29 12.89 -3.11
CA SER C 125 1.57 13.30 -4.32
C SER C 125 0.12 12.77 -4.39
N GLY C 126 -0.14 11.64 -3.75
CA GLY C 126 -1.50 11.11 -3.71
C GLY C 126 -1.70 9.78 -2.99
N LYS C 127 -2.87 9.62 -2.38
CA LYS C 127 -3.22 8.40 -1.65
C LYS C 127 -3.04 7.13 -2.48
N GLU C 128 -3.12 7.28 -3.80
CA GLU C 128 -3.06 6.13 -4.70
C GLU C 128 -1.65 5.87 -5.25
N ASN C 129 -0.74 6.82 -5.01
CA ASN C 129 0.65 6.64 -5.42
C ASN C 129 1.27 5.38 -4.81
N LEU C 130 2.11 4.67 -5.57
CA LEU C 130 2.65 3.37 -5.14
C LEU C 130 3.50 3.45 -3.85
N TYR C 131 4.07 4.61 -3.56
CA TYR C 131 4.87 4.80 -2.36
C TYR C 131 4.08 5.31 -1.14
N ARG C 132 2.77 5.46 -1.27
CA ARG C 132 1.95 6.09 -0.22
C ARG C 132 2.18 5.51 1.18
N ASP C 133 2.16 4.19 1.27
CA ASP C 133 2.22 3.53 2.58
C ASP C 133 3.63 3.37 3.14
N PHE C 134 4.60 4.04 2.53
CA PHE C 134 5.97 4.01 3.03
C PHE C 134 6.08 4.91 4.23
N TYR C 135 5.08 5.75 4.40
CA TYR C 135 5.05 6.67 5.52
C TYR C 135 3.75 6.48 6.31
N ILE C 136 3.68 7.11 7.48
CA ILE C 136 2.53 6.91 8.36
C ILE C 136 1.49 8.02 8.20
N TRP C 137 0.43 7.74 7.44
CA TRP C 137 -0.65 8.71 7.19
C TRP C 137 -1.92 8.45 8.02
N LYS C 138 -2.47 9.49 8.62
CA LYS C 138 -3.72 9.36 9.36
C LYS C 138 -4.68 10.53 9.12
N ASP C 139 -5.97 10.27 9.32
CA ASP C 139 -7.01 11.29 9.14
C ASP C 139 -7.20 12.15 10.37
N MET C 140 -7.72 13.37 10.15
CA MET C 140 -8.16 14.24 11.23
C MET C 140 -9.26 13.52 12.02
N LYS C 141 -9.33 13.80 13.32
CA LYS C 141 -10.46 13.34 14.12
C LYS C 141 -11.66 14.27 13.90
N PRO C 142 -12.89 13.74 14.08
CA PRO C 142 -14.15 14.52 14.04
C PRO C 142 -13.97 15.93 14.60
N ASN C 143 -13.45 16.01 15.81
CA ASN C 143 -13.23 17.26 16.54
C ASN C 143 -12.23 18.22 15.90
N GLY C 144 -11.66 17.84 14.76
CA GLY C 144 -10.64 18.65 14.12
C GLY C 144 -9.27 18.47 14.75
N ALA C 145 -9.20 17.59 15.75
CA ALA C 145 -7.94 17.27 16.42
C ALA C 145 -7.10 16.34 15.55
N PRO C 146 -5.76 16.48 15.63
CA PRO C 146 -4.83 15.56 14.96
C PRO C 146 -5.06 14.13 15.43
N PRO C 147 -4.70 13.12 14.60
CA PRO C 147 -5.03 11.72 14.88
C PRO C 147 -4.59 11.22 16.26
N THR C 148 -3.55 11.79 16.85
CA THR C 148 -3.21 11.52 18.24
C THR C 148 -2.70 12.80 18.90
N ASN C 149 -2.54 12.76 20.21
CA ASN C 149 -2.02 13.91 20.96
C ASN C 149 -0.51 13.83 21.22
N TRP C 150 0.19 13.03 20.42
CA TRP C 150 1.63 12.82 20.61
C TRP C 150 2.46 14.06 20.28
N GLU C 151 3.55 14.24 21.02
CA GLU C 151 4.40 15.40 20.80
C GLU C 151 5.66 15.00 20.06
N SER C 152 6.02 15.80 19.07
CA SER C 152 7.30 15.66 18.42
C SER C 152 8.36 15.98 19.46
N LYS C 153 9.53 15.38 19.32
CA LYS C 153 10.61 15.60 20.28
C LYS C 153 11.21 16.99 20.09
N PHE C 154 10.75 17.68 19.04
CA PHE C 154 11.14 19.06 18.79
C PHE C 154 10.10 20.05 19.33
N GLY C 155 9.12 19.53 20.06
CA GLY C 155 8.02 20.34 20.56
C GLY C 155 6.92 20.46 19.52
N GLY C 156 5.69 20.69 19.96
CA GLY C 156 4.56 20.72 19.04
C GLY C 156 4.03 19.34 18.73
N SER C 157 2.96 19.27 17.95
CA SER C 157 2.36 18.00 17.55
C SER C 157 3.31 17.12 16.74
N ALA C 158 3.15 15.81 16.87
CA ALA C 158 3.97 14.85 16.11
C ALA C 158 3.35 14.56 14.75
N TRP C 159 2.31 15.33 14.41
CA TRP C 159 1.64 15.15 13.12
C TRP C 159 1.65 16.44 12.33
N GLU C 160 2.08 16.37 11.08
CA GLU C 160 2.03 17.50 10.17
C GLU C 160 0.89 17.26 9.21
N PHE C 161 0.05 18.28 9.00
CA PHE C 161 -1.07 18.14 8.06
C PHE C 161 -0.59 18.37 6.63
N HIS C 162 -0.98 17.47 5.73
CA HIS C 162 -0.65 17.61 4.32
C HIS C 162 -1.90 18.02 3.54
N ALA C 163 -1.95 19.31 3.18
CA ALA C 163 -3.12 19.89 2.50
C ALA C 163 -3.56 19.10 1.26
N GLU C 164 -2.67 19.02 0.27
CA GLU C 164 -2.88 18.31 -0.99
C GLU C 164 -3.63 16.98 -0.85
N SER C 165 -3.09 16.10 -0.03
CA SER C 165 -3.63 14.74 0.12
C SER C 165 -4.71 14.70 1.18
N GLY C 166 -4.75 15.72 2.03
CA GLY C 166 -5.78 15.83 3.05
C GLY C 166 -5.56 14.91 4.24
N GLN C 167 -4.30 14.54 4.48
CA GLN C 167 -3.95 13.66 5.60
C GLN C 167 -2.77 14.18 6.39
N TYR C 168 -2.65 13.70 7.62
CA TYR C 168 -1.47 13.97 8.45
C TYR C 168 -0.46 12.84 8.26
N TYR C 169 0.83 13.18 8.24
CA TYR C 169 1.88 12.16 8.31
C TYR C 169 2.64 12.30 9.62
N LEU C 170 3.11 11.17 10.16
CA LEU C 170 3.84 11.15 11.43
C LEU C 170 5.25 11.70 11.29
N HIS C 171 5.64 12.56 12.22
CA HIS C 171 7.04 12.94 12.37
C HIS C 171 7.43 13.00 13.84
N LEU C 172 8.14 11.97 14.29
CA LEU C 172 8.56 11.93 15.69
C LEU C 172 9.55 13.06 15.97
N TYR C 173 10.28 13.47 14.94
CA TYR C 173 11.31 14.49 15.13
C TYR C 173 10.95 15.80 14.40
N ASP C 174 11.74 16.21 13.42
CA ASP C 174 11.40 17.50 12.78
C ASP C 174 10.30 17.30 11.75
N VAL C 175 9.63 18.40 11.37
CA VAL C 175 8.52 18.31 10.43
C VAL C 175 8.99 17.75 9.09
N THR C 176 10.26 18.03 8.79
CA THR C 176 10.86 17.61 7.53
C THR C 176 11.47 16.21 7.63
N GLN C 177 11.28 15.55 8.77
CA GLN C 177 11.69 14.14 8.93
C GLN C 177 10.47 13.26 9.09
N ALA C 178 10.03 12.64 8.01
CA ALA C 178 8.82 11.84 8.03
C ALA C 178 9.10 10.38 8.39
N ASP C 179 8.41 9.87 9.41
CA ASP C 179 8.64 8.50 9.86
C ASP C 179 8.27 7.47 8.79
N LEU C 180 9.15 6.50 8.57
CA LEU C 180 8.88 5.41 7.65
C LEU C 180 7.95 4.39 8.27
N ASN C 181 7.18 3.71 7.43
CA ASN C 181 6.19 2.75 7.88
C ASN C 181 6.75 1.33 7.89
N TRP C 182 7.25 0.90 9.05
CA TRP C 182 7.92 -0.39 9.14
C TRP C 182 6.97 -1.59 9.10
N GLU C 183 5.67 -1.32 9.29
CA GLU C 183 4.65 -2.35 9.14
C GLU C 183 4.58 -2.81 7.70
N ASN C 184 4.93 -1.90 6.80
CA ASN C 184 4.96 -2.20 5.39
C ASN C 184 6.23 -2.99 5.07
N GLU C 185 6.08 -4.26 4.77
CA GLU C 185 7.21 -5.12 4.45
C GLU C 185 8.06 -4.57 3.29
N ALA C 186 7.41 -3.83 2.39
CA ALA C 186 8.11 -3.24 1.25
C ALA C 186 9.15 -2.23 1.73
N VAL C 187 8.81 -1.47 2.78
CA VAL C 187 9.76 -0.52 3.33
C VAL C 187 10.96 -1.28 3.87
N ARG C 188 10.71 -2.37 4.61
CA ARG C 188 11.80 -3.08 5.25
C ARG C 188 12.78 -3.64 4.21
N LYS C 189 12.24 -4.26 3.18
CA LYS C 189 13.04 -4.87 2.13
C LYS C 189 13.94 -3.87 1.37
N LYS C 190 13.41 -2.68 1.12
CA LYS C 190 14.19 -1.64 0.44
C LYS C 190 15.30 -1.08 1.35
N VAL C 191 15.02 -0.98 2.65
CA VAL C 191 16.05 -0.61 3.60
C VAL C 191 17.17 -1.66 3.60
N TYR C 192 16.79 -2.94 3.61
CA TYR C 192 17.79 -4.01 3.61
C TYR C 192 18.66 -3.96 2.36
N GLU C 193 18.06 -3.61 1.22
CA GLU C 193 18.80 -3.57 -0.04
C GLU C 193 19.84 -2.47 -0.04
N MET C 194 19.45 -1.32 0.50
CA MET C 194 20.35 -0.19 0.68
C MET C 194 21.53 -0.60 1.60
N MET C 195 21.21 -1.36 2.64
CA MET C 195 22.25 -1.83 3.56
C MET C 195 23.25 -2.77 2.87
N HIS C 196 22.75 -3.69 2.06
CA HIS C 196 23.63 -4.57 1.26
C HIS C 196 24.55 -3.73 0.40
N PHE C 197 24.01 -2.66 -0.17
CA PHE C 197 24.78 -1.78 -1.04
C PHE C 197 26.01 -1.26 -0.31
N TRP C 198 25.82 -0.84 0.95
CA TRP C 198 26.94 -0.26 1.70
C TRP C 198 27.90 -1.35 2.19
N PHE C 199 27.38 -2.51 2.59
CA PHE C 199 28.24 -3.59 3.05
C PHE C 199 29.11 -4.11 1.89
N GLU C 200 28.54 -4.11 0.70
CA GLU C 200 29.24 -4.63 -0.47
C GLU C 200 30.44 -3.75 -0.79
N LYS C 201 30.32 -2.45 -0.51
CA LYS C 201 31.45 -1.54 -0.68
C LYS C 201 32.55 -1.85 0.31
N GLY C 202 32.19 -2.57 1.38
CA GLY C 202 33.16 -2.95 2.39
C GLY C 202 33.06 -2.25 3.73
N ILE C 203 31.97 -1.54 4.01
CA ILE C 203 31.84 -0.97 5.36
C ILE C 203 31.74 -2.09 6.38
N ASP C 204 32.04 -1.77 7.64
CA ASP C 204 32.20 -2.79 8.66
C ASP C 204 31.05 -2.84 9.65
N GLY C 205 30.09 -1.95 9.48
CA GLY C 205 28.93 -1.95 10.35
C GLY C 205 28.17 -0.63 10.38
N PHE C 206 27.20 -0.55 11.29
CA PHE C 206 26.32 0.61 11.37
C PHE C 206 26.05 0.99 12.82
N GLN C 207 25.90 2.29 13.04
CA GLN C 207 25.25 2.75 14.25
C GLN C 207 23.82 3.02 13.80
N LEU C 208 22.86 2.42 14.49
CA LEU C 208 21.47 2.49 14.09
C LEU C 208 20.78 3.63 14.85
N ASP C 209 20.41 4.67 14.10
CA ASP C 209 19.92 5.90 14.68
C ASP C 209 18.49 5.73 15.20
N VAL C 210 18.29 6.04 16.48
CA VAL C 210 16.99 5.88 17.20
C VAL C 210 16.16 4.68 16.72
N ILE C 211 16.82 3.52 16.64
CA ILE C 211 16.25 2.31 16.06
C ILE C 211 15.11 1.72 16.88
N ASN C 212 15.02 2.07 18.16
CA ASN C 212 13.98 1.51 19.00
C ASN C 212 12.64 2.27 18.96
N VAL C 213 12.48 3.17 18.01
CA VAL C 213 11.18 3.83 17.87
C VAL C 213 10.53 3.53 16.51
N ILE C 214 11.03 2.49 15.85
CA ILE C 214 10.51 2.15 14.53
C ILE C 214 9.22 1.33 14.59
N SER C 215 8.87 0.87 15.79
CA SER C 215 7.67 0.07 15.94
C SER C 215 6.57 0.86 16.65
N LYS C 216 5.49 1.14 15.92
CA LYS C 216 4.41 1.95 16.45
C LYS C 216 3.22 1.08 16.85
N ASP C 217 2.66 1.35 18.01
CA ASP C 217 1.37 0.76 18.40
C ASP C 217 0.36 1.12 17.31
N GLN C 218 -0.10 0.13 16.55
CA GLN C 218 -0.99 0.38 15.40
C GLN C 218 -2.39 0.93 15.76
N ARG C 219 -2.71 0.93 17.05
CA ARG C 219 -4.01 1.44 17.51
C ARG C 219 -3.98 2.94 17.70
N PHE C 220 -2.79 3.54 17.49
CA PHE C 220 -2.53 4.97 17.70
C PHE C 220 -3.42 5.66 18.75
N PRO C 221 -3.43 5.16 19.99
CA PRO C 221 -4.30 5.81 20.98
C PRO C 221 -3.62 7.08 21.50
N ASP C 222 -4.37 7.85 22.28
CA ASP C 222 -3.80 9.02 22.92
C ASP C 222 -3.11 8.63 24.20
N ASP C 223 -2.20 9.48 24.63
CA ASP C 223 -1.45 9.26 25.87
C ASP C 223 -1.72 10.43 26.81
N ASP C 224 -2.35 10.13 27.94
CA ASP C 224 -2.68 11.16 28.92
C ASP C 224 -1.76 11.13 30.12
N GLU C 225 -0.72 10.29 30.04
CA GLU C 225 0.43 10.41 30.93
C GLU C 225 1.47 11.31 30.25
N GLY C 226 1.39 11.40 28.92
CA GLY C 226 2.35 12.16 28.12
C GLY C 226 3.63 11.37 27.98
N ASP C 227 4.36 11.55 26.88
CA ASP C 227 3.99 12.45 25.79
C ASP C 227 3.76 11.68 24.48
N GLY C 228 3.28 10.46 24.59
CA GLY C 228 3.12 9.59 23.43
C GLY C 228 4.19 8.51 23.35
N ARG C 229 5.37 8.79 23.89
CA ARG C 229 6.54 7.91 23.72
C ARG C 229 6.33 6.44 24.09
N ARG C 230 5.46 6.16 25.06
CA ARG C 230 5.24 4.77 25.47
C ARG C 230 4.51 3.95 24.38
N PHE C 231 4.07 4.61 23.33
CA PHE C 231 3.36 3.90 22.28
C PHE C 231 4.21 3.62 21.05
N TYR C 232 5.45 4.11 21.05
CA TYR C 232 6.36 3.87 19.92
C TYR C 232 7.78 3.55 20.38
N THR C 233 8.06 3.76 21.67
CA THR C 233 9.39 3.48 22.22
C THR C 233 9.48 2.04 22.73
N ASP C 234 10.38 1.25 22.12
CA ASP C 234 10.47 -0.18 22.40
C ASP C 234 9.13 -0.81 22.08
N GLY C 235 8.64 -0.52 20.88
CA GLY C 235 7.33 -0.98 20.42
C GLY C 235 7.12 -2.48 20.35
N PRO C 236 5.91 -2.90 19.93
CA PRO C 236 5.48 -4.31 19.97
C PRO C 236 6.13 -5.18 18.91
N ARG C 237 6.86 -4.58 17.98
CA ARG C 237 7.54 -5.36 16.95
C ARG C 237 9.00 -5.00 16.72
N VAL C 238 9.61 -4.20 17.61
CA VAL C 238 11.01 -3.79 17.42
C VAL C 238 11.93 -4.99 17.37
N HIS C 239 11.75 -5.92 18.30
CA HIS C 239 12.63 -7.08 18.38
C HIS C 239 12.53 -7.95 17.14
N GLU C 240 11.32 -8.10 16.64
CA GLU C 240 11.07 -8.89 15.45
C GLU C 240 11.78 -8.25 14.26
N PHE C 241 11.64 -6.93 14.13
CA PHE C 241 12.25 -6.22 13.01
C PHE C 241 13.78 -6.33 13.05
N LEU C 242 14.37 -6.07 14.21
CA LEU C 242 15.81 -6.17 14.34
C LEU C 242 16.29 -7.57 14.00
N ASN C 243 15.63 -8.57 14.56
CA ASN C 243 16.00 -9.96 14.28
C ASN C 243 15.94 -10.28 12.79
N GLU C 244 14.96 -9.71 12.10
CA GLU C 244 14.81 -9.86 10.65
C GLU C 244 15.93 -9.13 9.91
N MET C 245 16.24 -7.92 10.36
CA MET C 245 17.35 -7.15 9.78
C MET C 245 18.64 -7.95 9.98
N ASN C 246 18.74 -8.63 11.11
CA ASN C 246 19.90 -9.48 11.39
C ASN C 246 20.02 -10.66 10.41
N ARG C 247 18.94 -11.42 10.24
CA ARG C 247 18.93 -12.53 9.29
C ARG C 247 19.16 -12.07 7.85
N GLU C 248 18.50 -10.97 7.48
CA GLU C 248 18.55 -10.48 6.10
C GLU C 248 19.87 -9.80 5.74
N VAL C 249 20.48 -9.11 6.69
CA VAL C 249 21.67 -8.31 6.41
C VAL C 249 22.91 -8.65 7.27
N PHE C 250 22.82 -8.40 8.57
CA PHE C 250 24.00 -8.44 9.45
C PHE C 250 24.70 -9.79 9.53
N SER C 251 23.91 -10.87 9.55
CA SER C 251 24.46 -12.22 9.63
C SER C 251 25.33 -12.57 8.41
N LYS C 252 25.22 -11.78 7.35
CA LYS C 252 25.94 -12.06 6.09
C LYS C 252 27.34 -11.46 6.02
N TYR C 253 27.69 -10.64 7.01
CA TYR C 253 28.97 -9.92 7.01
C TYR C 253 29.63 -9.96 8.38
N ASP C 254 30.95 -9.84 8.39
CA ASP C 254 31.70 -9.74 9.63
C ASP C 254 31.47 -8.33 10.17
N SER C 255 30.40 -8.14 10.91
CA SER C 255 29.88 -6.80 11.17
C SER C 255 29.86 -6.42 12.64
N MET C 256 29.61 -5.15 12.88
CA MET C 256 29.38 -4.65 14.22
C MET C 256 28.21 -3.68 14.18
N THR C 257 27.30 -3.80 15.14
CA THR C 257 26.13 -2.91 15.18
C THR C 257 25.88 -2.28 16.55
N VAL C 258 25.63 -0.97 16.55
CA VAL C 258 25.33 -0.25 17.77
C VAL C 258 23.97 0.36 17.62
N GLY C 259 23.05 0.01 18.50
CA GLY C 259 21.77 0.66 18.50
C GLY C 259 21.81 1.92 19.35
N GLU C 260 21.39 3.04 18.77
CA GLU C 260 21.14 4.23 19.57
C GLU C 260 19.70 4.16 20.05
N MET C 261 19.52 4.06 21.36
CA MET C 261 18.21 3.86 21.94
C MET C 261 17.70 5.15 22.61
N SER C 262 16.45 5.50 22.32
CA SER C 262 15.78 6.65 22.96
C SER C 262 14.93 6.19 24.14
N SER C 263 15.09 6.84 25.30
CA SER C 263 14.23 6.59 26.47
C SER C 263 13.92 5.12 26.74
N THR C 264 14.95 4.34 27.02
CA THR C 264 14.82 2.89 27.03
C THR C 264 15.00 2.30 28.43
N THR C 265 14.80 0.99 28.55
CA THR C 265 15.00 0.29 29.81
C THR C 265 16.07 -0.78 29.67
N ILE C 266 16.73 -1.08 30.79
CA ILE C 266 17.74 -2.13 30.81
C ILE C 266 17.22 -3.46 30.29
N ALA C 267 15.98 -3.82 30.67
CA ALA C 267 15.36 -5.07 30.22
C ALA C 267 15.28 -5.20 28.70
N ASP C 268 14.85 -4.14 28.01
CA ASP C 268 14.85 -4.15 26.55
C ASP C 268 16.26 -4.18 25.94
N CYS C 269 17.19 -3.48 26.59
CA CYS C 269 18.57 -3.44 26.09
C CYS C 269 19.29 -4.77 26.25
N ILE C 270 18.98 -5.51 27.32
CA ILE C 270 19.46 -6.89 27.44
C ILE C 270 18.97 -7.75 26.25
N ARG C 271 17.70 -7.58 25.89
CA ARG C 271 17.14 -8.28 24.73
C ARG C 271 17.72 -7.80 23.41
N TYR C 272 17.91 -6.48 23.27
CA TYR C 272 18.51 -5.94 22.05
C TYR C 272 19.92 -6.50 21.79
N THR C 273 20.65 -6.83 22.87
CA THR C 273 22.09 -7.09 22.74
C THR C 273 22.58 -8.48 23.11
N ASN C 274 21.76 -9.27 23.80
CA ASN C 274 22.16 -10.64 24.08
C ASN C 274 22.41 -11.37 22.77
N PRO C 275 23.57 -12.03 22.65
CA PRO C 275 23.91 -12.71 21.39
C PRO C 275 22.84 -13.71 20.98
N GLU C 276 22.12 -14.28 21.95
CA GLU C 276 21.08 -15.26 21.62
C GLU C 276 19.94 -14.64 20.81
N SER C 277 19.66 -13.36 21.08
CA SER C 277 18.59 -12.65 20.40
C SER C 277 18.82 -12.51 18.88
N ARG C 278 20.10 -12.46 18.51
CA ARG C 278 20.49 -12.16 17.13
C ARG C 278 19.79 -10.88 16.66
N GLU C 279 19.92 -9.83 17.46
CA GLU C 279 19.46 -8.51 17.07
C GLU C 279 20.68 -7.60 16.86
N LEU C 280 21.15 -6.96 17.92
CA LEU C 280 22.27 -6.02 17.83
C LEU C 280 23.46 -6.44 18.71
N ASP C 281 24.61 -5.81 18.51
CA ASP C 281 25.79 -6.16 19.31
C ASP C 281 25.89 -5.36 20.61
N MET C 282 25.53 -4.08 20.55
CA MET C 282 25.61 -3.22 21.72
C MET C 282 24.67 -2.04 21.57
N VAL C 283 24.44 -1.31 22.67
CA VAL C 283 23.60 -0.13 22.61
C VAL C 283 24.15 1.03 23.41
N PHE C 284 23.87 2.26 22.96
CA PHE C 284 24.08 3.47 23.74
C PHE C 284 22.81 3.73 24.50
N ASN C 285 22.95 4.27 25.70
CA ASN C 285 21.84 4.94 26.36
C ASN C 285 22.34 6.29 26.91
N PHE C 286 21.43 7.23 27.15
CA PHE C 286 21.86 8.57 27.53
C PHE C 286 21.53 8.98 28.97
N HIS C 287 21.15 8.02 29.82
CA HIS C 287 20.75 8.31 31.20
C HIS C 287 21.88 9.00 31.97
N HIS C 288 23.10 8.49 31.81
CA HIS C 288 24.25 9.03 32.52
C HIS C 288 24.58 10.45 32.05
N LEU C 289 23.96 10.86 30.95
CA LEU C 289 24.14 12.23 30.44
C LEU C 289 22.89 13.08 30.69
N LYS C 290 22.11 12.73 31.71
CA LYS C 290 21.00 13.56 32.16
C LYS C 290 21.13 13.79 33.66
N ALA C 291 22.31 13.45 34.19
CA ALA C 291 22.60 13.53 35.61
C ALA C 291 22.70 14.97 36.12
N ASP C 292 22.95 15.92 35.21
CA ASP C 292 23.04 17.32 35.59
C ASP C 292 21.84 18.18 35.15
N TYR C 293 20.78 17.56 34.62
CA TYR C 293 19.52 18.26 34.37
C TYR C 293 18.81 18.43 35.70
N PRO C 294 18.60 19.67 36.15
CA PRO C 294 17.81 19.81 37.38
C PRO C 294 16.32 19.60 37.12
N ASN C 295 15.72 18.61 37.79
CA ASN C 295 14.32 18.23 37.56
C ASN C 295 13.99 17.94 36.09
N GLY C 296 14.94 17.31 35.39
CA GLY C 296 14.75 16.93 34.00
C GLY C 296 14.62 18.09 33.03
N GLU C 297 15.13 19.26 33.43
CA GLU C 297 15.08 20.44 32.57
C GLU C 297 16.40 20.60 31.81
N LYS C 298 16.36 20.29 30.51
CA LYS C 298 17.59 20.18 29.71
C LYS C 298 18.32 21.49 29.44
N TRP C 299 17.67 22.63 29.66
CA TRP C 299 18.34 23.92 29.42
C TRP C 299 18.73 24.63 30.72
N ALA C 300 18.47 23.99 31.85
CA ALA C 300 18.74 24.62 33.11
C ALA C 300 20.16 24.30 33.62
N LEU C 301 20.77 25.30 34.25
CA LEU C 301 22.09 25.15 34.86
C LEU C 301 21.98 24.47 36.22
N ALA C 302 22.83 23.48 36.44
CA ALA C 302 22.92 22.82 37.74
C ALA C 302 24.14 21.92 37.78
N ASP C 303 24.76 21.83 38.95
CA ASP C 303 25.83 20.87 39.19
C ASP C 303 25.30 19.46 38.97
N PHE C 304 26.15 18.58 38.46
CA PHE C 304 25.69 17.21 38.21
C PHE C 304 25.41 16.52 39.52
N ASP C 305 24.35 15.70 39.55
CA ASP C 305 24.07 14.84 40.67
C ASP C 305 24.99 13.62 40.61
N PHE C 306 26.10 13.70 41.34
CA PHE C 306 27.16 12.68 41.34
C PHE C 306 26.68 11.31 41.78
N LEU C 307 25.90 11.25 42.86
CA LEU C 307 25.42 9.96 43.35
C LEU C 307 24.52 9.30 42.33
N LYS C 308 23.77 10.12 41.60
CA LYS C 308 22.83 9.62 40.61
C LYS C 308 23.62 9.04 39.45
N LEU C 309 24.64 9.78 39.02
CA LEU C 309 25.54 9.29 37.98
C LEU C 309 26.07 7.91 38.34
N LYS C 310 26.53 7.75 39.57
CA LYS C 310 27.12 6.47 39.97
C LYS C 310 26.14 5.29 39.98
N LYS C 311 24.92 5.47 40.47
CA LYS C 311 23.97 4.33 40.42
C LYS C 311 23.50 4.02 39.00
N ILE C 312 23.31 5.06 38.20
CA ILE C 312 22.98 4.87 36.80
C ILE C 312 24.07 4.02 36.11
N LEU C 313 25.31 4.49 36.17
CA LEU C 313 26.41 3.70 35.60
C LEU C 313 26.43 2.30 36.17
N SER C 314 26.29 2.18 37.49
CA SER C 314 26.42 0.87 38.14
C SER C 314 25.31 -0.10 37.75
N GLU C 315 24.07 0.39 37.75
CA GLU C 315 22.91 -0.43 37.38
C GLU C 315 23.05 -0.97 35.96
N TRP C 316 23.50 -0.12 35.04
CA TRP C 316 23.76 -0.56 33.69
C TRP C 316 24.87 -1.61 33.61
N GLN C 317 25.92 -1.42 34.40
CA GLN C 317 27.00 -2.44 34.42
C GLN C 317 26.49 -3.79 34.92
N THR C 318 25.93 -3.78 36.13
CA THR C 318 25.54 -5.04 36.77
C THR C 318 24.44 -5.79 36.03
N GLU C 319 23.37 -5.09 35.66
CA GLU C 319 22.24 -5.74 35.00
C GLU C 319 22.55 -6.21 33.57
N MET C 320 23.30 -5.40 32.82
CA MET C 320 23.70 -5.85 31.49
C MET C 320 24.60 -7.06 31.60
N ASN C 321 25.55 -7.03 32.54
CA ASN C 321 26.44 -8.18 32.73
C ASN C 321 25.67 -9.46 33.08
N LYS C 322 24.77 -9.38 34.05
CA LYS C 322 23.93 -10.51 34.44
C LYS C 322 23.12 -11.06 33.27
N GLY C 323 22.59 -10.16 32.45
CA GLY C 323 21.73 -10.55 31.34
C GLY C 323 22.49 -10.90 30.08
N GLY C 324 23.81 -10.71 30.10
CA GLY C 324 24.63 -11.05 28.95
C GLY C 324 24.51 -10.05 27.80
N GLY C 325 24.09 -8.83 28.12
CA GLY C 325 24.03 -7.77 27.13
C GLY C 325 25.36 -7.03 27.06
N TRP C 326 25.48 -6.06 26.16
CA TRP C 326 26.75 -5.34 26.02
C TRP C 326 26.54 -3.84 25.85
N ASN C 327 27.28 -3.03 26.62
CA ASN C 327 27.13 -1.58 26.58
C ASN C 327 28.12 -0.93 25.64
N ALA C 328 27.66 0.10 24.94
CA ALA C 328 28.60 1.04 24.31
C ALA C 328 28.85 2.16 25.31
N LEU C 329 30.11 2.35 25.69
CA LEU C 329 30.49 3.33 26.69
C LEU C 329 30.95 4.64 26.03
N PHE C 330 30.48 5.77 26.52
CA PHE C 330 30.85 7.06 25.93
C PHE C 330 30.45 8.22 26.84
N TRP C 331 31.18 9.33 26.71
CA TRP C 331 30.89 10.55 27.45
C TRP C 331 30.35 11.65 26.53
N CYS C 332 30.68 11.56 25.24
CA CYS C 332 30.48 12.70 24.32
C CYS C 332 29.86 12.29 22.98
N ASN C 333 29.08 13.20 22.41
CA ASN C 333 28.88 13.21 20.96
C ASN C 333 28.65 14.63 20.48
N HIS C 334 28.15 14.76 19.26
CA HIS C 334 28.02 16.08 18.64
C HIS C 334 26.80 16.85 19.14
N ASP C 335 26.01 16.22 20.02
CA ASP C 335 24.83 16.84 20.63
C ASP C 335 25.04 17.18 22.11
N GLN C 336 26.19 16.80 22.65
CA GLN C 336 26.44 16.91 24.09
C GLN C 336 27.60 17.87 24.37
N PRO C 337 27.61 18.46 25.58
CA PRO C 337 28.73 19.29 26.04
C PRO C 337 30.02 18.47 26.09
N ARG C 338 31.17 19.09 25.82
CA ARG C 338 32.44 18.39 25.97
C ARG C 338 32.68 18.00 27.42
N ILE C 339 33.08 16.75 27.62
CA ILE C 339 33.02 16.14 28.93
C ILE C 339 33.89 16.82 29.98
N VAL C 340 35.03 17.35 29.56
CA VAL C 340 35.94 17.95 30.53
C VAL C 340 35.33 19.22 31.10
N SER C 341 34.51 19.92 30.31
CA SER C 341 33.86 21.13 30.78
C SER C 341 32.69 20.74 31.65
N ARG C 342 32.03 19.65 31.28
CA ARG C 342 30.76 19.29 31.88
C ARG C 342 30.87 18.59 33.25
N TYR C 343 31.65 17.50 33.31
CA TYR C 343 31.81 16.78 34.57
C TYR C 343 33.21 16.99 35.15
N GLY C 344 34.06 17.70 34.42
CA GLY C 344 35.44 17.88 34.84
C GLY C 344 35.76 19.33 35.19
N ASP C 345 37.05 19.66 35.24
CA ASP C 345 37.45 21.05 35.45
C ASP C 345 38.15 21.60 34.21
N ASP C 346 37.44 22.52 33.54
CA ASP C 346 37.91 23.27 32.37
C ASP C 346 39.23 23.98 32.53
N GLY C 347 39.56 24.35 33.75
CA GLY C 347 40.67 25.25 33.96
C GLY C 347 41.93 24.60 34.50
N LYS C 348 42.21 24.88 35.76
CA LYS C 348 43.44 24.45 36.41
C LYS C 348 43.71 22.96 36.24
N TYR C 349 42.68 22.15 36.45
CA TYR C 349 42.84 20.71 36.34
C TYR C 349 42.31 20.12 35.02
N ARG C 350 42.52 20.83 33.92
CA ARG C 350 42.02 20.34 32.63
C ARG C 350 42.58 18.96 32.30
N LYS C 351 43.90 18.85 32.25
CA LYS C 351 44.55 17.58 31.94
C LYS C 351 44.23 16.48 32.94
N LYS C 352 44.38 16.78 34.23
CA LYS C 352 44.14 15.75 35.23
C LYS C 352 42.70 15.25 35.21
N SER C 353 41.74 16.17 35.09
CA SER C 353 40.35 15.75 35.19
C SER C 353 39.88 15.10 33.89
N ALA C 354 40.43 15.51 32.76
CA ALA C 354 40.12 14.83 31.51
C ALA C 354 40.64 13.39 31.55
N LYS C 355 41.84 13.18 32.09
CA LYS C 355 42.35 11.81 32.24
C LYS C 355 41.50 10.98 33.19
N MET C 356 41.14 11.59 34.31
CA MET C 356 40.27 10.92 35.27
C MET C 356 38.98 10.44 34.60
N LEU C 357 38.35 11.34 33.86
CA LEU C 357 37.08 11.01 33.21
C LEU C 357 37.25 9.84 32.24
N ALA C 358 38.29 9.89 31.41
CA ALA C 358 38.59 8.78 30.50
C ALA C 358 38.73 7.45 31.24
N THR C 359 39.51 7.45 32.32
CA THR C 359 39.73 6.23 33.08
C THR C 359 38.42 5.69 33.67
N ALA C 360 37.59 6.58 34.19
CA ALA C 360 36.34 6.19 34.85
C ALA C 360 35.40 5.42 33.91
N ILE C 361 35.30 5.86 32.65
CA ILE C 361 34.45 5.17 31.68
C ILE C 361 35.16 3.97 31.02
N HIS C 362 36.45 4.12 30.72
CA HIS C 362 37.18 3.05 30.03
C HIS C 362 37.38 1.79 30.88
N MET C 363 37.34 1.92 32.21
CA MET C 363 37.53 0.72 33.04
C MET C 363 36.23 -0.04 33.31
N LEU C 364 35.12 0.44 32.72
CA LEU C 364 33.85 -0.27 32.83
C LEU C 364 33.79 -1.42 31.83
N GLN C 365 32.76 -2.26 31.96
CA GLN C 365 32.56 -3.29 30.95
C GLN C 365 31.77 -2.75 29.78
N GLY C 366 32.30 -2.96 28.57
CA GLY C 366 31.67 -2.51 27.35
C GLY C 366 32.66 -2.07 26.27
N THR C 367 32.16 -1.50 25.19
CA THR C 367 33.02 -1.01 24.12
C THR C 367 33.07 0.50 24.21
N PRO C 368 34.28 1.05 24.43
CA PRO C 368 34.41 2.51 24.60
C PRO C 368 34.39 3.28 23.28
N TYR C 369 33.78 4.46 23.32
CA TYR C 369 33.75 5.36 22.17
C TYR C 369 34.42 6.68 22.55
N ILE C 370 35.34 7.13 21.72
CA ILE C 370 36.00 8.44 21.93
C ILE C 370 35.48 9.44 20.92
N TYR C 371 35.04 10.60 21.37
CA TYR C 371 34.56 11.64 20.45
C TYR C 371 35.70 12.56 20.01
N GLN C 372 35.73 12.91 18.71
CA GLN C 372 36.82 13.71 18.16
C GLN C 372 37.17 14.92 19.05
N GLY C 373 38.43 14.98 19.45
CA GLY C 373 38.93 16.07 20.27
C GLY C 373 38.82 15.81 21.76
N GLU C 374 38.06 14.80 22.14
CA GLU C 374 38.02 14.37 23.54
C GLU C 374 39.43 13.97 23.98
N GLU C 375 40.19 13.34 23.07
CA GLU C 375 41.52 12.85 23.41
C GLU C 375 42.55 13.95 23.60
N LEU C 376 42.14 15.18 23.28
CA LEU C 376 42.99 16.37 23.42
C LEU C 376 42.54 17.20 24.62
N GLY C 377 41.43 16.82 25.23
CA GLY C 377 40.87 17.62 26.31
C GLY C 377 40.34 18.94 25.80
N MET C 378 39.78 18.95 24.59
CA MET C 378 39.08 20.13 24.11
C MET C 378 37.91 20.45 25.05
N THR C 379 37.67 21.74 25.26
CA THR C 379 36.63 22.21 26.18
C THR C 379 35.49 22.79 25.38
N ASN C 380 34.38 23.12 26.05
CA ASN C 380 33.36 23.94 25.41
C ASN C 380 34.00 25.26 25.02
N PRO C 381 33.48 25.91 23.96
CA PRO C 381 34.19 27.08 23.40
C PRO C 381 34.01 28.40 24.19
N LYS C 382 33.05 28.44 25.10
CA LYS C 382 32.75 29.66 25.87
C LYS C 382 32.45 30.86 24.96
N PHE C 383 31.74 30.63 23.88
CA PHE C 383 31.31 31.72 23.02
C PHE C 383 30.47 32.72 23.84
N ASP C 384 30.93 33.98 23.90
CA ASP C 384 30.25 34.99 24.72
C ASP C 384 29.34 35.96 23.94
N ASP C 385 29.05 35.63 22.68
CA ASP C 385 28.21 36.47 21.83
C ASP C 385 27.40 35.62 20.87
N ILE C 386 26.13 35.98 20.67
CA ILE C 386 25.20 35.19 19.86
C ILE C 386 25.64 35.01 18.40
N SER C 387 26.46 35.93 17.90
CA SER C 387 26.87 35.90 16.51
C SER C 387 27.83 34.74 16.23
N LEU C 388 28.30 34.12 17.32
CA LEU C 388 29.27 33.04 17.21
C LEU C 388 28.58 31.68 17.15
N TYR C 389 27.27 31.66 17.41
CA TYR C 389 26.51 30.41 17.40
C TYR C 389 25.91 30.11 16.02
N ARG C 390 25.46 28.87 15.83
CA ARG C 390 25.05 28.38 14.52
C ARG C 390 23.77 27.56 14.58
N ASP C 391 23.69 26.68 15.56
CA ASP C 391 22.53 25.80 15.70
C ASP C 391 21.22 26.54 15.95
N VAL C 392 20.27 26.38 15.02
CA VAL C 392 18.96 27.03 15.08
C VAL C 392 18.28 26.97 16.46
N GLU C 393 18.40 25.83 17.15
CA GLU C 393 17.84 25.70 18.49
C GLU C 393 18.45 26.71 19.47
N SER C 394 19.76 26.92 19.39
CA SER C 394 20.42 27.91 20.24
C SER C 394 19.96 29.33 19.90
N LEU C 395 19.96 29.65 18.61
CA LEU C 395 19.49 30.95 18.12
C LEU C 395 18.06 31.25 18.60
N ASN C 396 17.17 30.29 18.42
CA ASN C 396 15.80 30.39 18.88
C ASN C 396 15.70 30.58 20.39
N MET C 397 16.54 29.87 21.14
CA MET C 397 16.56 29.95 22.59
C MET C 397 16.93 31.36 23.03
N TYR C 398 18.00 31.89 22.44
CA TYR C 398 18.45 33.24 22.69
C TYR C 398 17.34 34.25 22.40
N ARG C 399 16.64 34.08 21.28
CA ARG C 399 15.60 35.01 20.88
C ARG C 399 14.42 35.04 21.86
N ILE C 400 13.96 33.86 22.27
CA ILE C 400 12.83 33.75 23.20
C ILE C 400 13.16 34.31 24.58
N LEU C 401 14.27 33.88 25.15
CA LEU C 401 14.70 34.37 26.46
C LEU C 401 14.94 35.88 26.46
N LYS C 402 15.55 36.40 25.38
CA LYS C 402 15.83 37.83 25.26
C LYS C 402 14.54 38.63 25.24
N GLU C 403 13.53 38.08 24.57
CA GLU C 403 12.20 38.69 24.49
C GLU C 403 11.57 38.76 25.87
N ALA C 404 11.76 37.70 26.64
CA ALA C 404 11.14 37.61 27.97
C ALA C 404 11.92 38.40 29.02
N GLY C 405 12.89 39.18 28.57
CA GLY C 405 13.57 40.11 29.45
C GLY C 405 14.69 39.53 30.27
N LYS C 406 14.99 38.25 30.06
CA LYS C 406 16.13 37.65 30.74
C LYS C 406 17.39 38.38 30.29
N PRO C 407 18.26 38.77 31.25
CA PRO C 407 19.43 39.57 30.88
C PRO C 407 20.36 38.71 30.02
N GLU C 408 21.06 39.33 29.09
CA GLU C 408 21.74 38.54 28.08
C GLU C 408 23.08 37.97 28.56
N ALA C 409 23.59 38.46 29.68
CA ALA C 409 24.72 37.81 30.31
C ALA C 409 24.27 36.44 30.77
N GLU C 410 23.06 36.37 31.32
CA GLU C 410 22.49 35.11 31.80
C GLU C 410 22.12 34.18 30.64
N ILE C 411 21.78 34.76 29.50
CA ILE C 411 21.44 33.95 28.33
C ILE C 411 22.71 33.32 27.78
N ILE C 412 23.78 34.11 27.70
CA ILE C 412 25.09 33.66 27.24
C ILE C 412 25.63 32.53 28.13
N GLU C 413 25.37 32.61 29.44
CA GLU C 413 25.83 31.57 30.35
C GLU C 413 25.09 30.24 30.14
N ILE C 414 23.82 30.32 29.80
CA ILE C 414 23.07 29.11 29.47
C ILE C 414 23.54 28.47 28.16
N LEU C 415 23.80 29.29 27.14
CA LEU C 415 24.29 28.77 25.86
C LEU C 415 25.69 28.17 26.00
N LYS C 416 26.52 28.81 26.83
CA LYS C 416 27.85 28.31 27.15
C LYS C 416 27.81 26.90 27.74
N ALA C 417 26.85 26.64 28.61
CA ALA C 417 26.73 25.32 29.23
C ALA C 417 25.95 24.32 28.38
N LYS C 418 25.08 24.80 27.50
CA LYS C 418 24.08 23.91 26.91
C LYS C 418 23.97 23.87 25.38
N SER C 419 24.52 24.86 24.67
CA SER C 419 24.32 24.91 23.22
C SER C 419 24.85 23.65 22.55
N ARG C 420 24.08 23.09 21.62
CA ARG C 420 24.53 21.95 20.83
C ARG C 420 25.72 22.28 19.92
N ASP C 421 26.09 23.55 19.81
CA ASP C 421 27.28 23.93 19.04
C ASP C 421 28.58 23.55 19.75
N ASN C 422 28.47 23.29 21.05
CA ASN C 422 29.64 23.30 21.90
C ASN C 422 30.67 22.23 21.60
N SER C 423 30.22 21.05 21.18
CA SER C 423 31.15 20.00 20.81
C SER C 423 31.31 19.93 19.29
N ARG C 424 30.85 20.97 18.58
CA ARG C 424 30.90 21.00 17.12
C ARG C 424 31.97 21.92 16.54
N THR C 425 32.74 22.59 17.40
CA THR C 425 33.79 23.48 16.92
C THR C 425 34.91 22.62 16.34
N PRO C 426 35.74 23.19 15.45
CA PRO C 426 36.64 22.31 14.69
C PRO C 426 37.72 21.63 15.55
N VAL C 427 38.06 20.39 15.22
CA VAL C 427 39.13 19.69 15.95
C VAL C 427 40.39 20.55 15.86
N GLN C 428 41.04 20.75 16.98
CA GLN C 428 42.20 21.64 17.03
C GLN C 428 43.53 20.89 16.76
N TRP C 429 44.00 20.97 15.52
CA TRP C 429 45.16 20.17 15.10
C TRP C 429 46.54 20.71 15.47
N ASN C 430 46.70 22.03 15.39
CA ASN C 430 48.00 22.64 15.67
C ASN C 430 47.87 24.10 16.11
N GLY C 431 48.98 24.82 16.19
CA GLY C 431 48.95 26.20 16.64
C GLY C 431 48.83 27.24 15.54
N GLU C 432 48.74 26.79 14.29
CA GLU C 432 48.59 27.70 13.16
C GLU C 432 47.18 28.26 13.05
N GLU C 433 46.91 28.99 11.97
CA GLU C 433 45.63 29.70 11.84
C GLU C 433 44.43 28.75 11.91
N ASN C 434 43.45 29.11 12.74
CA ASN C 434 42.28 28.27 13.03
C ASN C 434 42.66 26.85 13.38
N ALA C 435 43.72 26.72 14.19
CA ALA C 435 44.17 25.41 14.68
C ALA C 435 44.46 24.41 13.57
N GLY C 436 44.71 24.91 12.36
CA GLY C 436 45.07 24.04 11.26
C GLY C 436 43.91 23.22 10.73
N PHE C 437 42.69 23.54 11.17
CA PHE C 437 41.49 22.88 10.65
C PHE C 437 41.23 23.22 9.19
N THR C 438 41.48 24.47 8.82
CA THR C 438 41.20 24.92 7.45
C THR C 438 42.07 26.10 7.04
N ALA C 439 42.26 26.25 5.74
CA ALA C 439 43.01 27.37 5.18
C ALA C 439 42.09 28.58 4.95
N GLY C 440 40.78 28.34 4.98
CA GLY C 440 39.80 29.40 4.79
C GLY C 440 39.18 29.85 6.11
N THR C 441 37.88 30.11 6.11
CA THR C 441 37.23 30.50 7.36
C THR C 441 36.23 29.42 7.82
N PRO C 442 36.46 28.85 9.00
CA PRO C 442 35.66 27.73 9.51
C PRO C 442 34.19 28.10 9.59
N TRP C 443 33.32 27.14 9.30
CA TRP C 443 31.87 27.35 9.33
C TRP C 443 31.39 27.75 10.72
N ILE C 444 32.19 27.40 11.73
CA ILE C 444 31.91 27.73 13.13
C ILE C 444 33.27 28.08 13.71
N PRO C 445 33.31 29.09 14.63
CA PRO C 445 34.64 29.62 15.00
C PRO C 445 35.46 28.69 15.88
N VAL C 446 36.77 28.90 15.91
CA VAL C 446 37.66 28.15 16.79
C VAL C 446 37.99 29.02 18.01
N PRO C 447 37.72 28.50 19.23
CA PRO C 447 38.04 29.26 20.45
C PRO C 447 39.52 29.53 20.57
N ASP C 448 39.89 30.60 21.26
CA ASP C 448 41.28 31.02 21.38
C ASP C 448 42.21 30.00 22.02
N ASN C 449 41.65 29.11 22.84
CA ASN C 449 42.48 28.15 23.59
C ASN C 449 43.25 27.14 22.71
N TYR C 450 43.05 27.20 21.40
CA TYR C 450 43.69 26.24 20.50
C TYR C 450 45.20 26.36 20.55
N LYS C 451 45.70 27.54 20.90
CA LYS C 451 47.14 27.74 20.96
C LYS C 451 47.78 26.94 22.07
N GLU C 452 47.00 26.57 23.08
CA GLU C 452 47.45 25.67 24.14
C GLU C 452 46.92 24.25 23.96
N ILE C 453 45.74 24.11 23.35
CA ILE C 453 45.09 22.81 23.22
C ILE C 453 45.03 22.39 21.76
N ASN C 454 45.99 21.58 21.33
CA ASN C 454 46.01 21.07 19.97
C ASN C 454 46.76 19.73 19.85
N ALA C 455 46.48 19.00 18.76
CA ALA C 455 47.10 17.69 18.57
C ALA C 455 48.63 17.74 18.54
N GLU C 456 49.16 18.72 17.83
CA GLU C 456 50.62 18.80 17.67
C GLU C 456 51.27 18.96 19.03
N GLU C 457 50.68 19.81 19.86
CA GLU C 457 51.14 19.97 21.24
C GLU C 457 51.04 18.66 22.01
N ALA C 458 49.88 18.02 21.94
CA ALA C 458 49.65 16.82 22.75
C ALA C 458 50.60 15.68 22.37
N LEU C 459 50.85 15.53 21.07
CA LEU C 459 51.67 14.44 20.55
C LEU C 459 53.15 14.56 20.94
N ASN C 460 53.59 15.77 21.26
CA ASN C 460 54.96 16.02 21.70
C ASN C 460 55.08 16.10 23.23
N ASP C 461 53.99 15.83 23.93
CA ASP C 461 53.97 15.83 25.40
C ASP C 461 53.68 14.43 25.93
N PRO C 462 54.70 13.76 26.45
CA PRO C 462 54.52 12.39 26.96
C PRO C 462 53.47 12.33 28.05
N ASP C 463 53.21 13.44 28.73
CA ASP C 463 52.20 13.45 29.79
C ASP C 463 50.83 13.93 29.29
N SER C 464 50.62 13.92 27.98
CA SER C 464 49.38 14.50 27.43
C SER C 464 48.16 13.64 27.68
N ILE C 465 46.98 14.25 27.58
CA ILE C 465 45.74 13.51 27.63
C ILE C 465 45.69 12.46 26.51
N PHE C 466 46.22 12.82 25.34
CA PHE C 466 46.25 11.91 24.19
C PHE C 466 46.90 10.59 24.53
N TYR C 467 48.09 10.64 25.14
CA TYR C 467 48.80 9.41 25.46
C TYR C 467 48.14 8.64 26.60
N HIS C 468 47.39 9.32 27.45
CA HIS C 468 46.62 8.64 28.49
C HIS C 468 45.48 7.83 27.84
N TYR C 469 44.78 8.44 26.87
CA TYR C 469 43.79 7.70 26.09
C TYR C 469 44.42 6.55 25.31
N LYS C 470 45.56 6.81 24.67
CA LYS C 470 46.22 5.72 23.94
C LYS C 470 46.54 4.56 24.86
N LYS C 471 47.02 4.86 26.06
CA LYS C 471 47.36 3.80 27.01
C LYS C 471 46.11 3.03 27.43
N LEU C 472 45.00 3.73 27.68
CA LEU C 472 43.74 3.07 28.01
C LEU C 472 43.30 2.16 26.87
N ASN C 473 43.41 2.66 25.66
CA ASN C 473 42.99 1.89 24.50
C ASN C 473 43.82 0.61 24.37
N GLU C 474 45.11 0.72 24.68
CA GLU C 474 45.96 -0.46 24.60
C GLU C 474 45.74 -1.44 25.75
N LEU C 475 45.42 -0.93 26.93
CA LEU C 475 45.21 -1.81 28.07
C LEU C 475 44.06 -2.78 27.79
N ARG C 476 43.07 -2.29 27.07
CA ARG C 476 41.91 -3.08 26.72
C ARG C 476 42.29 -4.26 25.82
N LYS C 477 43.41 -4.13 25.11
CA LYS C 477 43.90 -5.26 24.30
C LYS C 477 44.76 -6.21 25.13
N GLU C 478 45.36 -5.69 26.19
CA GLU C 478 46.42 -6.39 26.93
C GLU C 478 45.91 -7.17 28.16
N PHE C 479 44.93 -6.60 28.85
CA PHE C 479 44.42 -7.23 30.06
C PHE C 479 42.97 -7.65 29.86
N ASP C 480 42.76 -8.95 29.68
CA ASP C 480 41.44 -9.55 29.44
C ASP C 480 40.40 -9.17 30.50
N ILE C 481 40.84 -8.96 31.74
CA ILE C 481 39.89 -8.66 32.83
C ILE C 481 39.02 -7.43 32.55
N ILE C 482 39.56 -6.50 31.77
CA ILE C 482 38.79 -5.30 31.40
C ILE C 482 37.57 -5.67 30.56
N THR C 483 37.67 -6.76 29.82
CA THR C 483 36.54 -7.29 29.07
C THR C 483 35.67 -8.28 29.86
N THR C 484 36.30 -9.17 30.63
CA THR C 484 35.58 -10.29 31.27
C THR C 484 35.20 -10.10 32.74
N GLY C 485 35.85 -9.18 33.42
CA GLY C 485 35.59 -8.99 34.85
C GLY C 485 34.18 -8.50 35.10
N ASP C 486 33.61 -8.82 36.27
CA ASP C 486 32.33 -8.23 36.63
C ASP C 486 32.54 -6.78 37.07
N TYR C 487 31.48 -6.13 37.54
CA TYR C 487 31.60 -4.77 38.05
C TYR C 487 31.02 -4.79 39.45
N GLN C 488 31.70 -4.12 40.38
CA GLN C 488 31.19 -4.03 41.73
C GLN C 488 31.46 -2.65 42.28
N LEU C 489 30.40 -1.88 42.50
CA LEU C 489 30.54 -0.56 43.06
C LEU C 489 30.94 -0.62 44.52
N ILE C 490 31.80 0.29 44.95
CA ILE C 490 32.10 0.49 46.36
C ILE C 490 32.00 1.96 46.61
N LEU C 491 31.92 2.33 47.88
CA LEU C 491 31.83 3.73 48.31
C LEU C 491 30.68 4.46 47.61
N GLU C 492 29.56 3.76 47.47
CA GLU C 492 28.39 4.24 46.74
C GLU C 492 27.98 5.65 47.16
N ASP C 493 27.96 5.91 48.46
CA ASP C 493 27.46 7.20 48.94
C ASP C 493 28.54 8.26 49.11
N ASP C 494 29.76 7.97 48.66
CA ASP C 494 30.83 8.98 48.72
C ASP C 494 30.53 10.15 47.80
N GLN C 495 30.75 11.37 48.28
CA GLN C 495 30.38 12.55 47.51
C GLN C 495 31.47 13.13 46.62
N GLU C 496 32.61 12.45 46.57
CA GLU C 496 33.71 12.90 45.74
C GLU C 496 34.31 11.77 44.91
N LEU C 497 34.25 10.56 45.45
CA LEU C 497 34.93 9.42 44.87
C LEU C 497 33.99 8.50 44.11
N TYR C 498 34.34 8.21 42.87
CA TYR C 498 33.73 7.11 42.14
C TYR C 498 34.79 6.00 42.15
N ALA C 499 34.54 4.97 42.93
CA ALA C 499 35.45 3.83 42.96
C ALA C 499 34.68 2.52 42.79
N TYR C 500 35.32 1.58 42.13
CA TYR C 500 34.71 0.29 41.85
C TYR C 500 35.76 -0.78 41.56
N LEU C 501 35.32 -2.02 41.53
CA LEU C 501 36.21 -3.12 41.21
C LEU C 501 35.71 -3.89 40.01
N ARG C 502 36.65 -4.51 39.31
CA ARG C 502 36.32 -5.47 38.29
C ARG C 502 36.87 -6.78 38.83
N ASN C 503 35.98 -7.72 39.14
CA ASN C 503 36.40 -8.99 39.72
C ASN C 503 36.49 -10.10 38.68
N GLY C 504 37.62 -10.79 38.67
CA GLY C 504 37.83 -11.92 37.79
C GLY C 504 38.34 -13.09 38.61
N ALA C 505 39.12 -13.96 37.96
CA ALA C 505 39.57 -15.21 38.58
C ALA C 505 40.93 -15.05 39.23
N ASP C 506 40.94 -14.84 40.54
CA ASP C 506 42.19 -14.55 41.27
C ASP C 506 42.88 -13.33 40.69
N GLU C 507 42.06 -12.35 40.29
CA GLU C 507 42.54 -11.16 39.62
C GLU C 507 41.46 -10.09 39.72
N LYS C 508 41.86 -8.86 40.07
CA LYS C 508 40.93 -7.75 40.18
C LYS C 508 41.52 -6.46 39.64
N LEU C 509 40.64 -5.56 39.19
CA LEU C 509 41.05 -4.17 39.01
C LEU C 509 40.36 -3.38 40.10
N LEU C 510 41.09 -2.48 40.74
CA LEU C 510 40.49 -1.53 41.67
C LEU C 510 40.67 -0.14 41.05
N VAL C 511 39.55 0.54 40.83
CA VAL C 511 39.55 1.78 40.09
C VAL C 511 39.10 2.89 41.03
N ILE C 512 39.91 3.91 41.18
CA ILE C 512 39.59 4.99 42.09
C ILE C 512 39.69 6.33 41.40
N ASN C 513 38.57 7.05 41.35
CA ASN C 513 38.51 8.36 40.70
C ASN C 513 37.93 9.45 41.58
N ASN C 514 38.62 10.58 41.64
CA ASN C 514 38.12 11.73 42.35
C ASN C 514 37.44 12.65 41.34
N PHE C 515 36.15 12.91 41.51
CA PHE C 515 35.40 13.71 40.54
C PHE C 515 35.44 15.20 40.86
N TYR C 516 36.20 15.56 41.89
CA TYR C 516 36.26 16.94 42.35
C TYR C 516 37.69 17.32 42.67
N GLY C 517 37.95 18.63 42.85
CA GLY C 517 39.29 19.12 43.06
C GLY C 517 39.72 19.34 44.51
N LYS C 518 39.32 18.44 45.40
CA LYS C 518 39.73 18.54 46.80
C LYS C 518 40.29 17.21 47.29
N GLU C 519 41.11 17.27 48.33
CA GLU C 519 41.59 16.08 49.01
C GLU C 519 40.44 15.37 49.70
N THR C 520 40.44 14.04 49.63
CA THR C 520 39.45 13.28 50.38
C THR C 520 40.07 11.92 50.68
N GLU C 521 39.50 11.20 51.64
CA GLU C 521 40.15 9.97 52.11
C GLU C 521 39.58 8.74 51.42
N PHE C 522 40.46 7.85 50.98
CA PHE C 522 40.02 6.55 50.47
C PHE C 522 40.34 5.47 51.47
N GLN C 523 39.40 4.57 51.72
CA GLN C 523 39.69 3.39 52.49
C GLN C 523 38.93 2.22 51.90
N LEU C 524 39.67 1.19 51.51
CA LEU C 524 39.05 -0.02 50.97
C LEU C 524 38.15 -0.63 52.03
N PRO C 525 36.85 -0.79 51.71
CA PRO C 525 35.93 -1.37 52.69
C PRO C 525 36.33 -2.79 53.10
N ASP C 526 36.11 -3.10 54.37
CA ASP C 526 36.52 -4.38 54.94
C ASP C 526 35.93 -5.59 54.22
N ASP C 527 34.82 -5.41 53.52
CA ASP C 527 34.16 -6.54 52.85
C ASP C 527 34.75 -6.96 51.49
N ILE C 528 35.74 -6.20 51.00
CA ILE C 528 36.46 -6.62 49.79
C ILE C 528 37.56 -7.60 50.20
N ASP C 529 37.46 -8.83 49.71
CA ASP C 529 38.44 -9.87 50.03
C ASP C 529 39.64 -9.78 49.09
N ILE C 530 40.73 -9.18 49.59
CA ILE C 530 41.97 -9.09 48.82
C ILE C 530 43.14 -9.75 49.53
N GLU C 531 42.85 -10.71 50.40
CA GLU C 531 43.91 -11.43 51.10
C GLU C 531 44.72 -12.29 50.14
N GLY C 532 46.05 -12.09 50.14
CA GLY C 532 46.93 -12.87 49.28
C GLY C 532 47.01 -12.32 47.86
N TYR C 533 46.62 -11.06 47.69
CA TYR C 533 46.68 -10.37 46.40
C TYR C 533 47.83 -9.36 46.39
N ASP C 534 48.59 -9.34 45.29
CA ASP C 534 49.62 -8.33 45.12
C ASP C 534 49.12 -7.21 44.20
N ALA C 535 49.49 -5.97 44.54
CA ALA C 535 48.97 -4.79 43.84
C ALA C 535 50.05 -4.10 43.00
N LYS C 536 49.71 -3.80 41.75
CA LYS C 536 50.58 -3.01 40.90
C LYS C 536 49.73 -1.93 40.26
N VAL C 537 50.35 -0.79 39.95
CA VAL C 537 49.65 0.30 39.31
C VAL C 537 49.45 -0.02 37.83
N LEU C 538 48.21 0.07 37.34
CA LEU C 538 47.95 -0.23 35.94
C LEU C 538 47.98 1.05 35.10
N ILE C 539 47.34 2.09 35.61
CA ILE C 539 47.39 3.40 34.99
C ILE C 539 47.03 4.45 36.03
N SER C 540 47.69 5.59 35.96
CA SER C 540 47.39 6.69 36.86
C SER C 540 47.56 8.01 36.12
N ASN C 541 46.95 9.07 36.63
CA ASN C 541 47.11 10.41 36.08
C ASN C 541 47.97 11.26 37.00
N ASP C 542 48.63 10.60 37.95
CA ASP C 542 49.37 11.28 39.01
C ASP C 542 50.56 10.43 39.38
N THR C 543 51.76 11.03 39.41
CA THR C 543 52.99 10.32 39.80
C THR C 543 53.08 10.11 41.30
N ASP C 544 52.37 10.94 42.07
CA ASP C 544 52.38 10.80 43.52
C ASP C 544 51.50 9.62 43.95
N LEU C 545 52.10 8.42 43.88
CA LEU C 545 51.42 7.17 44.22
C LEU C 545 51.37 6.97 45.73
N PRO C 546 50.24 6.44 46.22
CA PRO C 546 50.03 6.07 47.63
C PRO C 546 51.03 5.01 48.11
N GLU C 547 51.34 5.02 49.40
CA GLU C 547 52.12 3.95 50.02
C GLU C 547 51.35 2.65 49.92
N SER C 548 50.10 2.68 50.38
CA SER C 548 49.22 1.53 50.33
C SER C 548 47.89 1.88 49.66
N PHE C 549 47.45 1.03 48.73
CA PHE C 549 46.19 1.25 48.04
C PHE C 549 45.01 1.11 48.99
N LYS C 550 45.22 0.39 50.10
CA LYS C 550 44.14 0.10 51.05
C LYS C 550 43.60 1.34 51.75
N ARG C 551 44.47 2.31 51.99
CA ARG C 551 44.04 3.56 52.61
C ARG C 551 44.99 4.68 52.29
N PHE C 552 44.46 5.74 51.69
CA PHE C 552 45.29 6.91 51.36
C PHE C 552 44.43 8.13 51.13
N THR C 553 45.08 9.28 51.08
CA THR C 553 44.40 10.53 50.80
C THR C 553 44.44 10.78 49.29
N VAL C 554 43.26 10.89 48.66
CA VAL C 554 43.19 11.10 47.21
C VAL C 554 43.34 12.58 46.89
N LYS C 555 44.27 12.91 46.01
CA LYS C 555 44.52 14.30 45.65
C LYS C 555 43.41 14.79 44.72
N PRO C 556 43.36 16.10 44.44
CA PRO C 556 42.42 16.62 43.45
C PRO C 556 42.43 15.87 42.11
N TYR C 557 41.23 15.45 41.69
CA TYR C 557 41.03 14.82 40.39
C TYR C 557 41.95 13.64 40.13
N GLN C 558 42.46 13.03 41.20
CA GLN C 558 43.36 11.89 41.05
C GLN C 558 42.61 10.65 40.58
N SER C 559 43.23 9.92 39.66
CA SER C 559 42.65 8.69 39.16
C SER C 559 43.71 7.61 39.16
N ILE C 560 43.38 6.44 39.69
CA ILE C 560 44.35 5.36 39.72
C ILE C 560 43.65 4.02 39.55
N VAL C 561 44.25 3.16 38.74
CA VAL C 561 43.75 1.81 38.61
C VAL C 561 44.83 0.88 39.16
N TYR C 562 44.43 -0.01 40.06
CA TYR C 562 45.34 -1.01 40.57
C TYR C 562 44.99 -2.34 39.97
N HIS C 563 46.00 -3.07 39.52
CA HIS C 563 45.82 -4.45 39.10
C HIS C 563 46.18 -5.33 40.29
N LEU C 564 45.28 -6.22 40.69
CA LEU C 564 45.53 -7.09 41.84
C LEU C 564 45.51 -8.54 41.38
N ALA C 565 46.54 -9.30 41.77
CA ALA C 565 46.69 -10.67 41.34
C ALA C 565 47.30 -11.53 42.45
N LYS C 566 47.23 -12.85 42.25
CA LYS C 566 47.81 -13.81 43.20
C LYS C 566 49.06 -14.48 42.64
N ASN D 12 2.80 -19.95 -20.62
CA ASN D 12 2.82 -18.79 -21.51
C ASN D 12 3.58 -17.60 -20.92
N PRO D 13 4.92 -17.73 -20.77
CA PRO D 13 5.71 -16.64 -20.22
C PRO D 13 5.57 -15.35 -21.03
N TRP D 14 5.67 -14.19 -20.39
CA TRP D 14 5.45 -12.91 -21.07
C TRP D 14 6.42 -12.64 -22.21
N TRP D 15 7.67 -13.09 -22.06
CA TRP D 15 8.69 -12.83 -23.08
C TRP D 15 8.44 -13.52 -24.42
N LYS D 16 7.57 -14.53 -24.45
CA LYS D 16 7.31 -15.24 -25.70
C LYS D 16 6.73 -14.33 -26.76
N LYS D 17 5.81 -13.46 -26.37
CA LYS D 17 5.17 -12.55 -27.29
C LYS D 17 5.64 -11.12 -27.11
N ALA D 18 6.69 -10.92 -26.33
CA ALA D 18 7.19 -9.58 -26.09
C ALA D 18 7.93 -9.03 -27.31
N VAL D 19 7.96 -7.71 -27.43
CA VAL D 19 8.85 -7.07 -28.39
C VAL D 19 9.79 -6.15 -27.61
N VAL D 20 11.09 -6.39 -27.76
CA VAL D 20 12.11 -5.69 -26.97
C VAL D 20 12.68 -4.51 -27.76
N TYR D 21 12.83 -3.37 -27.09
CA TYR D 21 13.42 -2.18 -27.69
C TYR D 21 14.82 -2.05 -27.12
N GLN D 22 15.84 -2.11 -27.98
CA GLN D 22 17.23 -2.08 -27.50
C GLN D 22 17.73 -0.66 -27.45
N ILE D 23 18.04 -0.18 -26.25
CA ILE D 23 18.56 1.18 -26.10
C ILE D 23 20.08 1.15 -25.89
N TYR D 24 20.77 2.00 -26.64
CA TYR D 24 22.19 2.27 -26.46
C TYR D 24 22.25 3.69 -25.92
N PRO D 25 22.23 3.83 -24.59
CA PRO D 25 21.94 5.08 -23.86
C PRO D 25 22.75 6.31 -24.29
N LYS D 26 24.04 6.12 -24.53
CA LYS D 26 24.87 7.28 -24.85
C LYS D 26 24.45 7.97 -26.15
N SER D 27 23.65 7.29 -26.97
CA SER D 27 23.21 7.88 -28.24
C SER D 27 21.68 7.98 -28.37
N PHE D 28 20.99 7.79 -27.26
CA PHE D 28 19.52 7.81 -27.28
C PHE D 28 18.96 9.22 -27.06
N LYS D 29 19.17 9.78 -25.87
CA LYS D 29 18.70 11.13 -25.56
C LYS D 29 19.50 11.82 -24.45
N ASP D 30 20.12 12.95 -24.78
CA ASP D 30 20.84 13.78 -23.82
C ASP D 30 19.92 14.84 -23.24
N THR D 31 19.82 14.89 -21.92
CA THR D 31 19.02 15.93 -21.27
C THR D 31 19.89 16.87 -20.43
N THR D 32 21.19 16.62 -20.39
CA THR D 32 22.08 17.44 -19.57
C THR D 32 22.96 18.38 -20.36
N GLY D 33 23.03 18.20 -21.67
CA GLY D 33 23.75 19.12 -22.55
C GLY D 33 25.21 18.77 -22.78
N ASN D 34 25.64 17.61 -22.28
CA ASN D 34 27.04 17.20 -22.43
C ASN D 34 27.31 16.42 -23.71
N GLY D 35 26.30 16.32 -24.58
CA GLY D 35 26.46 15.63 -25.85
C GLY D 35 26.37 14.12 -25.73
N VAL D 36 26.01 13.66 -24.53
CA VAL D 36 25.96 12.22 -24.25
C VAL D 36 24.58 11.86 -23.72
N GLY D 37 23.98 10.80 -24.25
CA GLY D 37 22.68 10.38 -23.78
C GLY D 37 22.72 10.00 -22.31
N ASP D 38 21.58 10.08 -21.63
CA ASP D 38 21.55 9.77 -20.20
C ASP D 38 20.24 9.10 -19.82
N ILE D 39 20.13 8.65 -18.56
CA ILE D 39 18.96 7.90 -18.10
C ILE D 39 17.68 8.75 -18.09
N ARG D 40 17.81 10.02 -17.67
CA ARG D 40 16.67 10.92 -17.68
C ARG D 40 16.11 11.03 -19.11
N GLY D 41 17.01 10.95 -20.10
CA GLY D 41 16.59 10.94 -21.49
C GLY D 41 15.67 9.77 -21.80
N ILE D 42 16.00 8.59 -21.29
CA ILE D 42 15.17 7.41 -21.50
C ILE D 42 13.82 7.55 -20.81
N ILE D 43 13.82 8.06 -19.57
CA ILE D 43 12.56 8.31 -18.87
C ILE D 43 11.64 9.21 -19.69
N GLU D 44 12.18 10.29 -20.24
CA GLU D 44 11.39 11.20 -21.05
C GLU D 44 10.78 10.58 -22.31
N LYS D 45 11.38 9.50 -22.80
CA LYS D 45 10.86 8.89 -24.03
C LYS D 45 10.04 7.62 -23.80
N LEU D 46 9.58 7.38 -22.57
CA LEU D 46 8.85 6.14 -22.30
C LEU D 46 7.52 6.09 -23.03
N ASP D 47 6.85 7.24 -23.18
CA ASP D 47 5.58 7.30 -23.89
C ASP D 47 5.77 6.94 -25.38
N TYR D 48 6.87 7.40 -25.95
CA TYR D 48 7.21 7.07 -27.33
C TYR D 48 7.45 5.56 -27.50
N ILE D 49 8.27 4.99 -26.62
CA ILE D 49 8.50 3.54 -26.63
C ILE D 49 7.17 2.79 -26.48
N LYS D 50 6.36 3.20 -25.50
CA LYS D 50 5.03 2.63 -25.31
C LYS D 50 4.15 2.72 -26.54
N GLU D 51 4.14 3.89 -27.20
CA GLU D 51 3.38 4.09 -28.43
C GLU D 51 3.85 3.15 -29.54
N LEU D 52 5.12 2.81 -29.54
CA LEU D 52 5.64 1.87 -30.54
C LEU D 52 5.11 0.45 -30.26
N ALA D 53 4.46 0.27 -29.11
CA ALA D 53 3.98 -1.03 -28.64
C ALA D 53 5.10 -2.03 -28.36
N CYS D 54 6.24 -1.50 -27.91
CA CYS D 54 7.24 -2.35 -27.26
C CYS D 54 6.85 -2.51 -25.80
N ASP D 55 7.14 -3.66 -25.21
CA ASP D 55 6.86 -3.85 -23.77
C ASP D 55 8.09 -4.31 -23.00
N VAL D 56 9.24 -4.32 -23.68
CA VAL D 56 10.51 -4.51 -22.97
C VAL D 56 11.51 -3.45 -23.45
N ILE D 57 12.28 -2.92 -22.52
CA ILE D 57 13.43 -2.09 -22.85
C ILE D 57 14.68 -2.80 -22.39
N TRP D 58 15.69 -2.86 -23.26
CA TRP D 58 16.97 -3.48 -22.93
C TRP D 58 18.05 -2.40 -23.01
N LEU D 59 18.78 -2.19 -21.92
CA LEU D 59 19.86 -1.20 -21.89
C LEU D 59 21.20 -1.89 -22.01
N THR D 60 22.06 -1.40 -22.89
CA THR D 60 23.43 -1.89 -22.96
C THR D 60 24.13 -1.45 -21.65
N PRO D 61 25.38 -1.93 -21.39
CA PRO D 61 26.02 -1.64 -20.09
C PRO D 61 26.03 -0.17 -19.65
N ILE D 62 25.59 0.07 -18.40
CA ILE D 62 25.63 1.40 -17.81
C ILE D 62 26.27 1.35 -16.41
N TYR D 63 26.87 0.21 -16.07
CA TYR D 63 27.60 0.08 -14.82
C TYR D 63 28.86 0.95 -14.80
N GLN D 64 29.32 1.27 -13.59
CA GLN D 64 30.59 1.96 -13.43
C GLN D 64 31.69 1.20 -14.16
N SER D 65 32.46 1.93 -14.96
CA SER D 65 33.44 1.34 -15.85
C SER D 65 34.44 2.42 -16.28
N PRO D 66 35.73 2.05 -16.38
CA PRO D 66 36.71 2.99 -16.91
C PRO D 66 36.46 3.24 -18.39
N GLN D 67 35.58 2.46 -19.01
CA GLN D 67 35.26 2.57 -20.44
C GLN D 67 36.45 2.29 -21.36
N ASN D 68 37.32 1.37 -20.96
CA ASN D 68 38.36 0.91 -21.87
C ASN D 68 37.78 0.02 -22.96
N ASP D 69 36.61 -0.55 -22.70
CA ASP D 69 35.99 -1.43 -23.69
C ASP D 69 34.48 -1.18 -23.77
N ASN D 70 34.11 0.08 -24.00
CA ASN D 70 32.74 0.46 -24.27
C ASN D 70 31.78 0.14 -23.13
N GLY D 71 32.32 -0.03 -21.93
CA GLY D 71 31.48 -0.28 -20.78
C GLY D 71 31.35 -1.76 -20.47
N TYR D 72 31.90 -2.61 -21.33
CA TYR D 72 31.88 -4.05 -21.05
C TYR D 72 33.04 -4.45 -20.12
N ASP D 73 33.83 -3.45 -19.72
CA ASP D 73 34.82 -3.60 -18.66
C ASP D 73 34.32 -2.95 -17.37
N ILE D 74 33.64 -3.74 -16.54
CA ILE D 74 32.90 -3.22 -15.39
C ILE D 74 33.76 -3.18 -14.11
N SER D 75 33.83 -2.02 -13.46
CA SER D 75 34.64 -1.88 -12.25
C SER D 75 33.80 -1.89 -10.97
N ASP D 76 32.49 -1.72 -11.11
CA ASP D 76 31.57 -1.89 -9.96
C ASP D 76 30.18 -2.25 -10.45
N TYR D 77 29.71 -3.45 -10.11
CA TYR D 77 28.40 -3.90 -10.53
C TYR D 77 27.26 -3.23 -9.78
N TYR D 78 27.56 -2.66 -8.62
CA TYR D 78 26.51 -2.06 -7.78
C TYR D 78 26.28 -0.57 -8.05
N SER D 79 27.05 0.00 -8.97
CA SER D 79 26.91 1.43 -9.27
C SER D 79 26.78 1.71 -10.75
N ILE D 80 26.19 2.85 -11.08
CA ILE D 80 25.99 3.26 -12.47
C ILE D 80 27.03 4.28 -12.92
N HIS D 81 27.52 4.13 -14.15
CA HIS D 81 28.39 5.11 -14.79
C HIS D 81 27.80 6.52 -14.59
N GLU D 82 28.54 7.42 -13.96
CA GLU D 82 27.98 8.70 -13.50
C GLU D 82 27.37 9.56 -14.60
N GLU D 83 28.03 9.59 -15.74
CA GLU D 83 27.56 10.33 -16.90
C GLU D 83 26.12 9.97 -17.29
N TYR D 84 25.73 8.71 -17.11
CA TYR D 84 24.37 8.29 -17.47
C TYR D 84 23.33 8.68 -16.42
N GLY D 85 23.78 8.94 -15.19
CA GLY D 85 22.87 9.39 -14.14
C GLY D 85 23.10 8.68 -12.82
N THR D 86 22.18 8.86 -11.89
CA THR D 86 22.34 8.32 -10.56
C THR D 86 21.55 7.04 -10.38
N MET D 87 21.84 6.31 -9.30
CA MET D 87 21.06 5.14 -8.93
C MET D 87 19.61 5.57 -8.79
N ALA D 88 19.38 6.78 -8.25
CA ALA D 88 18.03 7.30 -8.09
C ALA D 88 17.30 7.45 -9.43
N ASP D 89 18.05 7.87 -10.46
CA ASP D 89 17.49 8.02 -11.80
C ASP D 89 17.03 6.67 -12.37
N PHE D 90 17.90 5.66 -12.26
CA PHE D 90 17.57 4.31 -12.71
C PHE D 90 16.35 3.76 -12.01
N GLU D 91 16.26 4.01 -10.71
CA GLU D 91 15.10 3.56 -9.94
C GLU D 91 13.83 4.17 -10.50
N GLU D 92 13.88 5.46 -10.81
CA GLU D 92 12.71 6.13 -11.36
C GLU D 92 12.37 5.49 -12.70
N LEU D 93 13.41 5.16 -13.48
CA LEU D 93 13.21 4.54 -14.78
C LEU D 93 12.43 3.22 -14.66
N LEU D 94 12.83 2.34 -13.73
CA LEU D 94 12.12 1.08 -13.52
C LEU D 94 10.67 1.35 -13.20
N GLU D 95 10.44 2.32 -12.33
CA GLU D 95 9.09 2.62 -11.85
C GLU D 95 8.21 3.16 -12.96
N GLU D 96 8.72 4.13 -13.71
CA GLU D 96 7.94 4.74 -14.79
C GLU D 96 7.72 3.77 -15.96
N ALA D 97 8.69 2.88 -16.21
CA ALA D 97 8.46 1.83 -17.22
C ALA D 97 7.36 0.88 -16.74
N HIS D 98 7.48 0.40 -15.50
CA HIS D 98 6.52 -0.55 -14.95
C HIS D 98 5.09 -0.02 -14.91
N LYS D 99 4.92 1.28 -14.63
CA LYS D 99 3.59 1.91 -14.68
C LYS D 99 2.96 1.72 -16.05
N ARG D 100 3.78 1.85 -17.09
CA ARG D 100 3.31 1.79 -18.48
C ARG D 100 3.24 0.37 -19.03
N GLY D 101 3.49 -0.62 -18.18
CA GLY D 101 3.50 -2.02 -18.62
C GLY D 101 4.75 -2.38 -19.43
N ILE D 102 5.85 -1.69 -19.17
CA ILE D 102 7.10 -2.00 -19.86
C ILE D 102 8.13 -2.61 -18.90
N LYS D 103 8.64 -3.79 -19.25
CA LYS D 103 9.70 -4.44 -18.46
C LYS D 103 11.07 -3.87 -18.83
N VAL D 104 12.06 -4.08 -17.96
CA VAL D 104 13.39 -3.54 -18.20
C VAL D 104 14.45 -4.62 -17.98
N ILE D 105 15.29 -4.81 -18.99
CA ILE D 105 16.42 -5.71 -18.81
C ILE D 105 17.75 -5.00 -19.03
N MET D 106 18.80 -5.61 -18.48
CA MET D 106 20.12 -5.02 -18.41
C MET D 106 21.13 -5.97 -19.04
N ASP D 107 22.15 -5.43 -19.67
CA ASP D 107 23.33 -6.21 -20.02
C ASP D 107 23.96 -6.68 -18.72
N LEU D 108 24.44 -7.92 -18.71
CA LEU D 108 25.17 -8.48 -17.58
C LEU D 108 26.44 -9.16 -18.09
N VAL D 109 27.57 -8.66 -17.61
CA VAL D 109 28.87 -9.09 -18.12
C VAL D 109 29.61 -9.76 -16.97
N VAL D 110 29.55 -11.09 -16.90
CA VAL D 110 30.13 -11.77 -15.75
C VAL D 110 31.19 -12.81 -16.08
N ASN D 111 31.60 -12.86 -17.34
CA ASN D 111 32.76 -13.64 -17.69
C ASN D 111 34.03 -12.99 -17.16
N HIS D 112 34.00 -11.66 -17.01
CA HIS D 112 35.20 -10.89 -16.66
C HIS D 112 34.83 -9.55 -16.04
N THR D 113 35.79 -8.92 -15.36
CA THR D 113 35.56 -7.58 -14.83
C THR D 113 36.68 -6.67 -15.29
N SER D 114 36.50 -5.37 -15.12
CA SER D 114 37.64 -4.47 -15.31
C SER D 114 38.75 -4.82 -14.31
N THR D 115 40.00 -4.59 -14.69
CA THR D 115 41.11 -4.73 -13.74
C THR D 115 41.11 -3.57 -12.74
N GLU D 116 40.16 -2.64 -12.90
CA GLU D 116 39.93 -1.58 -11.91
C GLU D 116 38.86 -1.97 -10.90
N HIS D 117 38.28 -3.17 -11.05
CA HIS D 117 37.32 -3.64 -10.05
C HIS D 117 38.09 -3.88 -8.77
N ARG D 118 37.48 -3.55 -7.63
CA ARG D 118 38.10 -3.79 -6.33
C ARG D 118 38.58 -5.23 -6.12
N TRP D 119 37.79 -6.21 -6.59
CA TRP D 119 38.20 -7.62 -6.48
C TRP D 119 39.55 -7.84 -7.10
N PHE D 120 39.75 -7.29 -8.28
CA PHE D 120 41.04 -7.47 -8.95
C PHE D 120 42.20 -6.68 -8.29
N LYS D 121 41.95 -5.46 -7.85
CA LYS D 121 42.99 -4.69 -7.15
C LYS D 121 43.46 -5.52 -5.98
N GLU D 122 42.49 -6.04 -5.22
CA GLU D 122 42.80 -6.94 -4.12
C GLU D 122 43.59 -8.16 -4.59
N ALA D 123 43.03 -8.89 -5.57
CA ALA D 123 43.63 -10.14 -6.05
C ALA D 123 45.06 -9.95 -6.48
N ALA D 124 45.30 -8.85 -7.19
CA ALA D 124 46.62 -8.56 -7.73
C ALA D 124 47.62 -8.13 -6.65
N SER D 125 47.13 -7.72 -5.50
CA SER D 125 48.01 -7.16 -4.47
C SER D 125 48.82 -8.24 -3.75
N GLY D 126 48.31 -9.47 -3.72
CA GLY D 126 49.01 -10.54 -3.03
C GLY D 126 48.57 -11.96 -3.34
N LYS D 127 49.57 -12.85 -3.49
CA LYS D 127 49.37 -14.27 -3.77
C LYS D 127 48.40 -14.93 -2.79
N GLU D 128 48.31 -14.40 -1.57
CA GLU D 128 47.41 -14.99 -0.60
C GLU D 128 46.25 -14.09 -0.22
N ASN D 129 46.11 -12.98 -0.93
CA ASN D 129 44.94 -12.11 -0.75
C ASN D 129 43.63 -12.90 -0.84
N LEU D 130 42.65 -12.49 -0.05
CA LEU D 130 41.36 -13.21 0.01
C LEU D 130 40.63 -13.28 -1.33
N TYR D 131 40.91 -12.34 -2.23
CA TYR D 131 40.28 -12.33 -3.54
C TYR D 131 41.13 -12.95 -4.64
N ARG D 132 42.31 -13.44 -4.30
CA ARG D 132 43.26 -13.92 -5.31
C ARG D 132 42.64 -14.92 -6.27
N ASP D 133 41.86 -15.86 -5.73
CA ASP D 133 41.29 -16.96 -6.53
C ASP D 133 39.99 -16.56 -7.21
N PHE D 134 39.67 -15.26 -7.20
CA PHE D 134 38.54 -14.76 -7.98
C PHE D 134 38.91 -14.65 -9.46
N TYR D 135 40.21 -14.65 -9.75
CA TYR D 135 40.66 -14.60 -11.15
C TYR D 135 41.50 -15.81 -11.50
N ILE D 136 42.02 -15.85 -12.72
CA ILE D 136 42.64 -17.07 -13.20
C ILE D 136 44.14 -16.81 -13.35
N TRP D 137 44.93 -17.34 -12.41
CA TRP D 137 46.36 -17.05 -12.32
C TRP D 137 47.15 -18.33 -12.59
N LYS D 138 48.19 -18.23 -13.39
CA LYS D 138 49.06 -19.37 -13.67
C LYS D 138 50.52 -18.93 -13.80
N ASP D 139 51.44 -19.87 -13.60
CA ASP D 139 52.87 -19.61 -13.66
C ASP D 139 53.37 -19.60 -15.08
N MET D 140 54.51 -18.94 -15.28
CA MET D 140 55.27 -19.02 -16.52
C MET D 140 55.65 -20.47 -16.82
N LYS D 141 55.66 -20.84 -18.11
CA LYS D 141 56.23 -22.11 -18.52
C LYS D 141 57.74 -22.06 -18.31
N PRO D 142 58.37 -23.22 -17.98
CA PRO D 142 59.81 -23.25 -17.71
C PRO D 142 60.70 -22.61 -18.79
N ASN D 143 60.18 -22.49 -20.02
CA ASN D 143 60.94 -21.87 -21.12
C ASN D 143 60.65 -20.38 -21.31
N GLY D 144 59.92 -19.79 -20.38
CA GLY D 144 59.61 -18.37 -20.45
C GLY D 144 58.40 -18.05 -21.31
N ALA D 145 57.67 -19.09 -21.72
CA ALA D 145 56.44 -18.93 -22.49
C ALA D 145 55.26 -18.69 -21.53
N PRO D 146 54.17 -18.11 -22.04
CA PRO D 146 52.98 -17.93 -21.19
C PRO D 146 52.41 -19.28 -20.76
N PRO D 147 51.49 -19.29 -19.76
CA PRO D 147 50.93 -20.56 -19.28
C PRO D 147 50.37 -21.47 -20.39
N THR D 148 49.63 -20.91 -21.34
CA THR D 148 49.22 -21.66 -22.52
C THR D 148 49.43 -20.83 -23.78
N ASN D 149 49.24 -21.45 -24.95
CA ASN D 149 49.34 -20.70 -26.20
C ASN D 149 48.02 -20.14 -26.69
N TRP D 150 47.04 -20.02 -25.79
CA TRP D 150 45.73 -19.45 -26.15
C TRP D 150 45.89 -18.00 -26.55
N GLU D 151 45.10 -17.54 -27.53
CA GLU D 151 45.17 -16.14 -27.92
C GLU D 151 43.92 -15.38 -27.48
N SER D 152 44.11 -14.10 -27.16
CA SER D 152 42.98 -13.22 -26.81
C SER D 152 42.15 -12.88 -28.05
N LYS D 153 40.86 -12.66 -27.86
CA LYS D 153 39.98 -12.22 -28.94
C LYS D 153 40.42 -10.84 -29.45
N PHE D 154 41.15 -10.10 -28.61
CA PHE D 154 41.70 -8.80 -29.01
C PHE D 154 43.11 -8.90 -29.61
N GLY D 155 43.56 -10.12 -29.87
CA GLY D 155 44.89 -10.33 -30.42
C GLY D 155 45.95 -10.54 -29.36
N GLY D 156 46.98 -11.32 -29.69
CA GLY D 156 48.07 -11.56 -28.76
C GLY D 156 47.74 -12.65 -27.75
N SER D 157 48.60 -12.78 -26.74
CA SER D 157 48.41 -13.81 -25.72
C SER D 157 47.18 -13.53 -24.86
N ALA D 158 46.46 -14.59 -24.51
CA ALA D 158 45.33 -14.49 -23.58
C ALA D 158 45.81 -14.29 -22.14
N TRP D 159 47.12 -14.37 -21.94
CA TRP D 159 47.72 -14.27 -20.59
C TRP D 159 48.51 -12.98 -20.42
N GLU D 160 48.25 -12.27 -19.33
CA GLU D 160 48.93 -10.99 -19.07
C GLU D 160 49.82 -11.13 -17.81
N PHE D 161 51.12 -10.94 -17.98
CA PHE D 161 52.05 -11.10 -16.85
C PHE D 161 51.89 -10.01 -15.78
N HIS D 162 51.86 -10.42 -14.51
CA HIS D 162 51.78 -9.48 -13.40
C HIS D 162 53.05 -9.61 -12.56
N ALA D 163 54.10 -8.86 -12.91
CA ALA D 163 55.43 -9.04 -12.33
C ALA D 163 55.50 -8.93 -10.80
N GLU D 164 54.62 -8.15 -10.20
CA GLU D 164 54.57 -8.03 -8.73
C GLU D 164 54.32 -9.39 -8.05
N SER D 165 53.44 -10.19 -8.61
CA SER D 165 53.08 -11.47 -7.99
C SER D 165 53.68 -12.66 -8.73
N GLY D 166 54.43 -12.39 -9.80
CA GLY D 166 55.11 -13.43 -10.55
C GLY D 166 54.19 -14.42 -11.27
N GLN D 167 52.98 -13.98 -11.60
CA GLN D 167 52.05 -14.84 -12.34
C GLN D 167 51.33 -14.13 -13.48
N TYR D 168 50.77 -14.91 -14.39
CA TYR D 168 49.93 -14.37 -15.47
C TYR D 168 48.46 -14.50 -15.04
N TYR D 169 47.65 -13.50 -15.35
CA TYR D 169 46.19 -13.69 -15.28
C TYR D 169 45.59 -13.83 -16.68
N LEU D 170 44.46 -14.53 -16.76
CA LEU D 170 43.80 -14.76 -18.05
C LEU D 170 42.87 -13.61 -18.42
N HIS D 171 42.99 -13.16 -19.66
CA HIS D 171 41.99 -12.25 -20.28
C HIS D 171 41.63 -12.77 -21.67
N LEU D 172 40.47 -13.42 -21.80
CA LEU D 172 40.02 -13.87 -23.12
C LEU D 172 39.76 -12.68 -24.02
N TYR D 173 39.36 -11.56 -23.43
CA TYR D 173 39.10 -10.34 -24.20
C TYR D 173 40.22 -9.31 -23.99
N ASP D 174 39.88 -8.03 -23.77
CA ASP D 174 40.94 -7.01 -23.71
C ASP D 174 41.84 -7.16 -22.46
N VAL D 175 42.99 -6.49 -22.49
CA VAL D 175 43.98 -6.59 -21.41
C VAL D 175 43.40 -6.23 -20.03
N THR D 176 42.51 -5.24 -19.99
CA THR D 176 41.96 -4.81 -18.70
C THR D 176 40.65 -5.51 -18.37
N GLN D 177 40.35 -6.58 -19.11
CA GLN D 177 39.18 -7.39 -18.81
C GLN D 177 39.62 -8.74 -18.26
N ALA D 178 39.74 -8.82 -16.93
CA ALA D 178 40.27 -10.04 -16.33
C ALA D 178 39.16 -11.07 -16.13
N ASP D 179 39.35 -12.26 -16.69
CA ASP D 179 38.36 -13.33 -16.56
C ASP D 179 38.15 -13.75 -15.12
N LEU D 180 36.88 -13.79 -14.70
CA LEU D 180 36.53 -14.31 -13.40
C LEU D 180 36.72 -15.82 -13.38
N ASN D 181 37.11 -16.34 -12.21
CA ASN D 181 37.33 -17.77 -12.03
C ASN D 181 36.06 -18.51 -11.61
N TRP D 182 35.32 -19.03 -12.58
CA TRP D 182 34.02 -19.62 -12.28
C TRP D 182 34.08 -20.97 -11.56
N GLU D 183 35.24 -21.63 -11.59
CA GLU D 183 35.46 -22.82 -10.76
C GLU D 183 35.41 -22.53 -9.27
N ASN D 184 35.59 -21.28 -8.90
CA ASN D 184 35.57 -20.91 -7.50
C ASN D 184 34.13 -20.66 -7.06
N GLU D 185 33.61 -21.52 -6.18
CA GLU D 185 32.27 -21.35 -5.63
C GLU D 185 32.02 -19.96 -5.02
N ALA D 186 33.05 -19.37 -4.43
CA ALA D 186 32.89 -18.04 -3.81
C ALA D 186 32.58 -16.97 -4.86
N VAL D 187 33.13 -17.15 -6.07
CA VAL D 187 32.91 -16.21 -7.16
C VAL D 187 31.48 -16.30 -7.66
N ARG D 188 30.99 -17.53 -7.83
CA ARG D 188 29.63 -17.76 -8.32
C ARG D 188 28.61 -17.23 -7.32
N LYS D 189 28.90 -17.44 -6.05
CA LYS D 189 28.04 -16.92 -4.98
C LYS D 189 27.94 -15.39 -5.05
N LYS D 190 29.09 -14.72 -5.16
CA LYS D 190 29.14 -13.25 -5.24
C LYS D 190 28.37 -12.73 -6.44
N VAL D 191 28.57 -13.35 -7.60
CA VAL D 191 27.82 -12.97 -8.77
C VAL D 191 26.32 -13.13 -8.55
N TYR D 192 25.90 -14.26 -7.99
CA TYR D 192 24.46 -14.45 -7.77
C TYR D 192 23.92 -13.39 -6.81
N GLU D 193 24.69 -13.04 -5.78
CA GLU D 193 24.24 -12.00 -4.85
C GLU D 193 24.04 -10.66 -5.57
N MET D 194 24.95 -10.34 -6.48
CA MET D 194 24.88 -9.09 -7.23
C MET D 194 23.62 -9.09 -8.12
N MET D 195 23.34 -10.23 -8.75
CA MET D 195 22.14 -10.36 -9.58
C MET D 195 20.88 -10.22 -8.75
N HIS D 196 20.89 -10.80 -7.55
CA HIS D 196 19.76 -10.61 -6.63
C HIS D 196 19.53 -9.14 -6.32
N PHE D 197 20.60 -8.42 -6.05
CA PHE D 197 20.53 -6.97 -5.80
C PHE D 197 19.73 -6.28 -6.91
N TRP D 198 20.09 -6.56 -8.16
CA TRP D 198 19.38 -5.90 -9.26
C TRP D 198 17.94 -6.37 -9.40
N PHE D 199 17.70 -7.66 -9.19
CA PHE D 199 16.32 -8.16 -9.21
C PHE D 199 15.49 -7.52 -8.10
N GLU D 200 16.07 -7.38 -6.91
CA GLU D 200 15.36 -6.75 -5.80
C GLU D 200 15.10 -5.28 -6.08
N LYS D 201 15.95 -4.67 -6.88
CA LYS D 201 15.69 -3.29 -7.26
C LYS D 201 14.54 -3.16 -8.25
N GLY D 202 14.21 -4.26 -8.95
CA GLY D 202 13.05 -4.28 -9.81
C GLY D 202 13.27 -4.60 -11.28
N ILE D 203 14.51 -4.89 -11.68
CA ILE D 203 14.73 -5.22 -13.09
C ILE D 203 14.03 -6.53 -13.44
N ASP D 204 13.78 -6.74 -14.72
CA ASP D 204 13.01 -7.91 -15.14
C ASP D 204 13.84 -8.99 -15.83
N GLY D 205 15.14 -8.76 -15.95
CA GLY D 205 15.97 -9.77 -16.56
C GLY D 205 17.31 -9.26 -17.05
N PHE D 206 18.06 -10.15 -17.70
CA PHE D 206 19.39 -9.85 -18.15
C PHE D 206 19.65 -10.31 -19.57
N GLN D 207 20.43 -9.54 -20.31
CA GLN D 207 21.06 -10.04 -21.53
C GLN D 207 22.47 -10.41 -21.10
N LEU D 208 22.80 -11.69 -21.20
CA LEU D 208 24.07 -12.18 -20.68
C LEU D 208 25.12 -12.22 -21.78
N ASP D 209 26.15 -11.38 -21.65
CA ASP D 209 27.24 -11.28 -22.62
C ASP D 209 28.28 -12.39 -22.52
N VAL D 210 28.63 -12.95 -23.69
CA VAL D 210 29.58 -14.07 -23.82
C VAL D 210 29.52 -15.10 -22.68
N ILE D 211 28.30 -15.43 -22.27
CA ILE D 211 28.11 -16.27 -21.10
C ILE D 211 28.57 -17.70 -21.37
N ASN D 212 28.74 -18.05 -22.64
CA ASN D 212 29.14 -19.41 -22.99
C ASN D 212 30.64 -19.67 -22.83
N VAL D 213 31.41 -18.68 -22.40
CA VAL D 213 32.85 -18.91 -22.23
C VAL D 213 33.31 -18.97 -20.78
N ILE D 214 32.36 -18.96 -19.85
CA ILE D 214 32.71 -18.85 -18.43
C ILE D 214 33.39 -20.10 -17.85
N SER D 215 33.21 -21.25 -18.49
CA SER D 215 33.77 -22.52 -18.00
C SER D 215 35.04 -22.84 -18.79
N LYS D 216 36.17 -22.97 -18.10
CA LYS D 216 37.44 -23.33 -18.74
C LYS D 216 37.82 -24.76 -18.40
N ASP D 217 38.43 -25.47 -19.35
CA ASP D 217 39.05 -26.75 -19.04
C ASP D 217 40.17 -26.53 -18.04
N GLN D 218 40.02 -27.09 -16.86
CA GLN D 218 40.95 -26.82 -15.76
C GLN D 218 42.33 -27.46 -15.92
N ARG D 219 42.52 -28.22 -16.99
CA ARG D 219 43.84 -28.71 -17.32
C ARG D 219 44.63 -27.62 -18.03
N PHE D 220 43.90 -26.61 -18.53
CA PHE D 220 44.50 -25.55 -19.36
C PHE D 220 45.50 -26.10 -20.40
N PRO D 221 45.05 -27.01 -21.26
CA PRO D 221 46.03 -27.59 -22.20
C PRO D 221 46.29 -26.69 -23.40
N ASP D 222 47.48 -26.81 -23.99
CA ASP D 222 47.82 -26.08 -25.20
C ASP D 222 46.93 -26.52 -26.34
N ASP D 223 46.58 -25.57 -27.20
CA ASP D 223 45.82 -25.88 -28.40
C ASP D 223 46.81 -25.86 -29.54
N ASP D 224 47.12 -27.02 -30.09
CA ASP D 224 48.05 -27.13 -31.20
C ASP D 224 47.27 -27.08 -32.52
N GLU D 225 45.94 -26.99 -32.41
CA GLU D 225 45.06 -26.79 -33.56
C GLU D 225 44.62 -25.34 -33.65
N GLY D 226 43.62 -24.99 -32.85
CA GLY D 226 43.07 -23.65 -32.87
C GLY D 226 43.83 -22.66 -31.99
N ASP D 227 43.10 -21.68 -31.46
CA ASP D 227 43.73 -20.65 -30.65
C ASP D 227 43.35 -20.83 -29.19
N GLY D 228 42.85 -22.01 -28.85
CA GLY D 228 42.49 -22.35 -27.48
C GLY D 228 41.00 -22.29 -27.20
N ARG D 229 40.24 -21.78 -28.16
CA ARG D 229 38.81 -21.57 -27.95
C ARG D 229 38.04 -22.85 -27.62
N ARG D 230 38.52 -23.99 -28.11
CA ARG D 230 37.81 -25.26 -27.81
C ARG D 230 37.85 -25.63 -26.33
N PHE D 231 38.78 -25.03 -25.60
CA PHE D 231 38.96 -25.34 -24.19
C PHE D 231 38.16 -24.44 -23.25
N TYR D 232 37.42 -23.49 -23.82
CA TYR D 232 36.57 -22.62 -22.97
C TYR D 232 35.24 -22.22 -23.60
N THR D 233 35.06 -22.52 -24.88
CA THR D 233 33.81 -22.19 -25.55
C THR D 233 32.83 -23.34 -25.39
N ASP D 234 31.73 -23.09 -24.69
CA ASP D 234 30.81 -24.14 -24.26
C ASP D 234 31.59 -25.17 -23.47
N GLY D 235 32.34 -24.68 -22.49
CA GLY D 235 33.23 -25.51 -21.69
C GLY D 235 32.54 -26.60 -20.91
N PRO D 236 33.34 -27.46 -20.23
CA PRO D 236 32.84 -28.66 -19.54
C PRO D 236 31.76 -28.41 -18.50
N ARG D 237 31.77 -27.27 -17.82
CA ARG D 237 30.76 -27.03 -16.79
C ARG D 237 29.82 -25.86 -17.10
N VAL D 238 29.81 -25.41 -18.35
CA VAL D 238 28.96 -24.27 -18.71
C VAL D 238 27.47 -24.50 -18.44
N HIS D 239 26.93 -25.66 -18.85
CA HIS D 239 25.51 -25.92 -18.63
C HIS D 239 25.20 -26.11 -17.15
N GLU D 240 26.14 -26.72 -16.42
CA GLU D 240 26.00 -26.86 -14.98
C GLU D 240 25.93 -25.50 -14.31
N PHE D 241 26.80 -24.58 -14.73
CA PHE D 241 26.86 -23.26 -14.12
C PHE D 241 25.59 -22.46 -14.41
N LEU D 242 25.14 -22.45 -15.67
CA LEU D 242 23.93 -21.70 -16.03
C LEU D 242 22.71 -22.25 -15.30
N ASN D 243 22.64 -23.58 -15.19
CA ASN D 243 21.53 -24.19 -14.48
C ASN D 243 21.58 -23.80 -12.99
N GLU D 244 22.79 -23.75 -12.44
CA GLU D 244 22.95 -23.27 -11.07
C GLU D 244 22.47 -21.82 -10.94
N MET D 245 22.89 -20.97 -11.88
CA MET D 245 22.47 -19.57 -11.88
C MET D 245 20.94 -19.47 -11.96
N ASN D 246 20.34 -20.33 -12.79
CA ASN D 246 18.89 -20.39 -12.91
C ASN D 246 18.25 -20.79 -11.57
N ARG D 247 18.72 -21.89 -10.98
CA ARG D 247 18.19 -22.32 -9.69
C ARG D 247 18.37 -21.25 -8.61
N GLU D 248 19.58 -20.68 -8.56
CA GLU D 248 19.89 -19.73 -7.50
C GLU D 248 19.24 -18.37 -7.70
N VAL D 249 19.06 -17.96 -8.96
CA VAL D 249 18.57 -16.61 -9.20
C VAL D 249 17.30 -16.50 -10.05
N PHE D 250 17.40 -16.83 -11.33
CA PHE D 250 16.30 -16.62 -12.27
C PHE D 250 14.96 -17.24 -11.85
N SER D 251 15.04 -18.41 -11.23
CA SER D 251 13.83 -19.15 -10.92
C SER D 251 13.02 -18.46 -9.83
N LYS D 252 13.61 -17.48 -9.15
CA LYS D 252 12.92 -16.80 -8.06
C LYS D 252 12.26 -15.50 -8.49
N TYR D 253 12.39 -15.12 -9.75
CA TYR D 253 11.69 -13.94 -10.26
C TYR D 253 10.97 -14.21 -11.56
N ASP D 254 10.02 -13.35 -11.90
CA ASP D 254 9.31 -13.46 -13.17
C ASP D 254 10.22 -12.84 -14.22
N SER D 255 11.21 -13.58 -14.67
CA SER D 255 12.31 -12.99 -15.39
C SER D 255 12.38 -13.38 -16.86
N MET D 256 13.20 -12.65 -17.62
CA MET D 256 13.54 -13.05 -18.98
C MET D 256 15.07 -13.05 -19.08
N THR D 257 15.66 -14.06 -19.71
CA THR D 257 17.10 -14.05 -19.94
C THR D 257 17.40 -14.31 -21.39
N VAL D 258 18.34 -13.55 -21.95
CA VAL D 258 18.75 -13.78 -23.31
C VAL D 258 20.27 -13.84 -23.39
N GLY D 259 20.79 -14.90 -24.00
CA GLY D 259 22.23 -15.04 -24.12
C GLY D 259 22.76 -14.55 -25.44
N GLU D 260 23.94 -13.93 -25.38
CA GLU D 260 24.71 -13.60 -26.57
C GLU D 260 26.00 -14.42 -26.50
N MET D 261 26.15 -15.37 -27.41
CA MET D 261 27.21 -16.37 -27.29
C MET D 261 28.43 -15.93 -28.08
N SER D 262 29.63 -16.39 -27.68
CA SER D 262 30.85 -15.94 -28.36
C SER D 262 30.87 -16.49 -29.79
N SER D 263 30.37 -17.71 -29.93
CA SER D 263 30.03 -18.27 -31.24
C SER D 263 28.89 -19.25 -31.01
N THR D 264 28.11 -19.55 -32.03
CA THR D 264 26.95 -20.42 -31.89
C THR D 264 27.00 -21.62 -32.82
N THR D 265 26.64 -22.81 -32.32
CA THR D 265 26.01 -23.82 -33.17
C THR D 265 24.56 -23.96 -32.71
N ILE D 266 23.68 -24.34 -33.63
CA ILE D 266 22.28 -24.53 -33.26
C ILE D 266 22.15 -25.55 -32.14
N ALA D 267 22.90 -26.66 -32.26
CA ALA D 267 22.77 -27.74 -31.30
C ALA D 267 23.02 -27.26 -29.87
N ASP D 268 24.05 -26.44 -29.69
CA ASP D 268 24.37 -25.92 -28.37
C ASP D 268 23.27 -24.96 -27.88
N CYS D 269 22.73 -24.15 -28.80
CA CYS D 269 21.69 -23.19 -28.44
C CYS D 269 20.39 -23.85 -28.03
N ILE D 270 20.12 -25.02 -28.58
CA ILE D 270 18.97 -25.80 -28.12
C ILE D 270 19.18 -26.23 -26.68
N ARG D 271 20.41 -26.63 -26.34
CA ARG D 271 20.70 -27.00 -24.96
C ARG D 271 20.58 -25.80 -24.01
N TYR D 272 21.00 -24.63 -24.47
CA TYR D 272 20.93 -23.41 -23.66
C TYR D 272 19.52 -22.88 -23.41
N THR D 273 18.60 -23.07 -24.36
CA THR D 273 17.29 -22.41 -24.26
C THR D 273 16.08 -23.33 -24.10
N ASN D 274 16.27 -24.63 -24.25
CA ASN D 274 15.15 -25.54 -23.99
C ASN D 274 14.71 -25.40 -22.53
N PRO D 275 13.40 -25.18 -22.31
CA PRO D 275 12.89 -25.01 -20.94
C PRO D 275 13.27 -26.16 -20.03
N GLU D 276 13.36 -27.38 -20.57
CA GLU D 276 13.77 -28.53 -19.76
C GLU D 276 15.18 -28.35 -19.18
N SER D 277 16.05 -27.62 -19.88
CA SER D 277 17.41 -27.35 -19.43
C SER D 277 17.43 -26.48 -18.17
N ARG D 278 16.44 -25.60 -18.06
CA ARG D 278 16.43 -24.56 -17.02
C ARG D 278 17.78 -23.83 -16.96
N GLU D 279 18.15 -23.28 -18.11
CA GLU D 279 19.28 -22.38 -18.23
C GLU D 279 18.78 -21.01 -18.65
N LEU D 280 18.75 -20.72 -19.95
CA LEU D 280 18.32 -19.40 -20.43
C LEU D 280 16.97 -19.50 -21.13
N ASP D 281 16.32 -18.36 -21.40
CA ASP D 281 15.04 -18.39 -22.11
C ASP D 281 15.21 -18.34 -23.63
N MET D 282 16.23 -17.63 -24.10
CA MET D 282 16.42 -17.45 -25.54
C MET D 282 17.85 -17.02 -25.83
N VAL D 283 18.24 -17.05 -27.10
CA VAL D 283 19.60 -16.64 -27.50
C VAL D 283 19.61 -15.93 -28.85
N PHE D 284 20.54 -14.99 -29.00
CA PHE D 284 20.82 -14.39 -30.31
C PHE D 284 21.70 -15.34 -31.11
N ASN D 285 21.60 -15.26 -32.44
CA ASN D 285 22.68 -15.78 -33.29
C ASN D 285 23.03 -14.75 -34.34
N PHE D 286 24.22 -14.83 -34.94
CA PHE D 286 24.69 -13.76 -35.81
C PHE D 286 25.01 -14.20 -37.23
N HIS D 287 24.73 -15.46 -37.54
CA HIS D 287 25.08 -16.00 -38.85
C HIS D 287 24.42 -15.25 -40.00
N HIS D 288 23.22 -14.73 -39.77
CA HIS D 288 22.52 -13.97 -40.79
C HIS D 288 23.16 -12.60 -41.02
N LEU D 289 23.96 -12.14 -40.06
CA LEU D 289 24.63 -10.85 -40.20
C LEU D 289 26.06 -11.05 -40.69
N LYS D 290 26.31 -12.23 -41.25
CA LYS D 290 27.60 -12.60 -41.84
C LYS D 290 27.41 -12.90 -43.32
N ALA D 291 26.18 -12.72 -43.79
CA ALA D 291 25.82 -13.11 -45.15
C ALA D 291 26.41 -12.19 -46.23
N ASP D 292 26.97 -11.06 -45.82
CA ASP D 292 27.62 -10.18 -46.77
C ASP D 292 29.13 -10.04 -46.52
N TYR D 293 29.71 -10.96 -45.75
CA TYR D 293 31.16 -11.01 -45.58
C TYR D 293 31.70 -11.92 -46.69
N PRO D 294 32.48 -11.37 -47.61
CA PRO D 294 33.08 -12.25 -48.63
C PRO D 294 34.21 -13.08 -48.02
N ASN D 295 34.11 -14.40 -48.09
CA ASN D 295 35.11 -15.31 -47.54
C ASN D 295 35.43 -15.11 -46.05
N GLY D 296 34.44 -14.68 -45.27
CA GLY D 296 34.64 -14.49 -43.84
C GLY D 296 35.39 -13.23 -43.47
N GLU D 297 35.77 -12.44 -44.46
CA GLU D 297 36.48 -11.18 -44.22
C GLU D 297 35.54 -10.03 -43.86
N LYS D 298 35.70 -9.45 -42.67
CA LYS D 298 34.69 -8.54 -42.13
C LYS D 298 34.75 -7.10 -42.64
N TRP D 299 35.92 -6.65 -43.10
CA TRP D 299 36.02 -5.29 -43.63
C TRP D 299 35.87 -5.21 -45.14
N ALA D 300 35.65 -6.37 -45.77
CA ALA D 300 35.60 -6.40 -47.23
C ALA D 300 34.18 -6.13 -47.75
N LEU D 301 34.09 -5.30 -48.77
CA LEU D 301 32.82 -4.97 -49.40
C LEU D 301 32.32 -6.13 -50.26
N ALA D 302 31.02 -6.40 -50.18
CA ALA D 302 30.38 -7.42 -50.97
C ALA D 302 28.86 -7.28 -50.86
N ASP D 303 28.15 -7.75 -51.88
CA ASP D 303 26.70 -7.84 -51.79
C ASP D 303 26.36 -9.02 -50.90
N PHE D 304 25.26 -8.94 -50.15
CA PHE D 304 24.90 -10.04 -49.29
C PHE D 304 24.54 -11.25 -50.15
N ASP D 305 24.88 -12.43 -49.65
CA ASP D 305 24.52 -13.66 -50.31
C ASP D 305 23.09 -13.99 -49.88
N PHE D 306 22.14 -13.69 -50.76
CA PHE D 306 20.71 -13.82 -50.44
C PHE D 306 20.30 -15.26 -50.12
N LEU D 307 20.71 -16.22 -50.96
CA LEU D 307 20.31 -17.60 -50.75
C LEU D 307 20.90 -18.14 -49.44
N LYS D 308 22.12 -17.73 -49.13
CA LYS D 308 22.75 -18.16 -47.89
C LYS D 308 21.97 -17.59 -46.71
N LEU D 309 21.55 -16.33 -46.84
CA LEU D 309 20.74 -15.68 -45.81
C LEU D 309 19.45 -16.46 -45.52
N LYS D 310 18.74 -16.86 -46.57
CA LYS D 310 17.49 -17.61 -46.39
C LYS D 310 17.75 -18.97 -45.78
N LYS D 311 18.84 -19.61 -46.20
CA LYS D 311 19.18 -20.92 -45.65
C LYS D 311 19.48 -20.84 -44.16
N ILE D 312 20.20 -19.79 -43.76
CA ILE D 312 20.56 -19.62 -42.36
C ILE D 312 19.34 -19.33 -41.47
N LEU D 313 18.52 -18.37 -41.88
CA LEU D 313 17.33 -18.03 -41.11
C LEU D 313 16.44 -19.26 -41.00
N SER D 314 16.28 -19.98 -42.10
CA SER D 314 15.44 -21.19 -42.13
C SER D 314 15.94 -22.27 -41.17
N GLU D 315 17.23 -22.53 -41.21
CA GLU D 315 17.82 -23.58 -40.38
C GLU D 315 17.61 -23.26 -38.92
N TRP D 316 17.82 -22.00 -38.55
CA TRP D 316 17.58 -21.59 -37.17
C TRP D 316 16.09 -21.70 -36.77
N GLN D 317 15.19 -21.51 -37.74
CA GLN D 317 13.76 -21.62 -37.44
C GLN D 317 13.42 -23.09 -37.17
N THR D 318 13.66 -23.93 -38.17
CA THR D 318 13.20 -25.32 -38.12
C THR D 318 13.89 -26.07 -37.00
N GLU D 319 15.22 -25.99 -36.96
CA GLU D 319 15.96 -26.74 -35.95
C GLU D 319 15.66 -26.33 -34.51
N MET D 320 15.58 -25.04 -34.23
CA MET D 320 15.23 -24.60 -32.87
C MET D 320 13.81 -25.04 -32.52
N ASN D 321 12.90 -24.93 -33.48
CA ASN D 321 11.53 -25.33 -33.22
C ASN D 321 11.50 -26.82 -32.88
N LYS D 322 12.10 -27.63 -33.75
CA LYS D 322 12.23 -29.07 -33.53
C LYS D 322 12.82 -29.39 -32.16
N GLY D 323 13.84 -28.65 -31.75
CA GLY D 323 14.54 -28.89 -30.50
C GLY D 323 13.95 -28.26 -29.24
N GLY D 324 12.96 -27.39 -29.38
CA GLY D 324 12.36 -26.74 -28.22
C GLY D 324 13.14 -25.52 -27.75
N GLY D 325 14.04 -25.02 -28.58
CA GLY D 325 14.75 -23.79 -28.30
C GLY D 325 13.97 -22.56 -28.70
N TRP D 326 14.44 -21.38 -28.29
CA TRP D 326 13.73 -20.14 -28.62
C TRP D 326 14.69 -19.08 -29.14
N ASN D 327 14.34 -18.46 -30.27
CA ASN D 327 15.20 -17.46 -30.90
C ASN D 327 14.92 -16.03 -30.44
N ALA D 328 15.99 -15.25 -30.26
CA ALA D 328 15.86 -13.79 -30.19
C ALA D 328 16.12 -13.27 -31.61
N LEU D 329 15.09 -12.67 -32.21
CA LEU D 329 15.17 -12.20 -33.59
C LEU D 329 15.63 -10.74 -33.65
N PHE D 330 16.58 -10.44 -34.53
CA PHE D 330 17.07 -9.08 -34.67
C PHE D 330 17.81 -8.89 -35.98
N TRP D 331 17.87 -7.63 -36.43
CA TRP D 331 18.66 -7.23 -37.59
C TRP D 331 19.82 -6.33 -37.20
N CYS D 332 19.66 -5.63 -36.08
CA CYS D 332 20.51 -4.49 -35.73
C CYS D 332 20.97 -4.55 -34.28
N ASN D 333 22.15 -4.00 -34.04
CA ASN D 333 22.54 -3.59 -32.69
C ASN D 333 23.59 -2.51 -32.77
N HIS D 334 24.25 -2.22 -31.64
CA HIS D 334 25.20 -1.12 -31.60
C HIS D 334 26.53 -1.45 -32.30
N ASP D 335 26.67 -2.68 -32.79
CA ASP D 335 27.91 -3.12 -33.45
C ASP D 335 27.73 -3.38 -34.94
N GLN D 336 26.49 -3.37 -35.42
CA GLN D 336 26.16 -3.79 -36.78
C GLN D 336 25.70 -2.59 -37.61
N PRO D 337 25.84 -2.66 -38.94
CA PRO D 337 25.32 -1.58 -39.79
C PRO D 337 23.81 -1.46 -39.64
N ARG D 338 23.25 -0.27 -39.84
CA ARG D 338 21.80 -0.11 -39.80
C ARG D 338 21.22 -0.91 -40.96
N ILE D 339 20.19 -1.69 -40.68
CA ILE D 339 19.70 -2.71 -41.62
C ILE D 339 19.19 -2.17 -42.96
N VAL D 340 18.55 -1.00 -42.95
CA VAL D 340 18.05 -0.48 -44.22
C VAL D 340 19.17 -0.17 -45.21
N SER D 341 20.31 0.33 -44.70
CA SER D 341 21.46 0.59 -45.56
C SER D 341 22.11 -0.72 -45.99
N ARG D 342 22.11 -1.70 -45.09
CA ARG D 342 22.85 -2.95 -45.29
C ARG D 342 22.18 -3.94 -46.24
N TYR D 343 20.96 -4.38 -45.90
CA TYR D 343 20.24 -5.34 -46.73
C TYR D 343 19.06 -4.73 -47.50
N GLY D 344 18.74 -3.47 -47.22
CA GLY D 344 17.65 -2.82 -47.92
C GLY D 344 18.18 -1.82 -48.91
N ASP D 345 17.38 -0.80 -49.24
CA ASP D 345 17.83 0.28 -50.09
C ASP D 345 17.55 1.60 -49.37
N ASP D 346 18.59 2.31 -48.96
CA ASP D 346 18.39 3.49 -48.13
C ASP D 346 18.19 4.76 -48.94
N GLY D 347 18.02 4.59 -50.26
CA GLY D 347 17.68 5.70 -51.12
C GLY D 347 16.19 5.74 -51.47
N LYS D 348 15.88 5.53 -52.75
CA LYS D 348 14.52 5.68 -53.27
C LYS D 348 13.50 4.82 -52.52
N TYR D 349 13.87 3.59 -52.21
CA TYR D 349 12.96 2.73 -51.45
C TYR D 349 13.32 2.57 -49.97
N ARG D 350 13.78 3.65 -49.34
CA ARG D 350 14.08 3.59 -47.90
C ARG D 350 12.85 3.09 -47.11
N LYS D 351 11.71 3.75 -47.27
CA LYS D 351 10.50 3.38 -46.54
C LYS D 351 10.03 1.98 -46.87
N LYS D 352 9.90 1.65 -48.15
CA LYS D 352 9.38 0.34 -48.54
C LYS D 352 10.26 -0.81 -48.11
N SER D 353 11.58 -0.63 -48.25
CA SER D 353 12.50 -1.74 -47.95
C SER D 353 12.66 -1.91 -46.44
N ALA D 354 12.59 -0.80 -45.71
CA ALA D 354 12.68 -0.88 -44.24
C ALA D 354 11.52 -1.67 -43.67
N LYS D 355 10.31 -1.45 -44.22
CA LYS D 355 9.11 -2.17 -43.78
C LYS D 355 9.17 -3.64 -44.16
N MET D 356 9.72 -3.89 -45.34
CA MET D 356 9.88 -5.25 -45.86
C MET D 356 10.80 -6.00 -44.89
N LEU D 357 11.91 -5.37 -44.52
CA LEU D 357 12.86 -6.06 -43.65
C LEU D 357 12.23 -6.33 -42.29
N ALA D 358 11.44 -5.37 -41.80
CA ALA D 358 10.80 -5.55 -40.50
C ALA D 358 9.82 -6.72 -40.56
N THR D 359 9.04 -6.80 -41.63
CA THR D 359 8.09 -7.92 -41.75
C THR D 359 8.79 -9.26 -41.89
N ALA D 360 9.85 -9.31 -42.69
CA ALA D 360 10.58 -10.56 -42.93
C ALA D 360 11.03 -11.25 -41.65
N ILE D 361 11.52 -10.46 -40.71
CA ILE D 361 12.06 -11.00 -39.46
C ILE D 361 10.99 -11.13 -38.38
N HIS D 362 10.00 -10.24 -38.38
CA HIS D 362 8.96 -10.29 -37.35
C HIS D 362 7.98 -11.45 -37.54
N MET D 363 7.83 -11.94 -38.77
CA MET D 363 6.88 -13.04 -38.98
C MET D 363 7.52 -14.41 -38.77
N LEU D 364 8.75 -14.39 -38.27
CA LEU D 364 9.46 -15.61 -37.88
C LEU D 364 9.04 -16.01 -36.49
N GLN D 365 9.38 -17.22 -36.08
CA GLN D 365 9.13 -17.66 -34.73
C GLN D 365 10.26 -17.22 -33.78
N GLY D 366 9.88 -16.51 -32.72
CA GLY D 366 10.85 -16.02 -31.76
C GLY D 366 10.44 -14.69 -31.15
N THR D 367 11.33 -14.09 -30.35
CA THR D 367 11.08 -12.79 -29.74
C THR D 367 11.83 -11.72 -30.50
N PRO D 368 11.10 -10.73 -31.05
CA PRO D 368 11.79 -9.73 -31.87
C PRO D 368 12.44 -8.62 -31.06
N TYR D 369 13.51 -8.07 -31.58
CA TYR D 369 14.22 -6.96 -30.95
C TYR D 369 14.33 -5.84 -31.98
N ILE D 370 14.00 -4.63 -31.56
CA ILE D 370 14.12 -3.47 -32.43
C ILE D 370 15.22 -2.59 -31.85
N TYR D 371 16.16 -2.15 -32.68
CA TYR D 371 17.26 -1.33 -32.20
C TYR D 371 16.88 0.13 -32.35
N GLN D 372 17.27 0.98 -31.41
CA GLN D 372 16.85 2.38 -31.45
C GLN D 372 17.04 3.02 -32.83
N GLY D 373 15.98 3.61 -33.35
CA GLY D 373 16.08 4.30 -34.63
C GLY D 373 15.78 3.42 -35.82
N GLU D 374 15.79 2.11 -35.60
CA GLU D 374 15.38 1.16 -36.63
C GLU D 374 13.96 1.47 -37.11
N GLU D 375 13.09 1.83 -36.16
CA GLU D 375 11.67 2.03 -36.44
C GLU D 375 11.42 3.29 -37.25
N LEU D 376 12.46 4.11 -37.38
CA LEU D 376 12.37 5.33 -38.15
C LEU D 376 13.04 5.13 -39.52
N GLY D 377 13.60 3.94 -39.74
CA GLY D 377 14.38 3.71 -40.93
C GLY D 377 15.62 4.60 -41.00
N MET D 378 16.28 4.80 -39.86
CA MET D 378 17.55 5.51 -39.85
C MET D 378 18.56 4.74 -40.70
N THR D 379 19.43 5.47 -41.40
CA THR D 379 20.40 4.84 -42.30
C THR D 379 21.81 4.89 -41.69
N ASN D 380 22.77 4.24 -42.33
CA ASN D 380 24.15 4.50 -41.98
C ASN D 380 24.39 5.97 -42.31
N PRO D 381 25.26 6.63 -41.55
CA PRO D 381 25.42 8.09 -41.69
C PRO D 381 26.21 8.54 -42.93
N LYS D 382 26.97 7.64 -43.55
CA LYS D 382 27.78 7.99 -44.73
C LYS D 382 28.81 9.10 -44.44
N PHE D 383 29.48 9.02 -43.30
CA PHE D 383 30.54 9.98 -42.97
C PHE D 383 31.68 9.92 -43.99
N ASP D 384 32.04 11.07 -44.56
CA ASP D 384 32.99 11.12 -45.68
C ASP D 384 34.44 11.50 -45.30
N ASP D 385 34.65 11.84 -44.02
CA ASP D 385 35.98 12.22 -43.52
C ASP D 385 36.27 11.52 -42.18
N ILE D 386 37.52 11.12 -41.97
CA ILE D 386 37.91 10.39 -40.76
C ILE D 386 37.67 11.19 -39.46
N SER D 387 37.67 12.51 -39.56
CA SER D 387 37.47 13.35 -38.37
C SER D 387 36.06 13.15 -37.78
N LEU D 388 35.19 12.52 -38.56
CA LEU D 388 33.80 12.31 -38.15
C LEU D 388 33.62 11.02 -37.36
N TYR D 389 34.60 10.13 -37.48
CA TYR D 389 34.51 8.83 -36.82
C TYR D 389 35.05 8.89 -35.38
N ARG D 390 34.78 7.82 -34.63
CA ARG D 390 35.10 7.80 -33.21
C ARG D 390 35.67 6.45 -32.77
N ASP D 391 35.12 5.36 -33.27
CA ASP D 391 35.56 4.03 -32.86
C ASP D 391 37.05 3.85 -33.19
N VAL D 392 37.83 3.43 -32.20
CA VAL D 392 39.28 3.33 -32.38
C VAL D 392 39.66 2.32 -33.48
N GLU D 393 38.92 1.22 -33.55
CA GLU D 393 39.12 0.23 -34.62
C GLU D 393 39.02 0.89 -36.00
N SER D 394 37.99 1.70 -36.21
CA SER D 394 37.84 2.42 -37.47
C SER D 394 39.00 3.37 -37.70
N LEU D 395 39.43 4.07 -36.65
CA LEU D 395 40.56 5.00 -36.76
C LEU D 395 41.83 4.26 -37.18
N ASN D 396 42.11 3.15 -36.52
CA ASN D 396 43.28 2.33 -36.84
C ASN D 396 43.22 1.77 -38.27
N MET D 397 42.02 1.37 -38.69
CA MET D 397 41.80 0.85 -40.03
C MET D 397 42.16 1.89 -41.06
N TYR D 398 41.64 3.10 -40.88
CA TYR D 398 41.96 4.20 -41.77
C TYR D 398 43.46 4.41 -41.88
N ARG D 399 44.14 4.43 -40.73
CA ARG D 399 45.57 4.70 -40.69
C ARG D 399 46.36 3.68 -41.50
N ILE D 400 46.21 2.42 -41.13
CA ILE D 400 46.97 1.32 -41.70
C ILE D 400 46.74 1.17 -43.21
N LEU D 401 45.50 1.30 -43.67
CA LEU D 401 45.21 1.24 -45.10
C LEU D 401 45.79 2.43 -45.86
N LYS D 402 45.74 3.62 -45.26
CA LYS D 402 46.23 4.81 -45.94
C LYS D 402 47.76 4.76 -46.04
N GLU D 403 48.37 4.08 -45.08
CA GLU D 403 49.81 3.81 -45.13
C GLU D 403 50.11 2.95 -46.34
N ALA D 404 49.23 1.98 -46.60
CA ALA D 404 49.46 0.97 -47.62
C ALA D 404 49.19 1.48 -49.04
N GLY D 405 48.77 2.72 -49.17
CA GLY D 405 48.58 3.31 -50.50
C GLY D 405 47.13 3.30 -50.99
N LYS D 406 46.24 2.69 -50.21
CA LYS D 406 44.82 2.68 -50.55
C LYS D 406 44.26 4.09 -50.66
N PRO D 407 43.66 4.43 -51.82
CA PRO D 407 43.16 5.80 -51.99
C PRO D 407 42.03 6.18 -51.03
N GLU D 408 41.98 7.47 -50.70
CA GLU D 408 41.03 8.05 -49.74
C GLU D 408 39.58 7.59 -49.99
N ALA D 409 39.16 7.60 -51.25
CA ALA D 409 37.81 7.22 -51.60
C ALA D 409 37.51 5.79 -51.20
N GLU D 410 38.45 4.89 -51.45
CA GLU D 410 38.23 3.48 -51.16
C GLU D 410 38.16 3.19 -49.66
N ILE D 411 38.99 3.88 -48.89
CA ILE D 411 39.02 3.64 -47.45
C ILE D 411 37.73 4.16 -46.82
N ILE D 412 37.29 5.33 -47.27
CA ILE D 412 36.05 5.93 -46.79
C ILE D 412 34.86 5.03 -47.12
N GLU D 413 34.84 4.49 -48.34
CA GLU D 413 33.77 3.56 -48.73
C GLU D 413 33.73 2.32 -47.84
N ILE D 414 34.88 1.86 -47.38
CA ILE D 414 34.89 0.74 -46.47
C ILE D 414 34.31 1.14 -45.11
N LEU D 415 34.75 2.28 -44.58
CA LEU D 415 34.22 2.75 -43.29
C LEU D 415 32.72 3.02 -43.37
N LYS D 416 32.26 3.57 -44.49
CA LYS D 416 30.84 3.88 -44.68
C LYS D 416 29.97 2.63 -44.61
N ALA D 417 30.53 1.50 -45.01
CA ALA D 417 29.79 0.24 -44.97
C ALA D 417 30.03 -0.55 -43.69
N LYS D 418 31.15 -0.32 -43.03
CA LYS D 418 31.57 -1.26 -41.99
C LYS D 418 31.89 -0.70 -40.61
N SER D 419 32.04 0.61 -40.48
CA SER D 419 32.46 1.17 -39.19
C SER D 419 31.45 0.83 -38.10
N ARG D 420 31.94 0.51 -36.91
CA ARG D 420 31.05 0.26 -35.77
C ARG D 420 30.37 1.53 -35.26
N ASP D 421 30.79 2.69 -35.76
CA ASP D 421 30.12 3.95 -35.40
C ASP D 421 28.78 4.10 -36.10
N ASN D 422 28.58 3.35 -37.17
CA ASN D 422 27.47 3.62 -38.06
C ASN D 422 26.07 3.51 -37.43
N SER D 423 25.88 2.58 -36.49
CA SER D 423 24.59 2.50 -35.79
C SER D 423 24.60 3.21 -34.44
N ARG D 424 25.60 4.07 -34.22
CA ARG D 424 25.77 4.73 -32.92
C ARG D 424 25.60 6.25 -33.01
N THR D 425 25.19 6.75 -34.16
CA THR D 425 24.90 8.17 -34.26
C THR D 425 23.59 8.42 -33.50
N PRO D 426 23.37 9.67 -33.04
CA PRO D 426 22.23 9.94 -32.14
C PRO D 426 20.85 9.67 -32.76
N VAL D 427 19.94 9.10 -31.97
CA VAL D 427 18.57 8.89 -32.44
C VAL D 427 18.00 10.23 -32.88
N GLN D 428 17.32 10.21 -34.03
CA GLN D 428 16.85 11.46 -34.63
C GLN D 428 15.39 11.77 -34.25
N TRP D 429 15.24 12.65 -33.26
CA TRP D 429 13.93 12.91 -32.64
C TRP D 429 13.05 13.90 -33.41
N ASN D 430 13.66 14.96 -33.94
CA ASN D 430 12.90 16.00 -34.65
C ASN D 430 13.76 16.79 -35.65
N GLY D 431 13.22 17.87 -36.19
CA GLY D 431 13.94 18.69 -37.15
C GLY D 431 14.72 19.85 -36.55
N GLU D 432 14.86 19.86 -35.23
CA GLU D 432 15.60 20.93 -34.55
C GLU D 432 17.09 20.65 -34.65
N GLU D 433 17.90 21.52 -34.06
CA GLU D 433 19.36 21.36 -34.09
C GLU D 433 19.75 19.98 -33.54
N ASN D 434 20.66 19.31 -34.23
CA ASN D 434 21.10 17.97 -33.85
C ASN D 434 19.96 16.97 -33.63
N ALA D 435 18.93 17.12 -34.46
CA ALA D 435 17.75 16.27 -34.43
C ALA D 435 17.06 16.21 -33.07
N GLY D 436 17.28 17.23 -32.24
CA GLY D 436 16.70 17.27 -30.91
C GLY D 436 17.31 16.26 -29.96
N PHE D 437 18.47 15.70 -30.31
CA PHE D 437 19.13 14.74 -29.43
C PHE D 437 19.77 15.44 -28.23
N THR D 438 20.29 16.64 -28.46
CA THR D 438 20.96 17.38 -27.42
C THR D 438 20.95 18.88 -27.67
N ALA D 439 21.13 19.66 -26.61
CA ALA D 439 21.23 21.11 -26.72
C ALA D 439 22.68 21.54 -26.91
N GLY D 440 23.61 20.68 -26.53
CA GLY D 440 25.03 20.95 -26.72
C GLY D 440 25.50 20.36 -28.05
N THR D 441 26.70 19.79 -28.05
CA THR D 441 27.27 19.17 -29.25
C THR D 441 27.43 17.65 -29.04
N PRO D 442 26.81 16.85 -29.91
CA PRO D 442 26.77 15.39 -29.74
C PRO D 442 28.16 14.77 -29.74
N TRP D 443 28.35 13.68 -28.99
CA TRP D 443 29.65 13.03 -28.92
C TRP D 443 30.08 12.44 -30.27
N ILE D 444 29.11 12.19 -31.14
CA ILE D 444 29.34 11.71 -32.52
C ILE D 444 28.31 12.43 -33.40
N PRO D 445 28.68 12.81 -34.64
CA PRO D 445 27.75 13.71 -35.36
C PRO D 445 26.43 13.09 -35.79
N VAL D 446 25.46 13.96 -36.08
CA VAL D 446 24.18 13.60 -36.67
C VAL D 446 24.27 13.92 -38.17
N PRO D 447 24.01 12.92 -39.04
CA PRO D 447 24.02 13.19 -40.49
C PRO D 447 22.89 14.13 -40.88
N ASP D 448 23.04 14.84 -42.01
CA ASP D 448 22.06 15.85 -42.39
C ASP D 448 20.69 15.29 -42.75
N ASN D 449 20.58 13.98 -42.94
CA ASN D 449 19.29 13.42 -43.33
C ASN D 449 18.21 13.50 -42.23
N TYR D 450 18.60 13.95 -41.03
CA TYR D 450 17.64 14.04 -39.91
C TYR D 450 16.47 14.97 -40.23
N LYS D 451 16.71 15.88 -41.16
CA LYS D 451 15.68 16.83 -41.56
C LYS D 451 14.53 16.09 -42.23
N GLU D 452 14.80 14.92 -42.82
CA GLU D 452 13.72 14.13 -43.41
C GLU D 452 13.44 12.85 -42.64
N ILE D 453 14.43 12.38 -41.88
CA ILE D 453 14.31 11.13 -41.12
C ILE D 453 14.33 11.42 -39.61
N ASN D 454 13.15 11.59 -39.01
CA ASN D 454 13.06 11.81 -37.56
C ASN D 454 11.73 11.35 -36.97
N ALA D 455 11.69 11.21 -35.64
CA ALA D 455 10.51 10.65 -34.97
C ALA D 455 9.26 11.54 -35.10
N GLU D 456 9.42 12.85 -34.93
CA GLU D 456 8.27 13.76 -35.03
C GLU D 456 7.62 13.67 -36.40
N GLU D 457 8.46 13.72 -37.43
CA GLU D 457 8.00 13.50 -38.80
C GLU D 457 7.32 12.14 -38.92
N ALA D 458 7.95 11.07 -38.41
CA ALA D 458 7.35 9.74 -38.59
C ALA D 458 6.00 9.60 -37.87
N LEU D 459 5.89 10.18 -36.68
CA LEU D 459 4.65 10.06 -35.90
C LEU D 459 3.45 10.79 -36.52
N ASN D 460 3.71 11.75 -37.40
CA ASN D 460 2.62 12.47 -38.06
C ASN D 460 2.35 11.91 -39.46
N ASP D 461 3.00 10.80 -39.79
CA ASP D 461 2.79 10.15 -41.09
C ASP D 461 2.16 8.78 -40.91
N PRO D 462 0.90 8.61 -41.33
CA PRO D 462 0.20 7.33 -41.11
C PRO D 462 0.90 6.18 -41.80
N ASP D 463 1.64 6.49 -42.86
CA ASP D 463 2.28 5.48 -43.71
C ASP D 463 3.76 5.29 -43.32
N SER D 464 4.14 5.80 -42.15
CA SER D 464 5.54 5.80 -41.73
C SER D 464 6.04 4.40 -41.43
N ILE D 465 7.35 4.27 -41.35
CA ILE D 465 7.95 3.00 -40.96
C ILE D 465 7.56 2.74 -39.51
N PHE D 466 7.51 3.80 -38.73
CA PHE D 466 7.15 3.67 -37.30
C PHE D 466 5.84 2.95 -37.08
N TYR D 467 4.79 3.37 -37.78
CA TYR D 467 3.49 2.75 -37.57
C TYR D 467 3.42 1.34 -38.19
N HIS D 468 4.31 1.05 -39.13
CA HIS D 468 4.38 -0.31 -39.67
C HIS D 468 4.94 -1.21 -38.57
N TYR D 469 6.01 -0.76 -37.91
CA TYR D 469 6.54 -1.51 -36.77
C TYR D 469 5.50 -1.62 -35.66
N LYS D 470 4.79 -0.54 -35.38
CA LYS D 470 3.76 -0.60 -34.32
C LYS D 470 2.78 -1.71 -34.63
N LYS D 471 2.38 -1.79 -35.89
CA LYS D 471 1.40 -2.79 -36.29
C LYS D 471 1.96 -4.21 -36.17
N LEU D 472 3.20 -4.42 -36.60
CA LEU D 472 3.85 -5.73 -36.43
C LEU D 472 3.87 -6.13 -34.96
N ASN D 473 4.24 -5.18 -34.13
CA ASN D 473 4.33 -5.40 -32.70
C ASN D 473 3.00 -5.81 -32.09
N GLU D 474 1.92 -5.18 -32.52
CA GLU D 474 0.59 -5.53 -31.97
C GLU D 474 0.05 -6.83 -32.54
N LEU D 475 0.39 -7.12 -33.79
CA LEU D 475 -0.05 -8.37 -34.42
C LEU D 475 0.45 -9.58 -33.62
N ARG D 476 1.67 -9.46 -33.10
CA ARG D 476 2.26 -10.51 -32.27
C ARG D 476 1.41 -10.77 -31.02
N LYS D 477 0.67 -9.77 -30.56
CA LYS D 477 -0.22 -9.95 -29.41
C LYS D 477 -1.59 -10.47 -29.84
N GLU D 478 -1.98 -10.13 -31.07
CA GLU D 478 -3.31 -10.43 -31.59
C GLU D 478 -3.46 -11.80 -32.23
N PHE D 479 -2.45 -12.24 -32.96
CA PHE D 479 -2.58 -13.50 -33.69
C PHE D 479 -1.60 -14.53 -33.14
N ASP D 480 -2.15 -15.52 -32.44
CA ASP D 480 -1.34 -16.51 -31.75
C ASP D 480 -0.44 -17.28 -32.68
N ILE D 481 -0.84 -17.39 -33.95
CA ILE D 481 -0.09 -18.20 -34.91
C ILE D 481 1.33 -17.70 -35.14
N ILE D 482 1.53 -16.41 -34.97
CA ILE D 482 2.87 -15.81 -35.06
C ILE D 482 3.84 -16.41 -34.05
N THR D 483 3.30 -16.86 -32.94
CA THR D 483 4.07 -17.50 -31.87
C THR D 483 4.09 -19.01 -32.02
N THR D 484 2.97 -19.62 -32.36
CA THR D 484 2.88 -21.09 -32.33
C THR D 484 3.05 -21.83 -33.66
N GLY D 485 2.79 -21.18 -34.79
CA GLY D 485 2.87 -21.82 -36.09
C GLY D 485 4.28 -22.30 -36.41
N ASP D 486 4.42 -23.44 -37.08
CA ASP D 486 5.76 -23.86 -37.46
C ASP D 486 6.33 -22.91 -38.52
N TYR D 487 7.49 -23.23 -39.06
CA TYR D 487 8.06 -22.43 -40.13
C TYR D 487 8.32 -23.32 -41.33
N GLN D 488 7.95 -22.84 -42.52
CA GLN D 488 8.20 -23.59 -43.74
C GLN D 488 8.68 -22.69 -44.87
N LEU D 489 9.94 -22.83 -45.25
CA LEU D 489 10.47 -22.05 -46.37
C LEU D 489 9.91 -22.57 -47.70
N ILE D 490 9.62 -21.65 -48.62
CA ILE D 490 9.27 -21.98 -50.00
C ILE D 490 10.17 -21.10 -50.87
N LEU D 491 10.23 -21.42 -52.17
CA LEU D 491 11.04 -20.65 -53.11
C LEU D 491 12.48 -20.45 -52.63
N GLU D 492 13.06 -21.51 -52.08
CA GLU D 492 14.42 -21.45 -51.54
C GLU D 492 15.44 -20.89 -52.54
N ASP D 493 15.35 -21.34 -53.79
CA ASP D 493 16.34 -20.97 -54.80
C ASP D 493 16.07 -19.60 -55.40
N ASP D 494 14.94 -19.00 -55.05
CA ASP D 494 14.58 -17.71 -55.65
C ASP D 494 15.60 -16.62 -55.24
N GLN D 495 16.10 -15.90 -56.22
CA GLN D 495 17.19 -14.97 -55.95
C GLN D 495 16.74 -13.57 -55.64
N GLU D 496 15.42 -13.39 -55.53
CA GLU D 496 14.84 -12.11 -55.18
C GLU D 496 13.81 -12.21 -54.05
N LEU D 497 13.01 -13.27 -54.07
CA LEU D 497 11.94 -13.42 -53.10
C LEU D 497 12.35 -14.24 -51.89
N TYR D 498 12.03 -13.72 -50.72
CA TYR D 498 12.07 -14.50 -49.50
C TYR D 498 10.62 -14.76 -49.13
N ALA D 499 10.20 -16.02 -49.25
CA ALA D 499 8.82 -16.38 -48.94
C ALA D 499 8.76 -17.60 -48.06
N TYR D 500 7.82 -17.59 -47.13
CA TYR D 500 7.65 -18.71 -46.24
C TYR D 500 6.26 -18.78 -45.63
N LEU D 501 5.96 -19.90 -45.00
CA LEU D 501 4.67 -20.16 -44.39
C LEU D 501 4.86 -20.35 -42.89
N ARG D 502 3.88 -19.91 -42.11
CA ARG D 502 3.78 -20.34 -40.72
C ARG D 502 2.55 -21.23 -40.67
N ASN D 503 2.75 -22.52 -40.43
CA ASN D 503 1.62 -23.46 -40.41
C ASN D 503 1.06 -23.69 -39.03
N GLY D 504 -0.24 -23.49 -38.90
CA GLY D 504 -0.93 -23.73 -37.64
C GLY D 504 -2.06 -24.74 -37.85
N ALA D 505 -3.02 -24.74 -36.94
CA ALA D 505 -4.16 -25.65 -37.04
C ALA D 505 -5.27 -25.01 -37.88
N ASP D 506 -5.40 -25.47 -39.13
CA ASP D 506 -6.39 -24.91 -40.06
C ASP D 506 -6.21 -23.40 -40.26
N GLU D 507 -4.99 -22.95 -40.07
CA GLU D 507 -4.64 -21.54 -40.16
C GLU D 507 -3.19 -21.46 -40.61
N LYS D 508 -2.89 -20.49 -41.47
CA LYS D 508 -1.53 -20.29 -41.93
C LYS D 508 -1.23 -18.81 -42.13
N LEU D 509 0.04 -18.47 -42.11
CA LEU D 509 0.49 -17.20 -42.64
C LEU D 509 1.32 -17.52 -43.87
N LEU D 510 1.16 -16.72 -44.91
CA LEU D 510 2.01 -16.79 -46.08
C LEU D 510 2.71 -15.44 -46.12
N VAL D 511 4.03 -15.45 -46.00
CA VAL D 511 4.83 -14.23 -45.96
C VAL D 511 5.62 -14.10 -47.25
N ILE D 512 5.51 -12.95 -47.89
CA ILE D 512 6.13 -12.75 -49.19
C ILE D 512 6.92 -11.46 -49.22
N ASN D 513 8.24 -11.57 -49.29
CA ASN D 513 9.09 -10.38 -49.30
C ASN D 513 9.99 -10.34 -50.50
N ASN D 514 9.98 -9.21 -51.19
CA ASN D 514 10.94 -8.98 -52.24
C ASN D 514 12.17 -8.23 -51.69
N PHE D 515 13.33 -8.88 -51.67
CA PHE D 515 14.53 -8.27 -51.10
C PHE D 515 15.27 -7.34 -52.06
N TYR D 516 14.71 -7.12 -53.25
CA TYR D 516 15.36 -6.27 -54.25
C TYR D 516 14.39 -5.32 -54.92
N GLY D 517 14.90 -4.37 -55.70
CA GLY D 517 14.06 -3.33 -56.31
C GLY D 517 13.58 -3.60 -57.73
N LYS D 518 13.23 -4.84 -58.04
CA LYS D 518 12.75 -5.20 -59.37
C LYS D 518 11.49 -6.05 -59.29
N GLU D 519 10.68 -6.01 -60.35
CA GLU D 519 9.53 -6.90 -60.48
C GLU D 519 9.95 -8.35 -60.54
N THR D 520 9.18 -9.22 -59.90
CA THR D 520 9.39 -10.66 -60.00
C THR D 520 8.05 -11.34 -59.85
N GLU D 521 7.95 -12.54 -60.40
CA GLU D 521 6.74 -13.33 -60.32
C GLU D 521 6.72 -14.19 -59.08
N PHE D 522 5.63 -14.13 -58.33
CA PHE D 522 5.41 -15.11 -57.27
C PHE D 522 4.38 -16.13 -57.75
N GLN D 523 4.64 -17.40 -57.46
CA GLN D 523 3.68 -18.47 -57.70
C GLN D 523 3.75 -19.45 -56.55
N LEU D 524 2.65 -19.62 -55.83
CA LEU D 524 2.63 -20.57 -54.72
C LEU D 524 2.87 -21.99 -55.24
N PRO D 525 3.77 -22.73 -54.58
CA PRO D 525 4.09 -24.10 -55.02
C PRO D 525 2.89 -25.04 -54.94
N ASP D 526 2.90 -26.09 -55.76
CA ASP D 526 1.79 -27.04 -55.80
C ASP D 526 1.75 -27.88 -54.53
N ASP D 527 2.91 -28.07 -53.91
CA ASP D 527 3.00 -28.88 -52.68
C ASP D 527 2.52 -28.12 -51.43
N ILE D 528 1.89 -26.97 -51.63
CA ILE D 528 1.25 -26.24 -50.53
C ILE D 528 -0.25 -26.48 -50.59
N ASP D 529 -0.81 -27.18 -49.61
CA ASP D 529 -2.25 -27.41 -49.55
C ASP D 529 -2.97 -26.23 -48.89
N ILE D 530 -3.53 -25.34 -49.70
CA ILE D 530 -4.37 -24.26 -49.18
C ILE D 530 -5.81 -24.38 -49.67
N GLU D 531 -6.20 -25.61 -50.01
CA GLU D 531 -7.56 -25.86 -50.49
C GLU D 531 -8.54 -25.78 -49.33
N GLY D 532 -9.55 -24.93 -49.47
CA GLY D 532 -10.52 -24.73 -48.41
C GLY D 532 -10.18 -23.51 -47.58
N TYR D 533 -9.04 -22.89 -47.87
CA TYR D 533 -8.58 -21.71 -47.13
C TYR D 533 -8.98 -20.40 -47.80
N ASP D 534 -9.50 -19.49 -46.99
CA ASP D 534 -9.74 -18.12 -47.43
C ASP D 534 -8.56 -17.24 -47.02
N ALA D 535 -8.26 -16.22 -47.83
CA ALA D 535 -7.12 -15.34 -47.60
C ALA D 535 -7.52 -13.90 -47.27
N LYS D 536 -6.83 -13.31 -46.30
CA LYS D 536 -6.93 -11.88 -46.04
C LYS D 536 -5.54 -11.31 -45.79
N VAL D 537 -5.36 -10.05 -46.18
CA VAL D 537 -4.09 -9.38 -45.96
C VAL D 537 -3.94 -9.08 -44.47
N LEU D 538 -2.90 -9.63 -43.84
CA LEU D 538 -2.61 -9.34 -42.44
C LEU D 538 -1.83 -8.03 -42.33
N ILE D 539 -0.84 -7.87 -43.21
CA ILE D 539 -0.07 -6.62 -43.28
C ILE D 539 0.67 -6.55 -44.61
N SER D 540 0.84 -5.33 -45.13
CA SER D 540 1.48 -5.12 -46.42
C SER D 540 2.15 -3.75 -46.39
N ASN D 541 3.19 -3.57 -47.18
CA ASN D 541 3.82 -2.26 -47.27
C ASN D 541 3.44 -1.54 -48.57
N ASP D 542 2.36 -2.02 -49.20
CA ASP D 542 1.99 -1.59 -50.55
C ASP D 542 0.46 -1.71 -50.70
N THR D 543 -0.19 -0.61 -51.07
CA THR D 543 -1.65 -0.63 -51.22
C THR D 543 -2.07 -1.41 -52.45
N ASP D 544 -1.23 -1.43 -53.47
CA ASP D 544 -1.54 -2.19 -54.67
C ASP D 544 -1.45 -3.69 -54.40
N LEU D 545 -2.57 -4.23 -53.93
CA LEU D 545 -2.68 -5.65 -53.58
C LEU D 545 -2.99 -6.51 -54.82
N PRO D 546 -2.49 -7.74 -54.82
CA PRO D 546 -2.71 -8.69 -55.93
C PRO D 546 -4.15 -9.17 -55.98
N GLU D 547 -4.62 -9.59 -57.15
CA GLU D 547 -5.96 -10.12 -57.29
C GLU D 547 -6.03 -11.50 -56.68
N SER D 548 -4.94 -12.25 -56.80
CA SER D 548 -4.85 -13.57 -56.21
C SER D 548 -3.47 -13.81 -55.61
N PHE D 549 -3.43 -14.12 -54.32
CA PHE D 549 -2.17 -14.42 -53.63
C PHE D 549 -1.43 -15.62 -54.23
N LYS D 550 -2.14 -16.45 -54.99
CA LYS D 550 -1.57 -17.69 -55.51
C LYS D 550 -0.51 -17.45 -56.57
N ARG D 551 -0.67 -16.36 -57.31
CA ARG D 551 0.19 -16.09 -58.44
C ARG D 551 0.04 -14.62 -58.78
N PHE D 552 1.12 -13.87 -58.68
CA PHE D 552 1.05 -12.44 -58.98
C PHE D 552 2.42 -11.85 -59.23
N THR D 553 2.46 -10.64 -59.76
CA THR D 553 3.72 -9.98 -60.01
C THR D 553 4.13 -9.13 -58.80
N VAL D 554 5.20 -9.54 -58.14
CA VAL D 554 5.69 -8.83 -56.95
C VAL D 554 6.42 -7.54 -57.36
N LYS D 555 6.04 -6.42 -56.77
CA LYS D 555 6.64 -5.12 -57.09
C LYS D 555 7.95 -4.91 -56.31
N PRO D 556 8.72 -3.86 -56.66
CA PRO D 556 10.00 -3.65 -55.96
C PRO D 556 9.85 -3.53 -54.44
N TYR D 557 10.58 -4.35 -53.69
CA TYR D 557 10.57 -4.28 -52.22
C TYR D 557 9.18 -4.46 -51.64
N GLN D 558 8.30 -5.12 -52.38
CA GLN D 558 6.96 -5.40 -51.87
C GLN D 558 7.01 -6.45 -50.78
N SER D 559 6.20 -6.26 -49.76
CA SER D 559 6.15 -7.17 -48.63
C SER D 559 4.70 -7.39 -48.29
N ILE D 560 4.25 -8.64 -48.30
CA ILE D 560 2.85 -8.88 -47.95
C ILE D 560 2.71 -10.15 -47.15
N VAL D 561 1.90 -10.09 -46.10
CA VAL D 561 1.60 -11.26 -45.30
C VAL D 561 0.12 -11.53 -45.45
N TYR D 562 -0.20 -12.77 -45.82
CA TYR D 562 -1.58 -13.21 -45.91
C TYR D 562 -1.94 -14.07 -44.73
N HIS D 563 -3.11 -13.81 -44.16
CA HIS D 563 -3.66 -14.70 -43.14
C HIS D 563 -4.64 -15.63 -43.86
N LEU D 564 -4.38 -16.93 -43.73
CA LEU D 564 -5.19 -17.96 -44.38
C LEU D 564 -5.91 -18.75 -43.30
N ALA D 565 -7.22 -18.91 -43.45
CA ALA D 565 -7.99 -19.70 -42.48
C ALA D 565 -9.16 -20.43 -43.14
N LYS D 566 -9.64 -21.47 -42.48
CA LYS D 566 -10.80 -22.21 -42.95
C LYS D 566 -11.73 -22.63 -41.82
#